data_5Z21
#
_entry.id   5Z21
#
_cell.length_a   117.230
_cell.length_b   159.740
_cell.length_c   90.000
_cell.angle_alpha   90.00
_cell.angle_beta   90.00
_cell.angle_gamma   90.00
#
_symmetry.space_group_name_H-M   'P 21 21 2'
#
loop_
_entity.id
_entity.type
_entity.pdbx_description
1 polymer 'D-lactate dehydrogenase'
2 non-polymer '1,4-DIHYDRONICOTINAMIDE ADENINE DINUCLEOTIDE'
3 non-polymer 'OXAMIC ACID'
4 water water
#
_entity_poly.entity_id   1
_entity_poly.type   'polypeptide(L)'
_entity_poly.pdbx_seq_one_letter_code
;MNHKVHHHHHHIEGRHMELGTLEMQKTKIIFFDIKDYDKEFFKKYGADYNFEMTFLKVRLTEETANLTKGYDVVCGFAND
NINKETIDIMAENGIKLLAMRCAGFNNVSLKDVNERFKVVRVPAYSPHAIAEYTVGLILAVNRKINKAYVRTREGNFSIN
GLMGIDLYEKTAGIIGTGKIGQILIKILRGFDMKVIAYDLFPNQKVADELGFEYVSLDELYANSDIISLNCPLTKDTKYM
INRRSMLKMKDGVILVNTGRGMLIDSADLVEALKDKKIGAVALDVYEEEENYFFEDKSTQVIEDDILGRLLSFYNVLITS
HQAYFTKEAVGAITVTTLNNIKDFVEGRPLVNEVPQNQ
;
_entity_poly.pdbx_strand_id   A,B,C,D
#
loop_
_chem_comp.id
_chem_comp.type
_chem_comp.name
_chem_comp.formula
NAI non-polymer '1,4-DIHYDRONICOTINAMIDE ADENINE DINUCLEOTIDE' 'C21 H29 N7 O14 P2'
OXM non-polymer 'OXAMIC ACID' 'C2 H3 N O3'
#
# COMPACT_ATOMS: atom_id res chain seq x y z
N THR A 27 -30.12 22.79 -29.07
CA THR A 27 -29.96 23.18 -27.64
C THR A 27 -28.51 22.94 -27.22
N LYS A 28 -27.85 23.99 -26.73
CA LYS A 28 -26.42 23.95 -26.47
C LYS A 28 -26.13 23.76 -24.97
N ILE A 29 -25.43 22.66 -24.65
CA ILE A 29 -25.18 22.26 -23.25
C ILE A 29 -23.69 22.31 -22.90
N ILE A 30 -23.39 23.05 -21.84
CA ILE A 30 -22.06 23.11 -21.28
C ILE A 30 -22.01 22.31 -19.98
N PHE A 31 -21.14 21.29 -19.92
CA PHE A 31 -20.96 20.40 -18.76
C PHE A 31 -19.64 20.69 -18.04
N PHE A 32 -19.70 20.89 -16.73
CA PHE A 32 -18.49 21.05 -15.91
C PHE A 32 -18.07 19.80 -15.11
N ASP A 33 -16.81 19.80 -14.69
CA ASP A 33 -16.28 18.77 -13.81
C ASP A 33 -16.42 17.36 -14.36
N ILE A 34 -16.24 17.24 -15.66
CA ILE A 34 -16.50 15.95 -16.31
C ILE A 34 -15.26 15.03 -16.36
N LYS A 35 -15.50 13.74 -16.17
CA LYS A 35 -14.48 12.70 -16.22
C LYS A 35 -14.90 11.78 -17.33
N ASP A 36 -13.99 10.91 -17.76
CA ASP A 36 -14.30 10.07 -18.91
C ASP A 36 -15.51 9.18 -18.74
N TYR A 37 -15.72 8.67 -17.53
CA TYR A 37 -16.90 7.87 -17.31
C TYR A 37 -18.16 8.72 -17.54
N ASP A 38 -18.15 10.00 -17.13
CA ASP A 38 -19.32 10.89 -17.33
C ASP A 38 -19.56 11.13 -18.82
N LYS A 39 -18.49 11.48 -19.53
CA LYS A 39 -18.53 11.80 -20.97
C LYS A 39 -19.05 10.63 -21.79
N GLU A 40 -18.49 9.44 -21.54
CA GLU A 40 -18.92 8.27 -22.30
C GLU A 40 -20.42 8.02 -22.17
N PHE A 41 -20.94 8.14 -20.96
CA PHE A 41 -22.36 7.94 -20.70
C PHE A 41 -23.23 9.00 -21.40
N PHE A 42 -22.80 10.26 -21.30
CA PHE A 42 -23.55 11.36 -21.87
C PHE A 42 -23.49 11.31 -23.41
N LYS A 43 -22.39 10.83 -24.00
CA LYS A 43 -22.33 10.65 -25.47
C LYS A 43 -23.22 9.49 -25.93
N LYS A 44 -23.11 8.35 -25.24
CA LYS A 44 -23.88 7.15 -25.60
C LYS A 44 -25.39 7.43 -25.55
N TYR A 45 -25.86 7.90 -24.40
CA TYR A 45 -27.29 8.17 -24.23
C TYR A 45 -27.78 9.48 -24.89
N GLY A 46 -26.88 10.43 -25.08
CA GLY A 46 -27.23 11.68 -25.73
C GLY A 46 -27.40 11.60 -27.24
N ALA A 47 -26.95 10.48 -27.85
CA ALA A 47 -27.05 10.29 -29.30
C ALA A 47 -28.50 10.38 -29.83
N ASP A 48 -29.47 10.09 -29.00
CA ASP A 48 -30.86 10.16 -29.43
C ASP A 48 -31.45 11.58 -29.29
N TYR A 49 -30.79 12.46 -28.53
CA TYR A 49 -31.34 13.78 -28.19
C TYR A 49 -30.72 14.83 -29.11
N ASN A 50 -31.46 15.89 -29.37
CA ASN A 50 -31.02 16.90 -30.32
C ASN A 50 -30.15 18.01 -29.67
N PHE A 51 -29.05 17.59 -29.05
CA PHE A 51 -28.24 18.50 -28.23
C PHE A 51 -26.84 18.67 -28.80
N GLU A 52 -26.32 19.88 -28.65
CA GLU A 52 -24.87 20.12 -28.74
C GLU A 52 -24.33 20.02 -27.33
N MET A 53 -23.33 19.15 -27.15
CA MET A 53 -22.77 18.86 -25.85
C MET A 53 -21.28 19.19 -25.82
N THR A 54 -20.91 20.12 -24.94
CA THR A 54 -19.54 20.48 -24.72
C THR A 54 -19.12 20.08 -23.29
N PHE A 55 -17.99 19.37 -23.20
CA PHE A 55 -17.49 18.81 -21.94
C PHE A 55 -16.25 19.55 -21.46
N LEU A 56 -16.30 20.04 -20.22
CA LEU A 56 -15.14 20.62 -19.60
C LEU A 56 -14.74 19.83 -18.36
N LYS A 57 -13.43 19.78 -18.14
CA LYS A 57 -12.87 19.11 -16.97
C LYS A 57 -13.02 19.96 -15.73
N VAL A 58 -12.85 21.27 -15.90
CA VAL A 58 -12.78 22.18 -14.76
C VAL A 58 -14.11 22.29 -13.98
N ARG A 59 -14.00 22.50 -12.67
CA ARG A 59 -15.18 22.71 -11.84
C ARG A 59 -15.82 24.05 -12.23
N LEU A 60 -17.12 24.20 -12.01
CA LEU A 60 -17.81 25.48 -12.18
C LEU A 60 -17.69 26.32 -10.93
N THR A 61 -16.94 27.42 -11.05
CA THR A 61 -16.74 28.42 -9.99
C THR A 61 -16.91 29.82 -10.58
N GLU A 62 -16.68 30.86 -9.79
CA GLU A 62 -16.65 32.22 -10.28
C GLU A 62 -15.61 32.42 -11.38
N GLU A 63 -14.46 31.75 -11.24
CA GLU A 63 -13.35 31.92 -12.18
C GLU A 63 -13.67 31.28 -13.54
N THR A 64 -14.59 30.31 -13.57
CA THR A 64 -14.86 29.59 -14.81
C THR A 64 -16.26 29.88 -15.33
N ALA A 65 -17.04 30.62 -14.57
CA ALA A 65 -18.41 30.89 -14.97
C ALA A 65 -18.49 31.57 -16.35
N ASN A 66 -17.49 32.40 -16.68
CA ASN A 66 -17.43 33.07 -17.98
C ASN A 66 -17.49 32.11 -19.16
N LEU A 67 -17.09 30.85 -18.95
CA LEU A 67 -17.10 29.87 -20.04
C LEU A 67 -18.51 29.40 -20.42
N THR A 68 -19.53 29.82 -19.67
CA THR A 68 -20.92 29.51 -20.02
C THR A 68 -21.48 30.35 -21.20
N LYS A 69 -20.69 31.31 -21.69
CA LYS A 69 -21.18 32.31 -22.66
C LYS A 69 -21.51 31.65 -23.98
N GLY A 70 -22.75 31.85 -24.42
CA GLY A 70 -23.23 31.28 -25.68
C GLY A 70 -23.94 29.95 -25.51
N TYR A 71 -24.06 29.44 -24.29
CA TYR A 71 -24.75 28.17 -24.04
C TYR A 71 -26.17 28.39 -23.51
N ASP A 72 -27.05 27.43 -23.78
CA ASP A 72 -28.42 27.51 -23.33
C ASP A 72 -28.53 26.88 -21.95
N VAL A 73 -27.87 25.74 -21.79
CA VAL A 73 -27.94 24.94 -20.56
C VAL A 73 -26.54 24.71 -19.95
N VAL A 74 -26.45 24.86 -18.64
CA VAL A 74 -25.28 24.50 -17.86
C VAL A 74 -25.60 23.24 -17.06
N CYS A 75 -24.75 22.23 -17.17
CA CYS A 75 -24.87 21.02 -16.33
C CYS A 75 -23.76 21.04 -15.27
N GLY A 76 -24.18 21.12 -14.01
CA GLY A 76 -23.27 21.20 -12.87
C GLY A 76 -23.34 19.95 -12.01
N PHE A 77 -22.39 19.82 -11.07
CA PHE A 77 -22.21 18.63 -10.25
C PHE A 77 -21.88 19.06 -8.81
N ALA A 78 -21.70 18.11 -7.90
CA ALA A 78 -21.86 18.36 -6.48
C ALA A 78 -20.84 19.29 -5.89
N ASN A 79 -19.68 19.38 -6.53
CA ASN A 79 -18.58 20.16 -5.98
C ASN A 79 -18.33 21.47 -6.71
N ASP A 80 -19.24 21.84 -7.60
CA ASP A 80 -19.18 23.15 -8.25
C ASP A 80 -19.57 24.24 -7.22
N ASN A 81 -18.90 25.40 -7.28
CA ASN A 81 -19.22 26.54 -6.42
C ASN A 81 -20.18 27.47 -7.13
N ILE A 82 -21.47 27.21 -6.95
CA ILE A 82 -22.51 27.93 -7.67
C ILE A 82 -23.12 28.97 -6.70
N ASN A 83 -22.24 29.88 -6.27
CA ASN A 83 -22.58 31.04 -5.44
C ASN A 83 -23.22 32.20 -6.24
N LYS A 84 -23.47 33.33 -5.61
CA LYS A 84 -24.04 34.50 -6.30
C LYS A 84 -23.23 34.99 -7.52
N GLU A 85 -21.92 35.16 -7.36
CA GLU A 85 -21.05 35.62 -8.46
C GLU A 85 -21.19 34.73 -9.69
N THR A 86 -21.09 33.43 -9.46
CA THR A 86 -21.26 32.42 -10.51
C THR A 86 -22.66 32.53 -11.14
N ILE A 87 -23.68 32.65 -10.30
CA ILE A 87 -25.07 32.77 -10.76
C ILE A 87 -25.33 34.07 -11.55
N ASP A 88 -24.74 35.16 -11.09
CA ASP A 88 -24.89 36.45 -11.76
C ASP A 88 -24.29 36.38 -13.16
N ILE A 89 -23.06 35.89 -13.25
CA ILE A 89 -22.36 35.75 -14.54
C ILE A 89 -23.17 34.84 -15.48
N MET A 90 -23.85 33.86 -14.90
CA MET A 90 -24.60 32.89 -15.71
C MET A 90 -25.87 33.50 -16.27
N ALA A 91 -26.61 34.20 -15.43
CA ALA A 91 -27.84 34.88 -15.87
C ALA A 91 -27.48 35.94 -16.90
N GLU A 92 -26.44 36.72 -16.60
CA GLU A 92 -25.87 37.71 -17.53
C GLU A 92 -25.63 37.12 -18.93
N ASN A 93 -25.09 35.90 -18.99
CA ASN A 93 -24.76 35.22 -20.25
C ASN A 93 -25.99 34.62 -20.93
N GLY A 94 -27.15 34.78 -20.29
CA GLY A 94 -28.43 34.33 -20.82
C GLY A 94 -28.73 32.85 -20.62
N ILE A 95 -28.24 32.27 -19.51
CA ILE A 95 -28.38 30.82 -19.28
C ILE A 95 -29.86 30.57 -18.97
N LYS A 96 -30.45 29.55 -19.61
CA LYS A 96 -31.89 29.27 -19.45
C LYS A 96 -32.13 28.25 -18.35
N LEU A 97 -31.22 27.28 -18.22
CA LEU A 97 -31.42 26.15 -17.30
C LEU A 97 -30.11 25.76 -16.62
N LEU A 98 -30.17 25.54 -15.31
CA LEU A 98 -29.05 24.91 -14.59
C LEU A 98 -29.46 23.50 -14.28
N ALA A 99 -28.77 22.53 -14.89
CA ALA A 99 -29.09 21.12 -14.65
C ALA A 99 -28.01 20.45 -13.79
N MET A 100 -28.41 19.99 -12.61
CA MET A 100 -27.49 19.34 -11.69
C MET A 100 -27.61 17.81 -11.90
N ARG A 101 -26.47 17.20 -12.23
CA ARG A 101 -26.36 15.74 -12.41
C ARG A 101 -26.05 15.05 -11.06
N CYS A 102 -26.83 15.40 -10.05
CA CYS A 102 -26.72 14.89 -8.70
C CYS A 102 -28.01 15.20 -7.92
N ALA A 103 -28.16 14.59 -6.74
CA ALA A 103 -29.34 14.81 -5.88
C ALA A 103 -29.15 16.01 -4.96
N GLY A 104 -27.90 16.33 -4.64
CA GLY A 104 -27.60 17.41 -3.71
C GLY A 104 -27.55 18.75 -4.42
N PHE A 105 -27.98 19.81 -3.73
CA PHE A 105 -27.99 21.14 -4.29
C PHE A 105 -27.55 22.21 -3.26
N ASN A 106 -26.97 21.76 -2.14
CA ASN A 106 -26.48 22.67 -1.11
C ASN A 106 -25.51 23.73 -1.64
N ASN A 107 -24.83 23.40 -2.75
CA ASN A 107 -23.76 24.22 -3.36
C ASN A 107 -24.28 25.24 -4.40
N VAL A 108 -25.61 25.32 -4.57
CA VAL A 108 -26.24 26.36 -5.38
C VAL A 108 -26.95 27.34 -4.42
N SER A 109 -26.57 28.61 -4.47
CA SER A 109 -27.21 29.65 -3.70
C SER A 109 -28.56 30.05 -4.34
N LEU A 110 -29.58 29.25 -4.07
CA LEU A 110 -30.90 29.34 -4.73
C LEU A 110 -31.60 30.70 -4.69
N LYS A 111 -31.49 31.38 -3.54
CA LYS A 111 -32.10 32.72 -3.35
C LYS A 111 -31.58 33.75 -4.38
N ASP A 112 -30.32 33.58 -4.76
CA ASP A 112 -29.65 34.43 -5.70
C ASP A 112 -29.98 34.13 -7.13
N VAL A 113 -30.73 33.08 -7.42
CA VAL A 113 -31.10 32.81 -8.79
C VAL A 113 -32.16 33.84 -9.20
N ASN A 114 -33.23 33.95 -8.44
CA ASN A 114 -34.23 34.97 -8.69
C ASN A 114 -35.11 34.69 -9.91
N GLU A 115 -35.14 33.44 -10.27
CA GLU A 115 -35.94 32.89 -11.36
C GLU A 115 -35.45 33.39 -12.74
N ARG A 116 -34.22 33.87 -12.78
CA ARG A 116 -33.64 34.33 -14.02
C ARG A 116 -33.35 33.12 -14.92
N PHE A 117 -33.22 31.96 -14.29
CA PHE A 117 -33.16 30.66 -14.96
C PHE A 117 -33.73 29.61 -14.01
N LYS A 118 -34.02 28.42 -14.54
CA LYS A 118 -34.53 27.32 -13.73
C LYS A 118 -33.41 26.37 -13.26
N VAL A 119 -33.67 25.68 -12.13
CA VAL A 119 -32.77 24.68 -11.61
C VAL A 119 -33.48 23.33 -11.54
N VAL A 120 -32.86 22.30 -12.15
CA VAL A 120 -33.30 20.90 -12.01
C VAL A 120 -32.17 19.98 -11.47
N ARG A 121 -32.56 18.93 -10.76
CA ARG A 121 -31.61 17.95 -10.21
C ARG A 121 -32.09 16.53 -10.55
N VAL A 122 -31.30 15.51 -10.25
CA VAL A 122 -31.83 14.15 -10.31
C VAL A 122 -31.96 13.62 -8.87
N PRO A 123 -33.18 13.65 -8.32
CA PRO A 123 -33.41 13.35 -6.93
C PRO A 123 -33.35 11.88 -6.49
N ALA A 124 -33.69 10.95 -7.36
CA ALA A 124 -33.87 9.55 -6.92
C ALA A 124 -33.26 8.53 -7.87
N TYR A 125 -32.10 8.86 -8.43
CA TYR A 125 -31.42 7.92 -9.37
C TYR A 125 -31.11 6.55 -8.74
N SER A 126 -30.59 6.54 -7.51
CA SER A 126 -30.43 5.30 -6.75
C SER A 126 -30.09 5.53 -5.29
N PRO A 127 -31.12 5.60 -4.45
CA PRO A 127 -30.88 5.64 -3.00
C PRO A 127 -30.18 4.37 -2.49
N HIS A 128 -30.38 3.25 -3.19
CA HIS A 128 -29.79 1.98 -2.81
C HIS A 128 -28.28 2.01 -2.94
N ALA A 129 -27.77 2.66 -4.00
CA ALA A 129 -26.35 2.79 -4.19
C ALA A 129 -25.62 3.36 -2.96
N ILE A 130 -26.15 4.46 -2.41
CA ILE A 130 -25.56 5.12 -1.27
C ILE A 130 -25.81 4.35 0.00
N ALA A 131 -27.02 3.84 0.19
CA ALA A 131 -27.31 3.10 1.44
C ALA A 131 -26.45 1.85 1.52
N GLU A 132 -26.36 1.13 0.41
CA GLU A 132 -25.55 -0.06 0.35
C GLU A 132 -24.07 0.24 0.62
N TYR A 133 -23.58 1.32 0.02
CA TYR A 133 -22.19 1.68 0.20
C TYR A 133 -21.93 2.03 1.67
N THR A 134 -22.88 2.70 2.29
CA THR A 134 -22.80 3.04 3.70
C THR A 134 -22.61 1.78 4.52
N VAL A 135 -23.35 0.74 4.22
CA VAL A 135 -23.16 -0.52 4.96
C VAL A 135 -21.77 -1.09 4.69
N GLY A 136 -21.33 -0.97 3.46
CA GLY A 136 -20.00 -1.44 3.11
C GLY A 136 -18.91 -0.81 3.94
N LEU A 137 -19.02 0.52 4.07
CA LEU A 137 -18.09 1.31 4.94
C LEU A 137 -18.15 0.87 6.39
N ILE A 138 -19.33 0.76 6.94
CA ILE A 138 -19.45 0.32 8.32
C ILE A 138 -18.65 -0.95 8.60
N LEU A 139 -18.87 -1.97 7.75
CA LEU A 139 -18.25 -3.25 7.94
C LEU A 139 -16.75 -3.22 7.65
N ALA A 140 -16.35 -2.36 6.73
CA ALA A 140 -14.93 -2.23 6.40
C ALA A 140 -14.17 -1.70 7.56
N VAL A 141 -14.71 -0.68 8.25
CA VAL A 141 -13.94 -0.10 9.34
C VAL A 141 -14.05 -0.93 10.61
N ASN A 142 -15.23 -1.52 10.82
CA ASN A 142 -15.46 -2.37 11.96
C ASN A 142 -14.59 -3.57 11.88
N ARG A 143 -14.58 -4.24 10.72
CA ARG A 143 -13.84 -5.50 10.57
C ARG A 143 -12.48 -5.37 9.95
N LYS A 144 -12.09 -4.13 9.73
CA LYS A 144 -10.77 -3.79 9.25
C LYS A 144 -10.46 -4.42 7.89
N ILE A 145 -11.40 -4.43 6.98
CA ILE A 145 -11.21 -5.16 5.74
C ILE A 145 -10.14 -4.46 4.89
N ASN A 146 -10.11 -3.11 4.90
CA ASN A 146 -9.15 -2.39 4.08
C ASN A 146 -7.71 -2.63 4.63
N LYS A 147 -7.59 -2.70 5.95
CA LYS A 147 -6.30 -2.89 6.58
C LYS A 147 -5.84 -4.32 6.33
N ALA A 148 -6.81 -5.24 6.35
CA ALA A 148 -6.50 -6.63 6.11
C ALA A 148 -5.86 -6.79 4.76
N TYR A 149 -6.48 -6.13 3.78
CA TYR A 149 -5.98 -6.22 2.39
C TYR A 149 -4.52 -5.78 2.27
N VAL A 150 -4.21 -4.65 2.87
CA VAL A 150 -2.87 -4.09 2.80
C VAL A 150 -1.87 -5.00 3.49
N ARG A 151 -2.26 -5.63 4.59
CA ARG A 151 -1.38 -6.60 5.19
C ARG A 151 -1.19 -7.85 4.28
N THR A 152 -2.28 -8.46 3.78
CA THR A 152 -2.10 -9.79 3.10
C THR A 152 -1.38 -9.60 1.77
N ARG A 153 -1.62 -8.47 1.12
CA ARG A 153 -0.90 -8.16 -0.09
C ARG A 153 0.63 -8.21 0.12
N GLU A 154 1.14 -7.72 1.25
CA GLU A 154 2.58 -7.83 1.59
C GLU A 154 2.92 -9.20 2.21
N GLY A 155 1.98 -10.13 2.21
CA GLY A 155 2.19 -11.44 2.85
C GLY A 155 2.18 -11.40 4.39
N ASN A 156 1.63 -10.36 4.98
CA ASN A 156 1.37 -10.37 6.44
C ASN A 156 -0.02 -10.90 6.74
N PHE A 157 -0.09 -12.14 7.22
CA PHE A 157 -1.40 -12.81 7.49
C PHE A 157 -1.76 -12.80 8.98
N SER A 158 -1.02 -12.02 9.75
CA SER A 158 -1.35 -11.83 11.15
C SER A 158 -2.64 -11.03 11.21
N ILE A 159 -3.52 -11.40 12.14
CA ILE A 159 -4.79 -10.69 12.27
C ILE A 159 -4.88 -9.91 13.58
N ASN A 160 -3.75 -9.77 14.24
CA ASN A 160 -3.70 -8.99 15.48
C ASN A 160 -4.16 -7.58 15.21
N GLY A 161 -5.03 -7.09 16.08
CA GLY A 161 -5.59 -5.76 15.90
C GLY A 161 -6.73 -5.70 14.93
N LEU A 162 -7.09 -6.79 14.27
CA LEU A 162 -8.21 -6.73 13.32
C LEU A 162 -9.58 -7.22 13.84
N MET A 163 -9.62 -7.55 15.12
CA MET A 163 -10.83 -7.95 15.76
C MET A 163 -11.87 -6.83 15.68
N GLY A 164 -13.09 -7.18 15.27
CA GLY A 164 -14.19 -6.22 15.31
C GLY A 164 -15.28 -6.58 16.28
N ILE A 165 -16.47 -6.02 16.06
CA ILE A 165 -17.63 -6.36 16.87
C ILE A 165 -18.80 -6.85 15.99
N ASP A 166 -19.66 -7.72 16.54
CA ASP A 166 -20.88 -8.13 15.86
C ASP A 166 -21.80 -6.92 15.84
N LEU A 167 -22.41 -6.65 14.69
CA LEU A 167 -23.43 -5.59 14.63
C LEU A 167 -24.73 -6.00 15.26
N TYR A 168 -25.02 -7.29 15.20
CA TYR A 168 -26.16 -7.91 15.85
C TYR A 168 -26.48 -7.40 17.26
N GLU A 169 -27.66 -6.83 17.42
CA GLU A 169 -28.15 -6.33 18.73
C GLU A 169 -27.46 -5.07 19.21
N LYS A 170 -26.60 -4.48 18.39
CA LYS A 170 -26.07 -3.17 18.70
C LYS A 170 -27.06 -2.08 18.28
N THR A 171 -26.80 -0.86 18.66
CA THR A 171 -27.70 0.24 18.26
C THR A 171 -27.12 1.11 17.18
N ALA A 172 -27.79 1.23 16.06
CA ALA A 172 -27.44 2.19 15.04
C ALA A 172 -28.36 3.37 15.10
N GLY A 173 -27.79 4.54 14.95
CA GLY A 173 -28.49 5.79 14.91
C GLY A 173 -28.37 6.54 13.62
N ILE A 174 -29.47 6.65 12.89
CA ILE A 174 -29.49 7.33 11.62
C ILE A 174 -29.93 8.79 11.64
N ILE A 175 -29.10 9.67 11.14
CA ILE A 175 -29.50 11.05 11.10
C ILE A 175 -29.88 11.34 9.68
N GLY A 176 -31.17 11.54 9.45
CA GLY A 176 -31.71 11.82 8.13
C GLY A 176 -32.45 10.62 7.62
N THR A 177 -33.77 10.59 7.84
CA THR A 177 -34.58 9.44 7.44
C THR A 177 -35.29 9.70 6.15
N GLY A 178 -34.51 10.07 5.13
CA GLY A 178 -35.02 10.29 3.79
C GLY A 178 -34.97 9.03 2.93
N LYS A 179 -34.88 9.24 1.60
CA LYS A 179 -34.85 8.14 0.63
C LYS A 179 -33.71 7.20 0.97
N ILE A 180 -32.52 7.75 1.14
CA ILE A 180 -31.35 6.96 1.48
C ILE A 180 -31.42 6.39 2.91
N GLY A 181 -31.60 7.28 3.89
CA GLY A 181 -31.69 6.88 5.30
C GLY A 181 -32.67 5.74 5.58
N GLN A 182 -33.83 5.76 4.91
CA GLN A 182 -34.82 4.69 5.13
C GLN A 182 -34.38 3.31 4.61
N ILE A 183 -33.78 3.28 3.43
CA ILE A 183 -33.23 2.01 2.95
C ILE A 183 -32.08 1.54 3.85
N LEU A 184 -31.24 2.47 4.29
CA LEU A 184 -30.17 2.11 5.20
C LEU A 184 -30.76 1.40 6.44
N ILE A 185 -31.85 1.99 6.98
CA ILE A 185 -32.50 1.49 8.19
C ILE A 185 -33.05 0.10 7.99
N LYS A 186 -33.64 -0.12 6.84
CA LYS A 186 -34.17 -1.42 6.55
C LYS A 186 -33.07 -2.48 6.54
N ILE A 187 -31.97 -2.18 5.89
CA ILE A 187 -30.87 -3.12 5.77
C ILE A 187 -30.34 -3.49 7.14
N LEU A 188 -30.14 -2.46 7.94
CA LEU A 188 -29.57 -2.67 9.28
C LEU A 188 -30.51 -3.45 10.15
N ARG A 189 -31.82 -3.25 9.98
CA ARG A 189 -32.83 -4.02 10.72
C ARG A 189 -32.69 -5.51 10.36
N GLY A 190 -32.27 -5.78 9.11
CA GLY A 190 -32.00 -7.11 8.67
C GLY A 190 -30.81 -7.72 9.38
N PHE A 191 -29.88 -6.86 9.82
CA PHE A 191 -28.77 -7.31 10.67
C PHE A 191 -29.23 -7.59 12.11
N ASP A 192 -30.51 -7.35 12.40
CA ASP A 192 -31.06 -7.34 13.76
C ASP A 192 -30.36 -6.34 14.66
N MET A 193 -30.04 -5.17 14.12
CA MET A 193 -29.61 -4.07 14.94
C MET A 193 -30.83 -3.35 15.45
N LYS A 194 -30.74 -2.77 16.64
CA LYS A 194 -31.78 -1.84 17.07
C LYS A 194 -31.45 -0.53 16.37
N VAL A 195 -32.45 0.13 15.81
CA VAL A 195 -32.26 1.37 15.14
C VAL A 195 -33.03 2.51 15.80
N ILE A 196 -32.33 3.59 16.12
CA ILE A 196 -32.93 4.85 16.47
C ILE A 196 -32.55 5.87 15.40
N ALA A 197 -33.35 6.91 15.24
CA ALA A 197 -33.17 7.88 14.14
C ALA A 197 -33.61 9.29 14.55
N TYR A 198 -33.03 10.31 13.91
CA TYR A 198 -33.46 11.68 14.10
C TYR A 198 -33.71 12.32 12.76
N ASP A 199 -34.84 13.00 12.63
CA ASP A 199 -35.11 13.77 11.44
C ASP A 199 -35.83 15.03 11.84
N LEU A 200 -35.53 16.10 11.10
CA LEU A 200 -36.24 17.37 11.26
C LEU A 200 -37.73 17.19 10.93
N PHE A 201 -38.03 16.24 10.05
CA PHE A 201 -39.38 15.96 9.63
C PHE A 201 -39.66 14.47 9.79
N PRO A 202 -39.79 14.02 11.05
CA PRO A 202 -40.01 12.58 11.27
C PRO A 202 -41.14 12.03 10.47
N ASN A 203 -40.99 10.78 10.02
CA ASN A 203 -42.07 10.07 9.39
C ASN A 203 -42.41 8.84 10.23
N GLN A 204 -43.36 9.00 11.16
CA GLN A 204 -43.71 7.97 12.15
C GLN A 204 -44.23 6.68 11.52
N LYS A 205 -44.90 6.81 10.39
CA LYS A 205 -45.39 5.66 9.69
C LYS A 205 -44.28 4.73 9.22
N VAL A 206 -43.24 5.27 8.60
CA VAL A 206 -42.16 4.40 8.14
C VAL A 206 -41.46 3.75 9.31
N ALA A 207 -41.23 4.50 10.37
CA ALA A 207 -40.68 3.96 11.59
C ALA A 207 -41.45 2.79 12.21
N ASP A 208 -42.74 2.72 12.00
CA ASP A 208 -43.51 1.56 12.41
C ASP A 208 -43.35 0.38 11.45
N GLU A 209 -43.14 0.66 10.18
CA GLU A 209 -43.00 -0.42 9.22
C GLU A 209 -41.64 -1.01 9.29
N LEU A 210 -40.70 -0.12 9.50
CA LEU A 210 -39.31 -0.56 9.53
C LEU A 210 -38.85 -1.11 10.89
N GLY A 211 -39.42 -0.60 11.98
CA GLY A 211 -39.10 -1.10 13.30
C GLY A 211 -38.04 -0.26 13.98
N PHE A 212 -38.16 1.06 13.87
CA PHE A 212 -37.21 1.95 14.52
C PHE A 212 -37.91 3.11 15.23
N GLU A 213 -37.18 3.79 16.09
CA GLU A 213 -37.77 4.79 17.00
C GLU A 213 -37.10 6.14 16.77
N TYR A 214 -37.88 7.18 16.51
CA TYR A 214 -37.33 8.54 16.51
C TYR A 214 -36.98 8.99 17.91
N VAL A 215 -35.85 9.68 18.01
CA VAL A 215 -35.37 10.18 19.26
C VAL A 215 -34.76 11.54 19.01
N SER A 216 -34.42 12.25 20.08
CA SER A 216 -33.69 13.49 19.93
C SER A 216 -32.24 13.18 19.51
N LEU A 217 -31.54 14.19 19.05
CA LEU A 217 -30.16 14.04 18.70
C LEU A 217 -29.39 13.60 19.91
N ASP A 218 -29.70 14.20 21.06
CA ASP A 218 -28.96 13.90 22.26
C ASP A 218 -29.08 12.43 22.66
N GLU A 219 -30.24 11.84 22.42
CA GLU A 219 -30.50 10.43 22.79
C GLU A 219 -29.77 9.53 21.81
N LEU A 220 -29.78 9.92 20.54
CA LEU A 220 -29.04 9.24 19.48
C LEU A 220 -27.56 9.19 19.79
N TYR A 221 -26.98 10.33 20.09
CA TYR A 221 -25.59 10.39 20.46
C TYR A 221 -25.25 9.50 21.67
N ALA A 222 -26.13 9.48 22.68
CA ALA A 222 -25.87 8.73 23.91
C ALA A 222 -26.02 7.21 23.76
N ASN A 223 -26.90 6.75 22.87
CA ASN A 223 -27.17 5.34 22.76
C ASN A 223 -26.69 4.65 21.49
N SER A 224 -26.06 5.38 20.57
CA SER A 224 -25.64 4.75 19.32
C SER A 224 -24.22 4.19 19.35
N ASP A 225 -24.09 2.92 18.97
CA ASP A 225 -22.79 2.23 18.72
C ASP A 225 -22.26 2.55 17.32
N ILE A 226 -23.20 2.72 16.36
CA ILE A 226 -22.91 3.17 15.01
C ILE A 226 -23.79 4.34 14.68
N ILE A 227 -23.23 5.37 14.05
CA ILE A 227 -24.01 6.53 13.63
C ILE A 227 -23.73 6.82 12.18
N SER A 228 -24.79 7.03 11.41
CA SER A 228 -24.64 7.36 9.99
C SER A 228 -25.34 8.70 9.69
N LEU A 229 -24.71 9.51 8.83
CA LEU A 229 -25.28 10.78 8.43
C LEU A 229 -25.85 10.65 7.03
N ASN A 230 -27.16 10.84 6.93
CA ASN A 230 -27.84 10.82 5.65
C ASN A 230 -28.85 11.96 5.39
N CYS A 231 -28.60 13.10 5.98
CA CYS A 231 -29.38 14.30 5.74
C CYS A 231 -28.64 15.26 4.76
N PRO A 232 -29.36 16.21 4.13
CA PRO A 232 -28.70 17.19 3.27
C PRO A 232 -27.90 18.18 4.11
N LEU A 233 -26.93 18.79 3.45
CA LEU A 233 -26.25 19.87 4.04
C LEU A 233 -27.16 21.09 3.91
N THR A 234 -27.60 21.63 5.06
CA THR A 234 -28.33 22.91 5.13
C THR A 234 -27.68 23.83 6.14
N LYS A 235 -28.28 24.98 6.33
CA LYS A 235 -27.93 25.88 7.45
C LYS A 235 -28.03 25.19 8.84
N ASP A 236 -29.00 24.27 9.02
CA ASP A 236 -29.22 23.58 10.29
C ASP A 236 -28.28 22.40 10.52
N THR A 237 -27.78 21.78 9.45
CA THR A 237 -26.92 20.60 9.59
C THR A 237 -25.42 20.90 9.50
N LYS A 238 -25.06 22.10 9.03
CA LYS A 238 -23.68 22.44 8.89
C LYS A 238 -22.97 22.28 10.24
N TYR A 239 -21.92 21.46 10.27
CA TYR A 239 -21.19 21.20 11.49
C TYR A 239 -22.02 20.67 12.67
N MET A 240 -23.11 19.99 12.40
CA MET A 240 -23.83 19.37 13.52
C MET A 240 -22.96 18.39 14.32
N ILE A 241 -22.04 17.71 13.64
CA ILE A 241 -21.06 16.85 14.28
C ILE A 241 -19.82 17.68 14.54
N ASN A 242 -19.63 18.03 15.78
CA ASN A 242 -18.57 18.88 16.21
C ASN A 242 -18.17 18.43 17.62
N ARG A 243 -17.18 19.10 18.20
CA ARG A 243 -16.68 18.73 19.51
C ARG A 243 -17.76 18.44 20.52
N ARG A 244 -18.77 19.28 20.56
CA ARG A 244 -19.81 19.17 21.58
C ARG A 244 -20.70 17.98 21.39
N SER A 245 -21.09 17.70 20.15
CA SER A 245 -21.97 16.56 19.90
C SER A 245 -21.19 15.24 19.99
N MET A 246 -19.91 15.27 19.64
CA MET A 246 -19.13 14.03 19.73
C MET A 246 -18.85 13.67 21.19
N LEU A 247 -18.81 14.68 22.09
CA LEU A 247 -18.62 14.40 23.51
C LEU A 247 -19.79 13.65 24.06
N LYS A 248 -20.93 13.71 23.41
CA LYS A 248 -22.08 12.96 23.88
C LYS A 248 -22.17 11.52 23.36
N MET A 249 -21.36 11.17 22.36
CA MET A 249 -21.37 9.81 21.80
C MET A 249 -20.72 8.81 22.73
N LYS A 250 -21.02 7.54 22.52
CA LYS A 250 -20.33 6.48 23.22
C LYS A 250 -18.90 6.38 22.75
N ASP A 251 -18.00 6.16 23.71
CA ASP A 251 -16.63 5.88 23.41
C ASP A 251 -16.60 4.64 22.51
N GLY A 252 -15.89 4.74 21.41
CA GLY A 252 -15.73 3.61 20.50
C GLY A 252 -16.80 3.62 19.46
N VAL A 253 -17.55 4.71 19.38
CA VAL A 253 -18.57 4.84 18.37
C VAL A 253 -17.97 4.73 16.97
N ILE A 254 -18.71 4.08 16.06
CA ILE A 254 -18.32 3.98 14.66
C ILE A 254 -19.18 4.94 13.89
N LEU A 255 -18.55 5.89 13.23
CA LEU A 255 -19.23 6.96 12.57
C LEU A 255 -18.99 6.84 11.06
N VAL A 256 -20.02 7.05 10.28
CA VAL A 256 -19.88 7.00 8.84
C VAL A 256 -20.65 8.20 8.23
N ASN A 257 -20.04 8.86 7.24
CA ASN A 257 -20.64 9.99 6.58
C ASN A 257 -20.65 9.86 5.06
N THR A 258 -21.79 9.56 4.47
CA THR A 258 -21.93 9.57 3.00
C THR A 258 -22.87 10.70 2.59
N GLY A 259 -23.01 11.69 3.47
CA GLY A 259 -23.88 12.85 3.19
C GLY A 259 -23.13 13.98 2.52
N ARG A 260 -22.69 14.94 3.32
CA ARG A 260 -21.88 16.02 2.82
C ARG A 260 -20.79 16.26 3.85
N GLY A 261 -19.64 16.72 3.38
CA GLY A 261 -18.47 16.86 4.25
C GLY A 261 -18.69 17.92 5.31
N MET A 262 -19.43 18.96 4.97
CA MET A 262 -19.71 20.05 5.87
C MET A 262 -20.59 19.67 7.06
N LEU A 263 -21.14 18.48 7.06
CA LEU A 263 -21.82 17.96 8.24
C LEU A 263 -20.90 17.74 9.41
N ILE A 264 -19.61 17.58 9.17
CA ILE A 264 -18.63 17.38 10.25
C ILE A 264 -17.59 18.52 10.36
N ASP A 265 -17.41 19.06 11.56
CA ASP A 265 -16.27 19.94 11.80
C ASP A 265 -15.06 18.98 11.87
N SER A 266 -14.25 18.99 10.82
CA SER A 266 -13.25 17.99 10.60
C SER A 266 -12.14 18.10 11.61
N ALA A 267 -11.78 19.33 11.95
CA ALA A 267 -10.80 19.58 12.99
C ALA A 267 -11.21 18.93 14.35
N ASP A 268 -12.47 19.05 14.70
CA ASP A 268 -13.00 18.40 15.93
C ASP A 268 -12.95 16.89 15.79
N LEU A 269 -13.22 16.40 14.57
CA LEU A 269 -13.16 14.99 14.30
C LEU A 269 -11.77 14.46 14.59
N VAL A 270 -10.77 15.18 14.15
CA VAL A 270 -9.38 14.82 14.43
C VAL A 270 -9.16 14.67 15.94
N GLU A 271 -9.63 15.66 16.72
CA GLU A 271 -9.48 15.63 18.18
C GLU A 271 -10.24 14.46 18.78
N ALA A 272 -11.44 14.22 18.30
CA ALA A 272 -12.25 13.13 18.86
C ALA A 272 -11.70 11.76 18.50
N LEU A 273 -10.93 11.69 17.43
CA LEU A 273 -10.14 10.50 17.12
C LEU A 273 -8.99 10.37 18.08
N LYS A 274 -8.26 11.47 18.28
CA LYS A 274 -7.07 11.44 19.13
C LYS A 274 -7.42 11.14 20.57
N ASP A 275 -8.55 11.64 21.03
CA ASP A 275 -8.98 11.37 22.43
C ASP A 275 -9.80 10.05 22.52
N LYS A 276 -9.86 9.31 21.40
CA LYS A 276 -10.45 7.94 21.35
C LYS A 276 -11.93 7.91 21.68
N LYS A 277 -12.58 9.01 21.44
CA LYS A 277 -14.04 9.01 21.51
C LYS A 277 -14.56 8.23 20.33
N ILE A 278 -13.99 8.49 19.16
CA ILE A 278 -14.38 7.85 17.94
C ILE A 278 -13.60 6.49 17.80
N GLY A 279 -14.33 5.40 17.73
CA GLY A 279 -13.75 4.09 17.48
C GLY A 279 -13.19 3.94 16.06
N ALA A 280 -13.96 4.31 15.05
CA ALA A 280 -13.53 4.30 13.68
C ALA A 280 -14.44 5.17 12.93
N VAL A 281 -13.97 5.70 11.81
CA VAL A 281 -14.80 6.56 10.99
C VAL A 281 -14.51 6.35 9.55
N ALA A 282 -15.59 6.33 8.74
CA ALA A 282 -15.52 6.28 7.30
C ALA A 282 -16.16 7.52 6.73
N LEU A 283 -15.39 8.22 5.92
CA LEU A 283 -15.84 9.42 5.29
C LEU A 283 -15.78 9.23 3.79
N ASP A 284 -16.91 9.32 3.13
CA ASP A 284 -17.04 9.35 1.65
C ASP A 284 -17.15 10.79 1.12
N VAL A 285 -17.20 11.73 2.04
CA VAL A 285 -17.25 13.12 1.69
C VAL A 285 -16.42 13.86 2.73
N TYR A 286 -16.00 15.07 2.40
CA TYR A 286 -15.13 15.83 3.28
C TYR A 286 -15.37 17.32 3.03
N GLU A 287 -15.29 18.09 4.11
CA GLU A 287 -15.72 19.46 4.07
C GLU A 287 -15.00 20.37 3.05
N GLU A 288 -13.72 20.08 2.79
CA GLU A 288 -12.99 20.81 1.79
C GLU A 288 -12.61 19.87 0.68
N GLU A 289 -13.55 19.04 0.25
CA GLU A 289 -13.18 18.03 -0.76
C GLU A 289 -13.11 18.55 -2.18
N GLU A 290 -13.53 19.79 -2.40
CA GLU A 290 -13.84 20.23 -3.75
C GLU A 290 -12.67 20.24 -4.68
N ASN A 291 -11.51 20.59 -4.16
CA ASN A 291 -10.32 20.56 -5.00
C ASN A 291 -9.54 19.24 -4.98
N TYR A 292 -10.07 18.22 -4.31
CA TYR A 292 -9.33 16.95 -4.18
C TYR A 292 -10.08 15.79 -4.79
N PHE A 293 -11.31 15.62 -4.34
CA PHE A 293 -12.08 14.45 -4.69
C PHE A 293 -12.30 14.31 -6.17
N PHE A 294 -12.28 13.07 -6.61
CA PHE A 294 -12.36 12.69 -8.01
C PHE A 294 -11.09 12.93 -8.81
N GLU A 295 -10.05 13.50 -8.23
CA GLU A 295 -8.84 13.83 -8.98
C GLU A 295 -7.64 13.08 -8.42
N ASP A 296 -6.74 12.67 -9.30
CA ASP A 296 -5.51 12.04 -8.86
C ASP A 296 -4.50 13.10 -8.42
N LYS A 297 -4.39 13.28 -7.11
CA LYS A 297 -3.46 14.25 -6.55
C LYS A 297 -2.23 13.55 -6.01
N SER A 298 -1.91 12.38 -6.50
CA SER A 298 -0.87 11.56 -5.89
C SER A 298 0.53 11.96 -6.26
N THR A 299 0.66 12.91 -7.16
CA THR A 299 1.94 13.46 -7.53
C THR A 299 2.05 14.94 -7.20
N GLN A 300 1.33 15.38 -6.19
CA GLN A 300 1.56 16.72 -5.62
C GLN A 300 1.14 16.81 -4.14
N VAL A 301 1.46 17.95 -3.54
CA VAL A 301 1.19 18.20 -2.15
C VAL A 301 -0.30 18.33 -1.96
N ILE A 302 -0.83 17.67 -0.93
CA ILE A 302 -2.13 17.90 -0.43
C ILE A 302 -1.99 19.03 0.57
N GLU A 303 -2.54 20.19 0.26
CA GLU A 303 -2.28 21.40 1.04
C GLU A 303 -3.14 21.50 2.28
N ASP A 304 -4.29 20.84 2.25
CA ASP A 304 -5.25 20.86 3.34
C ASP A 304 -4.71 19.99 4.42
N ASP A 305 -4.36 20.64 5.53
CA ASP A 305 -3.69 20.00 6.64
C ASP A 305 -4.53 18.91 7.30
N ILE A 306 -5.84 19.16 7.39
CA ILE A 306 -6.72 18.27 8.10
C ILE A 306 -6.89 16.99 7.25
N LEU A 307 -7.00 17.16 5.93
CA LEU A 307 -7.20 16.05 5.06
C LEU A 307 -5.93 15.14 5.10
N GLY A 308 -4.75 15.73 5.04
CA GLY A 308 -3.55 14.96 5.21
C GLY A 308 -3.53 14.19 6.52
N ARG A 309 -3.86 14.88 7.61
CA ARG A 309 -3.83 14.27 8.91
C ARG A 309 -4.86 13.13 9.02
N LEU A 310 -6.03 13.32 8.43
CA LEU A 310 -7.06 12.29 8.53
C LEU A 310 -6.57 11.02 7.80
N LEU A 311 -5.79 11.23 6.75
CA LEU A 311 -5.28 10.13 5.98
C LEU A 311 -4.23 9.32 6.74
N SER A 312 -3.76 9.78 7.88
CA SER A 312 -2.73 9.09 8.61
C SER A 312 -3.27 8.31 9.81
N PHE A 313 -4.54 8.34 10.07
CA PHE A 313 -5.13 7.63 11.21
C PHE A 313 -5.42 6.15 10.80
N TYR A 314 -5.00 5.24 11.67
CA TYR A 314 -5.26 3.83 11.48
C TYR A 314 -6.78 3.49 11.29
N ASN A 315 -7.65 4.32 11.85
CA ASN A 315 -9.09 4.00 11.93
C ASN A 315 -9.97 4.93 11.17
N VAL A 316 -9.38 5.58 10.17
CA VAL A 316 -10.10 6.46 9.27
C VAL A 316 -10.01 5.85 7.92
N LEU A 317 -11.19 5.69 7.28
CA LEU A 317 -11.32 5.23 5.92
C LEU A 317 -11.93 6.32 5.08
N ILE A 318 -11.16 6.86 4.15
CA ILE A 318 -11.66 7.88 3.28
C ILE A 318 -11.71 7.33 1.86
N THR A 319 -12.86 7.50 1.26
CA THR A 319 -13.09 7.17 -0.15
C THR A 319 -13.64 8.46 -0.81
N SER A 320 -13.34 8.64 -2.08
CA SER A 320 -13.61 9.88 -2.83
C SER A 320 -15.00 9.98 -3.41
N HIS A 321 -15.98 10.07 -2.50
CA HIS A 321 -17.34 10.45 -2.82
C HIS A 321 -17.89 9.55 -3.90
N GLN A 322 -17.79 8.25 -3.63
CA GLN A 322 -18.14 7.20 -4.61
C GLN A 322 -19.34 6.38 -4.14
N ALA A 323 -20.03 6.84 -3.09
CA ALA A 323 -21.23 6.13 -2.63
C ALA A 323 -22.27 6.03 -3.73
N TYR A 324 -22.35 7.04 -4.57
CA TYR A 324 -23.34 7.11 -5.63
C TYR A 324 -22.90 6.29 -6.80
N PHE A 325 -21.66 5.80 -6.80
CA PHE A 325 -21.02 5.41 -8.02
C PHE A 325 -21.28 3.94 -8.38
N THR A 326 -22.46 3.69 -8.93
CA THR A 326 -22.78 2.38 -9.51
C THR A 326 -23.29 2.58 -10.93
N LYS A 327 -23.26 1.51 -11.73
CA LYS A 327 -23.77 1.61 -13.09
C LYS A 327 -25.20 2.10 -13.12
N GLU A 328 -26.02 1.60 -12.20
CA GLU A 328 -27.43 1.88 -12.27
C GLU A 328 -27.58 3.35 -11.96
N ALA A 329 -26.86 3.78 -10.94
CA ALA A 329 -26.96 5.15 -10.51
C ALA A 329 -26.49 6.09 -11.63
N VAL A 330 -25.38 5.75 -12.25
CA VAL A 330 -24.81 6.64 -13.23
C VAL A 330 -25.68 6.63 -14.53
N GLY A 331 -26.19 5.46 -14.90
CA GLY A 331 -27.12 5.35 -15.98
C GLY A 331 -28.34 6.22 -15.77
N ALA A 332 -28.95 6.13 -14.59
CA ALA A 332 -30.17 6.89 -14.29
C ALA A 332 -29.94 8.43 -14.19
N ILE A 333 -28.78 8.83 -13.66
CA ILE A 333 -28.38 10.23 -13.66
C ILE A 333 -28.29 10.76 -15.09
N THR A 334 -27.76 9.95 -16.01
CA THR A 334 -27.54 10.44 -17.36
C THR A 334 -28.88 10.63 -18.08
N VAL A 335 -29.71 9.59 -18.01
CA VAL A 335 -31.02 9.61 -18.67
C VAL A 335 -31.93 10.65 -18.02
N THR A 336 -32.00 10.69 -16.70
CA THR A 336 -32.87 11.67 -16.05
C THR A 336 -32.41 13.08 -16.33
N THR A 337 -31.09 13.28 -16.40
CA THR A 337 -30.54 14.60 -16.70
C THR A 337 -30.93 15.01 -18.15
N LEU A 338 -30.72 14.09 -19.10
CA LEU A 338 -31.02 14.39 -20.49
C LEU A 338 -32.53 14.67 -20.68
N ASN A 339 -33.36 13.91 -19.95
CA ASN A 339 -34.78 14.14 -19.99
C ASN A 339 -35.18 15.40 -19.26
N ASN A 340 -34.55 15.72 -18.13
CA ASN A 340 -34.81 17.01 -17.50
C ASN A 340 -34.67 18.12 -18.54
N ILE A 341 -33.60 18.03 -19.34
CA ILE A 341 -33.30 19.08 -20.32
C ILE A 341 -34.27 19.03 -21.52
N LYS A 342 -34.54 17.85 -22.03
CA LYS A 342 -35.51 17.72 -23.11
C LYS A 342 -36.85 18.31 -22.66
N ASP A 343 -37.27 17.94 -21.46
CA ASP A 343 -38.53 18.42 -20.90
C ASP A 343 -38.57 19.93 -20.75
N PHE A 344 -37.43 20.56 -20.50
CA PHE A 344 -37.43 22.00 -20.27
C PHE A 344 -37.59 22.65 -21.64
N VAL A 345 -36.78 22.25 -22.62
CA VAL A 345 -36.83 22.85 -23.97
C VAL A 345 -38.17 22.67 -24.71
N GLU A 346 -38.92 21.64 -24.35
CA GLU A 346 -40.25 21.40 -24.91
C GLU A 346 -41.37 22.01 -24.06
N GLY A 347 -41.03 22.86 -23.08
CA GLY A 347 -42.02 23.57 -22.26
C GLY A 347 -42.88 22.61 -21.47
N ARG A 348 -42.33 21.45 -21.19
CA ARG A 348 -43.04 20.46 -20.39
C ARG A 348 -42.92 20.84 -18.92
N PRO A 349 -43.81 20.34 -18.06
CA PRO A 349 -43.65 20.58 -16.62
C PRO A 349 -42.40 19.88 -16.08
N LEU A 350 -41.63 20.61 -15.28
CA LEU A 350 -40.37 20.12 -14.70
C LEU A 350 -40.53 19.34 -13.40
N VAL A 351 -40.66 18.01 -13.54
CA VAL A 351 -40.84 17.11 -12.40
C VAL A 351 -39.71 17.23 -11.36
N ASN A 352 -38.50 17.55 -11.81
CA ASN A 352 -37.35 17.55 -10.93
C ASN A 352 -36.79 18.94 -10.66
N GLU A 353 -37.64 19.93 -10.75
CA GLU A 353 -37.23 21.27 -10.40
C GLU A 353 -36.85 21.27 -8.92
N VAL A 354 -35.84 22.06 -8.59
CA VAL A 354 -35.55 22.41 -7.20
C VAL A 354 -36.13 23.77 -6.93
N PRO A 355 -37.18 23.82 -6.09
CA PRO A 355 -37.80 25.14 -5.88
C PRO A 355 -36.84 26.15 -5.21
N GLN A 356 -36.84 27.42 -5.62
CA GLN A 356 -35.82 28.41 -5.14
C GLN A 356 -36.31 29.57 -4.19
N LYS B 26 -6.14 -28.69 38.07
CA LYS B 26 -5.52 -30.03 38.08
C LYS B 26 -5.75 -30.79 36.78
N THR B 27 -6.86 -30.54 36.06
CA THR B 27 -7.01 -31.01 34.64
C THR B 27 -5.99 -30.27 33.78
N LYS B 28 -5.16 -31.02 33.06
CA LYS B 28 -4.03 -30.42 32.34
C LYS B 28 -4.36 -30.25 30.85
N ILE B 29 -4.30 -29.00 30.38
CA ILE B 29 -4.69 -28.64 29.00
C ILE B 29 -3.53 -28.11 28.18
N ILE B 30 -3.33 -28.75 27.03
CA ILE B 30 -2.34 -28.32 26.08
C ILE B 30 -3.04 -27.65 24.86
N PHE B 31 -2.72 -26.38 24.59
CA PHE B 31 -3.32 -25.57 23.53
C PHE B 31 -2.32 -25.33 22.39
N PHE B 32 -2.74 -25.65 21.16
CA PHE B 32 -1.89 -25.40 19.95
C PHE B 32 -2.27 -24.17 19.16
N ASP B 33 -1.34 -23.69 18.35
CA ASP B 33 -1.58 -22.60 17.39
C ASP B 33 -2.02 -21.31 18.06
N ILE B 34 -1.49 -21.05 19.24
CA ILE B 34 -1.96 -19.96 20.06
C ILE B 34 -1.31 -18.62 19.66
N LYS B 35 -2.13 -17.59 19.64
CA LYS B 35 -1.72 -16.21 19.52
C LYS B 35 -1.97 -15.44 20.80
N ASP B 36 -1.40 -14.25 20.91
CA ASP B 36 -1.62 -13.52 22.16
C ASP B 36 -3.08 -13.19 22.45
N TYR B 37 -3.87 -12.91 21.43
CA TYR B 37 -5.27 -12.68 21.68
C TYR B 37 -5.93 -13.91 22.28
N ASP B 38 -5.55 -15.12 21.82
CA ASP B 38 -6.13 -16.36 22.33
C ASP B 38 -5.78 -16.54 23.80
N LYS B 39 -4.51 -16.36 24.10
CA LYS B 39 -3.97 -16.56 25.40
C LYS B 39 -4.58 -15.63 26.41
N GLU B 40 -4.66 -14.36 26.11
CA GLU B 40 -5.24 -13.38 27.08
C GLU B 40 -6.65 -13.79 27.48
N PHE B 41 -7.43 -14.19 26.49
CA PHE B 41 -8.83 -14.60 26.73
C PHE B 41 -8.91 -15.86 27.59
N PHE B 42 -8.08 -16.84 27.28
CA PHE B 42 -8.08 -18.10 27.99
C PHE B 42 -7.58 -17.93 29.41
N LYS B 43 -6.61 -17.03 29.63
CA LYS B 43 -6.13 -16.76 31.00
C LYS B 43 -7.16 -16.03 31.80
N LYS B 44 -7.74 -14.99 31.21
CA LYS B 44 -8.74 -14.21 31.91
C LYS B 44 -9.91 -15.09 32.33
N TYR B 45 -10.54 -15.77 31.38
CA TYR B 45 -11.76 -16.56 31.66
C TYR B 45 -11.45 -17.89 32.32
N GLY B 46 -10.23 -18.39 32.15
CA GLY B 46 -9.83 -19.60 32.80
C GLY B 46 -9.50 -19.51 34.26
N ALA B 47 -9.35 -18.30 34.77
CA ALA B 47 -9.01 -18.09 36.19
C ALA B 47 -10.04 -18.72 37.15
N ASP B 48 -11.28 -18.87 36.71
CA ASP B 48 -12.34 -19.49 37.51
C ASP B 48 -12.57 -20.99 37.32
N TYR B 49 -11.74 -21.59 36.49
CA TYR B 49 -11.75 -23.02 36.30
C TYR B 49 -10.50 -23.63 36.90
N ASN B 50 -10.63 -24.87 37.32
CA ASN B 50 -9.52 -25.53 38.01
C ASN B 50 -8.58 -26.25 37.01
N PHE B 51 -7.98 -25.48 36.10
CA PHE B 51 -7.18 -26.02 34.99
C PHE B 51 -5.71 -25.57 35.05
N GLU B 52 -4.81 -26.48 34.65
CA GLU B 52 -3.44 -26.12 34.24
C GLU B 52 -3.49 -25.91 32.72
N MET B 53 -3.05 -24.73 32.28
CA MET B 53 -3.12 -24.37 30.90
C MET B 53 -1.74 -24.13 30.35
N THR B 54 -1.34 -24.90 29.35
CA THR B 54 -0.07 -24.69 28.65
C THR B 54 -0.33 -24.25 27.21
N PHE B 55 0.34 -23.18 26.80
CA PHE B 55 0.13 -22.54 25.48
C PHE B 55 1.29 -22.75 24.54
N LEU B 56 1.01 -23.31 23.37
CA LEU B 56 2.04 -23.47 22.36
C LEU B 56 1.66 -22.68 21.10
N LYS B 57 2.70 -22.14 20.47
CA LYS B 57 2.56 -21.38 19.23
C LYS B 57 2.40 -22.30 18.04
N VAL B 58 3.10 -23.44 18.05
CA VAL B 58 3.07 -24.37 16.88
C VAL B 58 1.69 -24.99 16.57
N ARG B 59 1.42 -25.21 15.28
CA ARG B 59 0.22 -25.92 14.87
C ARG B 59 0.34 -27.38 15.37
N LEU B 60 -0.81 -28.03 15.62
CA LEU B 60 -0.84 -29.44 15.93
C LEU B 60 -0.81 -30.24 14.62
N THR B 61 0.30 -30.96 14.41
CA THR B 61 0.51 -31.88 13.26
C THR B 61 1.10 -33.18 13.77
N GLU B 62 1.40 -34.11 12.87
CA GLU B 62 2.13 -35.33 13.27
C GLU B 62 3.53 -35.05 13.88
N GLU B 63 4.21 -34.01 13.42
CA GLU B 63 5.50 -33.62 13.99
C GLU B 63 5.42 -33.10 15.41
N THR B 64 4.28 -32.54 15.81
CA THR B 64 4.18 -31.88 17.10
C THR B 64 3.30 -32.66 18.05
N ALA B 65 2.67 -33.71 17.57
CA ALA B 65 1.72 -34.48 18.38
C ALA B 65 2.37 -35.07 19.63
N ASN B 66 3.65 -35.43 19.53
CA ASN B 66 4.43 -35.89 20.71
C ASN B 66 4.38 -34.94 21.91
N LEU B 67 4.18 -33.63 21.66
CA LEU B 67 4.16 -32.67 22.77
C LEU B 67 2.92 -32.78 23.65
N THR B 68 1.96 -33.63 23.25
CA THR B 68 0.76 -33.85 24.05
C THR B 68 1.01 -34.75 25.28
N LYS B 69 2.23 -35.30 25.40
CA LYS B 69 2.49 -36.31 26.42
C LYS B 69 2.38 -35.72 27.81
N GLY B 70 1.57 -36.35 28.63
CA GLY B 70 1.38 -35.93 30.02
C GLY B 70 0.18 -35.01 30.20
N TYR B 71 -0.53 -34.70 29.13
CA TYR B 71 -1.71 -33.81 29.22
C TYR B 71 -3.02 -34.64 29.20
N ASP B 72 -4.05 -34.10 29.81
CA ASP B 72 -5.36 -34.73 29.80
C ASP B 72 -6.15 -34.29 28.55
N VAL B 73 -6.11 -33.00 28.26
CA VAL B 73 -6.92 -32.37 27.20
C VAL B 73 -6.02 -31.62 26.19
N VAL B 74 -6.33 -31.80 24.92
CA VAL B 74 -5.70 -31.08 23.82
C VAL B 74 -6.72 -30.14 23.25
N CYS B 75 -6.35 -28.87 23.11
CA CYS B 75 -7.21 -27.88 22.44
C CYS B 75 -6.60 -27.52 21.10
N GLY B 76 -7.34 -27.84 20.05
CA GLY B 76 -6.93 -27.63 18.65
C GLY B 76 -7.77 -26.57 17.96
N PHE B 77 -7.34 -26.14 16.79
CA PHE B 77 -7.92 -25.04 16.04
C PHE B 77 -7.93 -25.40 14.56
N ALA B 78 -8.47 -24.52 13.71
CA ALA B 78 -9.02 -24.96 12.41
C ALA B 78 -7.96 -25.44 11.43
N ASN B 79 -6.72 -25.02 11.63
CA ASN B 79 -5.67 -25.34 10.70
C ASN B 79 -4.70 -26.41 11.21
N ASP B 80 -5.03 -27.05 12.33
CA ASP B 80 -4.25 -28.18 12.81
C ASP B 80 -4.49 -29.43 11.94
N ASN B 81 -3.43 -30.19 11.68
CA ASN B 81 -3.53 -31.40 10.87
C ASN B 81 -3.75 -32.63 11.79
N ILE B 82 -5.03 -32.89 12.10
CA ILE B 82 -5.40 -33.91 13.08
C ILE B 82 -5.82 -35.18 12.28
N ASN B 83 -4.85 -35.68 11.52
CA ASN B 83 -4.95 -36.91 10.75
C ASN B 83 -4.77 -38.16 11.65
N LYS B 84 -4.73 -39.33 11.05
CA LYS B 84 -4.55 -40.57 11.76
C LYS B 84 -3.26 -40.60 12.62
N GLU B 85 -2.12 -40.19 12.06
CA GLU B 85 -0.83 -40.27 12.76
C GLU B 85 -0.88 -39.44 14.01
N THR B 86 -1.42 -38.23 13.87
CA THR B 86 -1.58 -37.31 14.98
C THR B 86 -2.51 -37.92 16.04
N ILE B 87 -3.62 -38.48 15.57
CA ILE B 87 -4.62 -39.09 16.44
C ILE B 87 -4.07 -40.33 17.19
N ASP B 88 -3.29 -41.14 16.47
CA ASP B 88 -2.66 -42.34 17.08
C ASP B 88 -1.71 -41.93 18.20
N ILE B 89 -0.80 -41.00 17.92
CA ILE B 89 0.16 -40.50 18.91
C ILE B 89 -0.56 -39.91 20.14
N MET B 90 -1.74 -39.31 19.90
CA MET B 90 -2.50 -38.69 20.96
C MET B 90 -3.16 -39.71 21.87
N ALA B 91 -3.82 -40.69 21.29
CA ALA B 91 -4.44 -41.77 22.06
C ALA B 91 -3.34 -42.51 22.83
N GLU B 92 -2.24 -42.83 22.14
CA GLU B 92 -1.06 -43.45 22.74
C GLU B 92 -0.60 -42.72 24.00
N ASN B 93 -0.63 -41.39 23.97
CA ASN B 93 -0.22 -40.54 25.11
C ASN B 93 -1.30 -40.40 26.20
N GLY B 94 -2.45 -41.04 25.96
CA GLY B 94 -3.54 -41.11 26.94
C GLY B 94 -4.45 -39.90 26.94
N ILE B 95 -4.62 -39.26 25.79
CA ILE B 95 -5.39 -38.01 25.74
C ILE B 95 -6.84 -38.39 25.94
N LYS B 96 -7.55 -37.68 26.82
CA LYS B 96 -8.95 -37.99 27.16
C LYS B 96 -9.90 -37.19 26.30
N LEU B 97 -9.53 -35.95 25.93
CA LEU B 97 -10.45 -35.06 25.19
C LEU B 97 -9.73 -34.21 24.16
N LEU B 98 -10.30 -34.11 22.97
CA LEU B 98 -9.82 -33.19 21.96
C LEU B 98 -10.81 -32.06 21.92
N ALA B 99 -10.40 -30.84 22.34
CA ALA B 99 -11.33 -29.69 22.32
C ALA B 99 -10.98 -28.71 21.21
N MET B 100 -11.90 -28.56 20.26
CA MET B 100 -11.70 -27.67 19.13
C MET B 100 -12.31 -26.31 19.46
N ARG B 101 -11.46 -25.28 19.41
CA ARG B 101 -11.88 -23.92 19.68
C ARG B 101 -12.35 -23.25 18.37
N CYS B 102 -13.26 -23.96 17.70
CA CYS B 102 -13.82 -23.51 16.45
C CYS B 102 -15.08 -24.36 16.13
N ALA B 103 -15.82 -23.94 15.10
CA ALA B 103 -17.05 -24.65 14.69
C ALA B 103 -16.75 -25.73 13.65
N GLY B 104 -15.67 -25.55 12.89
CA GLY B 104 -15.28 -26.52 11.86
C GLY B 104 -14.48 -27.67 12.45
N PHE B 105 -14.65 -28.85 11.86
CA PHE B 105 -13.92 -30.05 12.27
C PHE B 105 -13.48 -30.91 11.08
N ASN B 106 -13.56 -30.36 9.87
CA ASN B 106 -13.14 -31.07 8.65
C ASN B 106 -11.70 -31.63 8.73
N ASN B 107 -10.86 -31.00 9.55
CA ASN B 107 -9.41 -31.28 9.69
C ASN B 107 -9.07 -32.32 10.76
N VAL B 108 -10.10 -32.91 11.36
CA VAL B 108 -9.90 -34.04 12.28
C VAL B 108 -10.49 -35.31 11.61
N SER B 109 -9.64 -36.33 11.43
CA SER B 109 -10.05 -37.59 10.80
C SER B 109 -10.83 -38.44 11.82
N LEU B 110 -12.11 -38.11 11.96
CA LEU B 110 -12.98 -38.68 12.99
C LEU B 110 -13.04 -40.22 13.09
N LYS B 111 -13.06 -40.90 11.95
CA LYS B 111 -13.14 -42.37 11.91
C LYS B 111 -11.95 -43.04 12.62
N ASP B 112 -10.81 -42.36 12.59
CA ASP B 112 -9.57 -42.86 13.19
C ASP B 112 -9.50 -42.67 14.71
N VAL B 113 -10.32 -41.81 15.29
CA VAL B 113 -10.30 -41.68 16.76
C VAL B 113 -10.74 -42.95 17.53
N ASN B 114 -11.67 -43.66 16.93
CA ASN B 114 -12.13 -44.94 17.46
C ASN B 114 -12.70 -44.91 18.90
N GLU B 115 -13.16 -43.73 19.33
CA GLU B 115 -13.65 -43.49 20.69
C GLU B 115 -12.58 -43.67 21.78
N ARG B 116 -11.31 -43.60 21.38
CA ARG B 116 -10.18 -43.69 22.33
C ARG B 116 -10.04 -42.36 23.09
N PHE B 117 -10.68 -41.32 22.56
CA PHE B 117 -10.94 -40.06 23.28
C PHE B 117 -12.19 -39.40 22.67
N LYS B 118 -12.71 -38.40 23.35
CA LYS B 118 -13.84 -37.65 22.84
C LYS B 118 -13.42 -36.35 22.08
N VAL B 119 -14.29 -35.91 21.16
CA VAL B 119 -14.10 -34.65 20.42
C VAL B 119 -15.25 -33.68 20.67
N VAL B 120 -14.93 -32.46 21.14
CA VAL B 120 -15.90 -31.36 21.26
C VAL B 120 -15.47 -30.09 20.45
N ARG B 121 -16.46 -29.32 20.02
CA ARG B 121 -16.25 -28.11 19.25
C ARG B 121 -17.10 -26.99 19.83
N VAL B 122 -16.95 -25.77 19.32
CA VAL B 122 -17.85 -24.70 19.65
C VAL B 122 -18.70 -24.38 18.44
N PRO B 123 -19.97 -24.83 18.40
CA PRO B 123 -20.72 -24.78 17.17
C PRO B 123 -21.40 -23.45 16.84
N ALA B 124 -21.76 -22.67 17.85
CA ALA B 124 -22.65 -21.52 17.59
C ALA B 124 -22.21 -20.28 18.33
N TYR B 125 -20.90 -20.08 18.45
CA TYR B 125 -20.41 -18.92 19.14
C TYR B 125 -20.95 -17.61 18.57
N SER B 126 -20.89 -17.45 17.25
CA SER B 126 -21.53 -16.27 16.60
C SER B 126 -21.63 -16.40 15.09
N PRO B 127 -22.72 -17.00 14.62
CA PRO B 127 -22.98 -17.05 13.21
C PRO B 127 -23.08 -15.66 12.58
N HIS B 128 -23.50 -14.69 13.39
CA HIS B 128 -23.61 -13.31 12.93
C HIS B 128 -22.25 -12.76 12.52
N ALA B 129 -21.18 -13.05 13.29
CA ALA B 129 -19.86 -12.58 13.01
C ALA B 129 -19.49 -12.93 11.56
N ILE B 130 -19.69 -14.18 11.16
CA ILE B 130 -19.31 -14.64 9.82
C ILE B 130 -20.27 -14.14 8.75
N ALA B 131 -21.54 -14.12 9.04
CA ALA B 131 -22.49 -13.66 8.05
C ALA B 131 -22.26 -12.19 7.78
N GLU B 132 -22.07 -11.41 8.83
CA GLU B 132 -21.82 -9.98 8.67
C GLU B 132 -20.56 -9.75 7.85
N TYR B 133 -19.53 -10.54 8.12
CA TYR B 133 -18.24 -10.34 7.46
C TYR B 133 -18.38 -10.59 6.00
N THR B 134 -19.13 -11.64 5.69
CA THR B 134 -19.39 -12.01 4.34
C THR B 134 -20.02 -10.84 3.59
N VAL B 135 -20.98 -10.18 4.19
CA VAL B 135 -21.57 -8.99 3.57
C VAL B 135 -20.54 -7.90 3.38
N GLY B 136 -19.64 -7.76 4.36
CA GLY B 136 -18.54 -6.81 4.22
C GLY B 136 -17.70 -7.08 2.99
N LEU B 137 -17.33 -8.34 2.83
CA LEU B 137 -16.49 -8.76 1.69
C LEU B 137 -17.20 -8.54 0.34
N ILE B 138 -18.45 -8.92 0.26
CA ILE B 138 -19.22 -8.62 -0.94
C ILE B 138 -19.13 -7.18 -1.38
N LEU B 139 -19.43 -6.30 -0.45
CA LEU B 139 -19.46 -4.90 -0.73
C LEU B 139 -18.06 -4.34 -0.97
N ALA B 140 -17.06 -4.92 -0.33
CA ALA B 140 -15.69 -4.44 -0.51
C ALA B 140 -15.25 -4.68 -1.92
N VAL B 141 -15.49 -5.91 -2.42
CA VAL B 141 -15.00 -6.23 -3.75
C VAL B 141 -15.91 -5.64 -4.84
N ASN B 142 -17.22 -5.54 -4.56
CA ASN B 142 -18.14 -4.91 -5.49
C ASN B 142 -17.82 -3.45 -5.66
N ARG B 143 -17.65 -2.76 -4.54
CA ARG B 143 -17.53 -1.31 -4.57
C ARG B 143 -16.07 -0.88 -4.53
N LYS B 144 -15.19 -1.85 -4.64
CA LYS B 144 -13.77 -1.77 -4.43
C LYS B 144 -13.31 -0.85 -3.31
N ILE B 145 -13.79 -1.08 -2.12
CA ILE B 145 -13.45 -0.30 -0.97
C ILE B 145 -11.98 -0.43 -0.61
N ASN B 146 -11.42 -1.63 -0.75
CA ASN B 146 -10.03 -1.87 -0.37
C ASN B 146 -9.08 -1.18 -1.35
N LYS B 147 -9.48 -1.11 -2.62
CA LYS B 147 -8.67 -0.44 -3.61
C LYS B 147 -8.81 1.05 -3.42
N ALA B 148 -10.01 1.50 -3.06
CA ALA B 148 -10.21 2.92 -2.80
C ALA B 148 -9.26 3.43 -1.69
N TYR B 149 -9.14 2.62 -0.63
CA TYR B 149 -8.36 3.01 0.52
C TYR B 149 -6.88 3.19 0.18
N VAL B 150 -6.33 2.24 -0.54
CA VAL B 150 -4.95 2.30 -1.00
C VAL B 150 -4.75 3.48 -1.93
N ARG B 151 -5.73 3.82 -2.77
CA ARG B 151 -5.59 5.06 -3.55
C ARG B 151 -5.63 6.36 -2.70
N THR B 152 -6.64 6.49 -1.87
CA THR B 152 -6.78 7.79 -1.17
C THR B 152 -5.66 8.01 -0.18
N ARG B 153 -5.12 6.94 0.41
CA ARG B 153 -3.91 7.02 1.22
C ARG B 153 -2.73 7.73 0.50
N GLU B 154 -2.51 7.41 -0.78
CA GLU B 154 -1.49 8.06 -1.58
C GLU B 154 -1.97 9.38 -2.15
N GLY B 155 -3.17 9.81 -1.76
CA GLY B 155 -3.74 11.04 -2.31
C GLY B 155 -4.26 10.90 -3.76
N ASN B 156 -4.50 9.68 -4.20
CA ASN B 156 -5.21 9.48 -5.45
C ASN B 156 -6.73 9.39 -5.20
N PHE B 157 -7.45 10.47 -5.48
CA PHE B 157 -8.90 10.52 -5.30
C PHE B 157 -9.69 10.28 -6.60
N SER B 158 -9.00 9.80 -7.62
CA SER B 158 -9.70 9.37 -8.81
C SER B 158 -10.49 8.11 -8.51
N ILE B 159 -11.71 8.00 -9.06
CA ILE B 159 -12.54 6.83 -8.81
C ILE B 159 -12.76 6.02 -10.08
N ASN B 160 -11.94 6.29 -11.09
CA ASN B 160 -12.02 5.53 -12.31
C ASN B 160 -11.71 4.08 -12.02
N GLY B 161 -12.51 3.20 -12.56
CA GLY B 161 -12.41 1.78 -12.31
C GLY B 161 -13.05 1.33 -11.02
N LEU B 162 -13.59 2.24 -10.21
CA LEU B 162 -14.21 1.80 -8.95
C LEU B 162 -15.77 1.65 -8.97
N MET B 163 -16.36 1.84 -10.14
CA MET B 163 -17.78 1.71 -10.31
C MET B 163 -18.17 0.31 -9.94
N GLY B 164 -19.19 0.19 -9.10
CA GLY B 164 -19.71 -1.13 -8.79
C GLY B 164 -21.14 -1.29 -9.33
N ILE B 165 -21.89 -2.19 -8.69
CA ILE B 165 -23.27 -2.40 -9.05
C ILE B 165 -24.15 -2.33 -7.80
N ASP B 166 -25.39 -1.87 -7.96
CA ASP B 166 -26.35 -1.90 -6.87
C ASP B 166 -26.64 -3.40 -6.63
N LEU B 167 -26.67 -3.81 -5.37
CA LEU B 167 -27.12 -5.13 -5.03
C LEU B 167 -28.65 -5.29 -5.15
N TYR B 168 -29.36 -4.21 -4.84
CA TYR B 168 -30.81 -4.07 -4.96
C TYR B 168 -31.40 -4.72 -6.20
N GLU B 169 -32.25 -5.71 -5.99
CA GLU B 169 -32.93 -6.44 -7.07
C GLU B 169 -32.03 -7.38 -7.85
N LYS B 170 -30.75 -7.52 -7.44
CA LYS B 170 -29.86 -8.55 -8.06
C LYS B 170 -30.11 -9.91 -7.41
N THR B 171 -29.54 -10.96 -7.96
CA THR B 171 -29.72 -12.26 -7.38
C THR B 171 -28.50 -12.77 -6.63
N ALA B 172 -28.67 -13.07 -5.34
CA ALA B 172 -27.60 -13.68 -4.56
C ALA B 172 -27.88 -15.14 -4.42
N GLY B 173 -26.84 -15.96 -4.56
CA GLY B 173 -26.97 -17.41 -4.41
C GLY B 173 -26.15 -17.91 -3.23
N ILE B 174 -26.82 -18.48 -2.24
CA ILE B 174 -26.15 -18.97 -1.04
C ILE B 174 -26.08 -20.50 -1.04
N ILE B 175 -24.86 -21.02 -0.95
CA ILE B 175 -24.63 -22.44 -0.83
C ILE B 175 -24.35 -22.75 0.66
N GLY B 176 -25.31 -23.42 1.32
CA GLY B 176 -25.24 -23.80 2.72
C GLY B 176 -26.19 -22.93 3.51
N THR B 177 -27.44 -23.37 3.73
CA THR B 177 -28.44 -22.57 4.48
C THR B 177 -28.48 -22.99 5.96
N GLY B 178 -27.31 -23.03 6.57
CA GLY B 178 -27.16 -23.37 7.99
C GLY B 178 -27.31 -22.16 8.89
N LYS B 179 -26.67 -22.23 10.06
CA LYS B 179 -26.71 -21.14 11.04
C LYS B 179 -26.23 -19.86 10.37
N ILE B 180 -25.09 -19.93 9.70
CA ILE B 180 -24.48 -18.75 9.05
C ILE B 180 -25.25 -18.34 7.79
N GLY B 181 -25.39 -19.27 6.87
CA GLY B 181 -26.15 -19.05 5.64
C GLY B 181 -27.52 -18.40 5.81
N GLN B 182 -28.26 -18.77 6.85
CA GLN B 182 -29.63 -18.21 7.03
C GLN B 182 -29.65 -16.79 7.53
N ILE B 183 -28.71 -16.45 8.42
CA ILE B 183 -28.53 -15.06 8.76
C ILE B 183 -28.02 -14.24 7.58
N LEU B 184 -27.11 -14.80 6.81
CA LEU B 184 -26.65 -14.09 5.60
C LEU B 184 -27.86 -13.74 4.66
N ILE B 185 -28.76 -14.70 4.51
CA ILE B 185 -29.94 -14.58 3.63
C ILE B 185 -30.87 -13.47 4.13
N LYS B 186 -31.07 -13.43 5.42
CA LYS B 186 -31.91 -12.42 6.00
C LYS B 186 -31.34 -11.05 5.72
N ILE B 187 -30.04 -10.89 5.88
CA ILE B 187 -29.41 -9.59 5.68
C ILE B 187 -29.61 -9.13 4.24
N LEU B 188 -29.35 -10.05 3.32
CA LEU B 188 -29.37 -9.71 1.94
C LEU B 188 -30.79 -9.38 1.52
N ARG B 189 -31.76 -10.07 2.11
CA ARG B 189 -33.16 -9.78 1.82
C ARG B 189 -33.50 -8.37 2.25
N GLY B 190 -32.83 -7.90 3.29
CA GLY B 190 -32.95 -6.51 3.71
C GLY B 190 -32.40 -5.57 2.67
N PHE B 191 -31.47 -6.03 1.85
CA PHE B 191 -30.95 -5.23 0.71
C PHE B 191 -31.96 -5.27 -0.47
N ASP B 192 -33.05 -6.03 -0.29
CA ASP B 192 -34.01 -6.32 -1.34
C ASP B 192 -33.37 -7.04 -2.52
N MET B 193 -32.42 -7.91 -2.24
CA MET B 193 -31.90 -8.81 -3.28
C MET B 193 -32.86 -9.92 -3.38
N LYS B 194 -32.93 -10.51 -4.57
CA LYS B 194 -33.59 -11.78 -4.69
C LYS B 194 -32.56 -12.78 -4.23
N VAL B 195 -32.99 -13.71 -3.42
CA VAL B 195 -32.12 -14.78 -2.95
C VAL B 195 -32.58 -16.16 -3.39
N ILE B 196 -31.64 -16.92 -3.94
CA ILE B 196 -31.84 -18.32 -4.11
C ILE B 196 -30.76 -19.01 -3.32
N ALA B 197 -31.00 -20.27 -2.99
CA ALA B 197 -30.10 -21.03 -2.12
C ALA B 197 -30.11 -22.53 -2.46
N TYR B 198 -29.01 -23.20 -2.10
CA TYR B 198 -28.93 -24.66 -2.22
C TYR B 198 -28.43 -25.23 -0.91
N ASP B 199 -29.12 -26.26 -0.43
CA ASP B 199 -28.69 -26.99 0.73
C ASP B 199 -28.99 -28.45 0.52
N LEU B 200 -28.13 -29.29 1.09
CA LEU B 200 -28.35 -30.73 1.03
C LEU B 200 -29.65 -31.11 1.73
N PHE B 201 -30.04 -30.32 2.74
CA PHE B 201 -31.26 -30.56 3.49
C PHE B 201 -32.09 -29.29 3.59
N PRO B 202 -32.78 -28.98 2.50
CA PRO B 202 -33.46 -27.70 2.44
C PRO B 202 -34.46 -27.59 3.56
N ASN B 203 -34.66 -26.36 4.05
CA ASN B 203 -35.67 -26.12 5.05
C ASN B 203 -36.69 -25.11 4.54
N GLN B 204 -37.77 -25.64 3.98
CA GLN B 204 -38.74 -24.84 3.24
C GLN B 204 -39.38 -23.76 4.12
N LYS B 205 -39.64 -24.09 5.39
CA LYS B 205 -40.27 -23.15 6.36
C LYS B 205 -39.50 -21.85 6.43
N VAL B 206 -38.19 -21.99 6.62
CA VAL B 206 -37.31 -20.85 6.74
C VAL B 206 -37.28 -20.01 5.46
N ALA B 207 -37.23 -20.68 4.32
CA ALA B 207 -37.40 -20.04 3.03
C ALA B 207 -38.68 -19.18 2.92
N ASP B 208 -39.79 -19.64 3.48
CA ASP B 208 -41.04 -18.84 3.48
C ASP B 208 -40.92 -17.64 4.39
N GLU B 209 -40.29 -17.82 5.57
CA GLU B 209 -40.10 -16.70 6.50
C GLU B 209 -39.15 -15.70 5.89
N LEU B 210 -38.05 -16.16 5.31
CA LEU B 210 -37.00 -15.25 4.84
C LEU B 210 -37.30 -14.69 3.45
N GLY B 211 -37.99 -15.42 2.59
CA GLY B 211 -38.38 -14.93 1.25
C GLY B 211 -37.41 -15.36 0.16
N PHE B 212 -36.99 -16.63 0.20
CA PHE B 212 -35.99 -17.14 -0.75
C PHE B 212 -36.38 -18.49 -1.26
N GLU B 213 -35.80 -18.90 -2.37
CA GLU B 213 -36.25 -20.08 -3.09
C GLU B 213 -35.07 -21.07 -3.22
N TYR B 214 -35.26 -22.31 -2.79
CA TYR B 214 -34.27 -23.36 -3.02
C TYR B 214 -34.25 -23.72 -4.48
N VAL B 215 -33.04 -23.96 -4.96
CA VAL B 215 -32.84 -24.35 -6.35
C VAL B 215 -31.69 -25.34 -6.40
N SER B 216 -31.46 -25.95 -7.56
CA SER B 216 -30.32 -26.83 -7.75
C SER B 216 -29.08 -25.96 -7.82
N LEU B 217 -27.92 -26.60 -7.70
CA LEU B 217 -26.66 -25.92 -7.84
C LEU B 217 -26.57 -25.31 -9.22
N ASP B 218 -26.99 -26.03 -10.23
CA ASP B 218 -26.86 -25.49 -11.55
C ASP B 218 -27.67 -24.24 -11.79
N GLU B 219 -28.82 -24.17 -11.14
CA GLU B 219 -29.73 -23.02 -11.32
C GLU B 219 -29.12 -21.82 -10.59
N LEU B 220 -28.60 -22.09 -9.39
CA LEU B 220 -27.82 -21.13 -8.61
C LEU B 220 -26.65 -20.53 -9.42
N TYR B 221 -25.81 -21.40 -10.01
CA TYR B 221 -24.72 -20.93 -10.84
C TYR B 221 -25.22 -20.07 -11.99
N ALA B 222 -26.32 -20.46 -12.63
CA ALA B 222 -26.76 -19.80 -13.85
C ALA B 222 -27.43 -18.48 -13.58
N ASN B 223 -28.06 -18.33 -12.42
CA ASN B 223 -28.79 -17.10 -12.12
C ASN B 223 -28.19 -16.17 -11.09
N SER B 224 -27.07 -16.55 -10.49
CA SER B 224 -26.52 -15.73 -9.41
C SER B 224 -25.53 -14.68 -9.92
N ASP B 225 -25.80 -13.43 -9.53
CA ASP B 225 -24.88 -12.29 -9.68
C ASP B 225 -23.82 -12.32 -8.59
N ILE B 226 -24.17 -12.83 -7.44
CA ILE B 226 -23.31 -12.95 -6.29
C ILE B 226 -23.49 -14.31 -5.67
N ILE B 227 -22.41 -14.99 -5.39
CA ILE B 227 -22.47 -16.35 -4.80
C ILE B 227 -21.61 -16.44 -3.55
N SER B 228 -22.17 -17.01 -2.47
CA SER B 228 -21.46 -17.15 -1.19
C SER B 228 -21.47 -18.58 -0.73
N LEU B 229 -20.32 -19.04 -0.22
CA LEU B 229 -20.17 -20.42 0.25
C LEU B 229 -20.24 -20.43 1.76
N ASN B 230 -21.17 -21.18 2.30
CA ASN B 230 -21.41 -21.26 3.74
C ASN B 230 -21.78 -22.66 4.22
N CYS B 231 -21.31 -23.65 3.50
CA CYS B 231 -21.41 -25.04 3.93
C CYS B 231 -20.07 -25.54 4.47
N PRO B 232 -20.08 -26.67 5.22
CA PRO B 232 -18.83 -27.23 5.73
C PRO B 232 -18.05 -27.87 4.63
N LEU B 233 -16.76 -28.01 4.86
CA LEU B 233 -15.92 -28.82 4.00
C LEU B 233 -16.15 -30.29 4.33
N THR B 234 -16.67 -31.02 3.36
CA THR B 234 -16.80 -32.50 3.43
C THR B 234 -16.23 -33.14 2.17
N LYS B 235 -16.30 -34.46 2.11
CA LYS B 235 -15.99 -35.19 0.88
C LYS B 235 -16.85 -34.75 -0.33
N ASP B 236 -18.10 -34.38 -0.08
CA ASP B 236 -19.02 -33.91 -1.15
C ASP B 236 -18.82 -32.43 -1.56
N THR B 237 -18.30 -31.59 -0.66
CA THR B 237 -18.13 -30.16 -1.00
C THR B 237 -16.70 -29.83 -1.46
N LYS B 238 -15.76 -30.73 -1.24
CA LYS B 238 -14.40 -30.47 -1.65
C LYS B 238 -14.41 -30.16 -3.15
N TYR B 239 -13.83 -29.03 -3.50
CA TYR B 239 -13.71 -28.57 -4.85
C TYR B 239 -15.04 -28.45 -5.60
N MET B 240 -16.11 -28.23 -4.89
CA MET B 240 -17.39 -28.05 -5.52
C MET B 240 -17.38 -26.86 -6.48
N ILE B 241 -16.53 -25.88 -6.20
CA ILE B 241 -16.22 -24.78 -7.11
C ILE B 241 -14.93 -25.08 -7.84
N ASN B 242 -15.08 -25.42 -9.11
CA ASN B 242 -13.95 -25.82 -9.96
C ASN B 242 -14.25 -25.31 -11.36
N ARG B 243 -13.32 -25.53 -12.29
CA ARG B 243 -13.53 -25.04 -13.67
C ARG B 243 -14.90 -25.30 -14.25
N ARG B 244 -15.43 -26.50 -14.01
CA ARG B 244 -16.73 -26.85 -14.58
C ARG B 244 -17.90 -26.08 -13.98
N SER B 245 -17.91 -25.90 -12.66
CA SER B 245 -19.03 -25.20 -12.04
C SER B 245 -18.90 -23.68 -12.31
N MET B 246 -17.67 -23.20 -12.42
CA MET B 246 -17.49 -21.78 -12.69
C MET B 246 -17.88 -21.43 -14.13
N LEU B 247 -17.75 -22.36 -15.05
CA LEU B 247 -18.23 -22.14 -16.42
C LEU B 247 -19.72 -21.91 -16.48
N LYS B 248 -20.45 -22.37 -15.48
CA LYS B 248 -21.88 -22.19 -15.48
C LYS B 248 -22.31 -20.87 -14.88
N MET B 249 -21.40 -20.17 -14.22
CA MET B 249 -21.74 -18.91 -13.59
C MET B 249 -21.88 -17.82 -14.62
N LYS B 250 -22.56 -16.76 -14.24
CA LYS B 250 -22.61 -15.56 -15.05
C LYS B 250 -21.25 -14.90 -15.12
N ASP B 251 -20.89 -14.43 -16.31
CA ASP B 251 -19.69 -13.59 -16.46
C ASP B 251 -19.83 -12.38 -15.55
N GLY B 252 -18.80 -12.10 -14.77
CA GLY B 252 -18.84 -10.97 -13.87
C GLY B 252 -19.41 -11.33 -12.52
N VAL B 253 -19.58 -12.61 -12.25
CA VAL B 253 -20.07 -13.06 -10.98
C VAL B 253 -19.09 -12.65 -9.86
N ILE B 254 -19.67 -12.27 -8.72
CA ILE B 254 -18.91 -11.95 -7.55
C ILE B 254 -19.04 -13.10 -6.63
N LEU B 255 -17.90 -13.66 -6.25
CA LEU B 255 -17.84 -14.89 -5.47
C LEU B 255 -17.16 -14.58 -4.13
N VAL B 256 -17.70 -15.11 -3.03
CA VAL B 256 -17.11 -14.91 -1.74
C VAL B 256 -17.10 -16.22 -0.98
N ASN B 257 -15.95 -16.50 -0.35
CA ASN B 257 -15.79 -17.73 0.41
C ASN B 257 -15.32 -17.52 1.84
N THR B 258 -16.20 -17.65 2.80
CA THR B 258 -15.84 -17.62 4.24
C THR B 258 -16.10 -18.96 4.88
N GLY B 259 -16.21 -19.99 4.03
CA GLY B 259 -16.38 -21.37 4.50
C GLY B 259 -15.03 -22.04 4.80
N ARG B 260 -14.53 -22.80 3.84
CA ARG B 260 -13.26 -23.47 3.94
C ARG B 260 -12.59 -23.37 2.58
N GLY B 261 -11.27 -23.35 2.59
CA GLY B 261 -10.51 -23.08 1.38
C GLY B 261 -10.68 -24.19 0.37
N MET B 262 -10.84 -25.41 0.88
CA MET B 262 -10.89 -26.59 0.02
C MET B 262 -12.20 -26.64 -0.77
N LEU B 263 -13.15 -25.75 -0.46
CA LEU B 263 -14.34 -25.66 -1.28
C LEU B 263 -14.04 -25.21 -2.73
N ILE B 264 -12.90 -24.55 -2.93
CA ILE B 264 -12.53 -24.02 -4.23
C ILE B 264 -11.24 -24.63 -4.76
N ASP B 265 -11.30 -25.14 -5.99
CA ASP B 265 -10.08 -25.54 -6.64
C ASP B 265 -9.41 -24.22 -7.05
N SER B 266 -8.35 -23.87 -6.35
CA SER B 266 -7.79 -22.52 -6.41
C SER B 266 -7.15 -22.30 -7.77
N ALA B 267 -6.49 -23.34 -8.30
CA ALA B 267 -5.88 -23.29 -9.63
C ALA B 267 -6.92 -22.95 -10.73
N ASP B 268 -8.10 -23.57 -10.63
CA ASP B 268 -9.23 -23.24 -11.52
C ASP B 268 -9.74 -21.82 -11.28
N LEU B 269 -9.73 -21.38 -10.02
CA LEU B 269 -10.09 -19.99 -9.72
C LEU B 269 -9.19 -19.02 -10.43
N VAL B 270 -7.90 -19.28 -10.43
CA VAL B 270 -6.93 -18.43 -11.13
C VAL B 270 -7.22 -18.34 -12.62
N GLU B 271 -7.56 -19.47 -13.24
CA GLU B 271 -8.00 -19.49 -14.64
C GLU B 271 -9.30 -18.76 -14.87
N ALA B 272 -10.29 -18.98 -13.99
CA ALA B 272 -11.60 -18.31 -14.18
C ALA B 272 -11.49 -16.79 -13.94
N LEU B 273 -10.46 -16.37 -13.18
CA LEU B 273 -10.13 -14.92 -13.06
C LEU B 273 -9.47 -14.39 -14.34
N LYS B 274 -8.50 -15.16 -14.83
CA LYS B 274 -7.87 -14.80 -16.07
C LYS B 274 -8.84 -14.77 -17.26
N ASP B 275 -9.81 -15.68 -17.29
CA ASP B 275 -10.86 -15.67 -18.31
C ASP B 275 -11.94 -14.63 -18.16
N LYS B 276 -11.87 -13.91 -17.06
CA LYS B 276 -12.86 -12.90 -16.75
C LYS B 276 -14.26 -13.51 -16.63
N LYS B 277 -14.33 -14.78 -16.27
CA LYS B 277 -15.59 -15.34 -15.81
C LYS B 277 -15.92 -14.67 -14.45
N ILE B 278 -14.93 -14.62 -13.56
CA ILE B 278 -15.11 -14.13 -12.20
C ILE B 278 -14.93 -12.62 -12.20
N GLY B 279 -16.00 -11.90 -11.90
CA GLY B 279 -15.93 -10.42 -11.76
C GLY B 279 -15.05 -9.98 -10.59
N ALA B 280 -15.24 -10.57 -9.41
CA ALA B 280 -14.35 -10.28 -8.26
C ALA B 280 -14.51 -11.41 -7.28
N VAL B 281 -13.51 -11.63 -6.47
CA VAL B 281 -13.63 -12.68 -5.48
C VAL B 281 -13.01 -12.25 -4.18
N ALA B 282 -13.67 -12.59 -3.08
CA ALA B 282 -13.14 -12.43 -1.74
C ALA B 282 -12.99 -13.75 -1.07
N LEU B 283 -11.77 -14.04 -0.64
CA LEU B 283 -11.46 -15.30 0.02
C LEU B 283 -10.98 -15.02 1.40
N ASP B 284 -11.71 -15.48 2.41
CA ASP B 284 -11.27 -15.42 3.82
C ASP B 284 -10.54 -16.71 4.21
N VAL B 285 -10.56 -17.69 3.33
CA VAL B 285 -9.97 -18.98 3.60
C VAL B 285 -9.34 -19.42 2.32
N TYR B 286 -8.40 -20.34 2.41
CA TYR B 286 -7.64 -20.74 1.24
C TYR B 286 -7.15 -22.16 1.44
N GLU B 287 -7.15 -22.92 0.35
CA GLU B 287 -7.05 -24.35 0.46
C GLU B 287 -5.74 -24.79 1.14
N GLU B 288 -4.66 -24.06 0.94
CA GLU B 288 -3.34 -24.38 1.54
C GLU B 288 -2.94 -23.27 2.52
N GLU B 289 -3.91 -22.82 3.29
CA GLU B 289 -3.67 -21.67 4.16
C GLU B 289 -2.89 -22.01 5.42
N GLU B 290 -2.65 -23.29 5.68
CA GLU B 290 -2.32 -23.71 7.04
C GLU B 290 -0.98 -23.21 7.51
N ASN B 291 -0.02 -23.08 6.60
CA ASN B 291 1.27 -22.55 7.02
C ASN B 291 1.42 -21.03 6.85
N TYR B 292 0.35 -20.37 6.43
CA TYR B 292 0.41 -18.97 6.16
C TYR B 292 -0.49 -18.17 7.09
N PHE B 293 -1.77 -18.51 7.08
CA PHE B 293 -2.78 -17.68 7.73
C PHE B 293 -2.51 -17.52 9.19
N PHE B 294 -2.84 -16.34 9.70
CA PHE B 294 -2.59 -15.93 11.06
C PHE B 294 -1.13 -15.58 11.37
N GLU B 295 -0.22 -15.75 10.41
CA GLU B 295 1.20 -15.50 10.63
C GLU B 295 1.70 -14.40 9.70
N ASP B 296 2.61 -13.59 10.24
CA ASP B 296 3.23 -12.57 9.45
C ASP B 296 4.41 -13.15 8.68
N LYS B 297 4.18 -13.39 7.39
CA LYS B 297 5.10 -13.95 6.47
C LYS B 297 5.67 -12.88 5.57
N SER B 298 5.75 -11.63 6.02
CA SER B 298 6.11 -10.53 5.12
C SER B 298 7.61 -10.38 4.93
N THR B 299 8.41 -11.13 5.67
CA THR B 299 9.84 -11.07 5.54
C THR B 299 10.38 -12.40 5.01
N GLN B 300 9.58 -13.15 4.30
CA GLN B 300 10.10 -14.35 3.62
C GLN B 300 9.28 -14.67 2.41
N VAL B 301 9.79 -15.59 1.64
CA VAL B 301 9.16 -16.00 0.41
C VAL B 301 7.90 -16.75 0.74
N ILE B 302 6.81 -16.43 0.05
CA ILE B 302 5.60 -17.25 0.05
C ILE B 302 5.85 -18.31 -1.02
N GLU B 303 5.97 -19.56 -0.62
CA GLU B 303 6.39 -20.62 -1.53
C GLU B 303 5.23 -21.18 -2.37
N ASP B 304 4.00 -21.06 -1.88
CA ASP B 304 2.82 -21.55 -2.59
C ASP B 304 2.56 -20.59 -3.73
N ASP B 305 2.65 -21.12 -4.93
CA ASP B 305 2.59 -20.34 -6.14
C ASP B 305 1.23 -19.76 -6.37
N ILE B 306 0.20 -20.53 -6.05
CA ILE B 306 -1.17 -20.10 -6.35
C ILE B 306 -1.54 -18.96 -5.41
N LEU B 307 -1.13 -19.08 -4.16
CA LEU B 307 -1.38 -18.01 -3.21
C LEU B 307 -0.68 -16.73 -3.66
N GLY B 308 0.57 -16.81 -4.03
CA GLY B 308 1.25 -15.62 -4.53
C GLY B 308 0.55 -14.99 -5.71
N ARG B 309 0.19 -15.83 -6.66
CA ARG B 309 -0.47 -15.34 -7.87
C ARG B 309 -1.83 -14.74 -7.55
N LEU B 310 -2.57 -15.33 -6.61
CA LEU B 310 -3.89 -14.78 -6.24
C LEU B 310 -3.77 -13.39 -5.61
N LEU B 311 -2.68 -13.18 -4.89
CA LEU B 311 -2.40 -11.88 -4.31
C LEU B 311 -2.13 -10.81 -5.35
N SER B 312 -1.83 -11.14 -6.60
CA SER B 312 -1.45 -10.11 -7.60
C SER B 312 -2.62 -9.68 -8.49
N PHE B 313 -3.79 -10.26 -8.29
CA PHE B 313 -4.97 -9.91 -9.07
C PHE B 313 -5.67 -8.68 -8.51
N TYR B 314 -5.94 -7.73 -9.38
CA TYR B 314 -6.66 -6.50 -9.02
C TYR B 314 -8.02 -6.76 -8.36
N ASN B 315 -8.65 -7.91 -8.62
CA ASN B 315 -10.01 -8.17 -8.17
C ASN B 315 -10.12 -9.39 -7.24
N VAL B 316 -9.03 -9.73 -6.61
CA VAL B 316 -9.01 -10.68 -5.52
C VAL B 316 -8.73 -9.95 -4.22
N LEU B 317 -9.59 -10.22 -3.23
CA LEU B 317 -9.43 -9.77 -1.85
C LEU B 317 -9.26 -10.99 -0.96
N ILE B 318 -8.08 -11.12 -0.39
CA ILE B 318 -7.80 -12.15 0.57
C ILE B 318 -7.62 -11.55 1.98
N THR B 319 -8.31 -12.15 2.95
CA THR B 319 -8.15 -11.78 4.35
C THR B 319 -7.86 -13.10 5.05
N SER B 320 -7.07 -13.05 6.10
CA SER B 320 -6.56 -14.25 6.77
C SER B 320 -7.53 -14.84 7.78
N HIS B 321 -8.64 -15.37 7.27
CA HIS B 321 -9.54 -16.21 8.05
C HIS B 321 -10.00 -15.50 9.28
N GLN B 322 -10.52 -14.30 9.08
CA GLN B 322 -10.95 -13.45 10.18
C GLN B 322 -12.46 -13.22 10.22
N ALA B 323 -13.23 -14.00 9.45
CA ALA B 323 -14.71 -13.84 9.49
C ALA B 323 -15.27 -14.06 10.88
N TYR B 324 -14.64 -14.96 11.63
CA TYR B 324 -15.08 -15.29 12.96
C TYR B 324 -14.63 -14.29 13.96
N PHE B 325 -13.76 -13.35 13.56
CA PHE B 325 -12.94 -12.62 14.54
C PHE B 325 -13.59 -11.35 15.09
N THR B 326 -14.49 -11.54 16.06
CA THR B 326 -15.06 -10.44 16.78
C THR B 326 -14.91 -10.71 18.24
N LYS B 327 -15.10 -9.67 19.06
CA LYS B 327 -14.97 -9.83 20.49
C LYS B 327 -16.07 -10.77 21.07
N GLU B 328 -17.29 -10.70 20.55
CA GLU B 328 -18.36 -11.59 21.02
C GLU B 328 -18.07 -13.01 20.63
N ALA B 329 -17.65 -13.19 19.39
CA ALA B 329 -17.34 -14.53 18.94
C ALA B 329 -16.17 -15.13 19.78
N VAL B 330 -15.11 -14.34 20.01
CA VAL B 330 -13.89 -14.88 20.64
C VAL B 330 -14.18 -15.15 22.10
N GLY B 331 -15.01 -14.29 22.69
CA GLY B 331 -15.47 -14.46 24.05
C GLY B 331 -16.22 -15.75 24.21
N ALA B 332 -17.17 -16.00 23.32
CA ALA B 332 -18.02 -17.18 23.43
C ALA B 332 -17.25 -18.46 23.15
N ILE B 333 -16.30 -18.42 22.22
CA ILE B 333 -15.42 -19.55 21.98
C ILE B 333 -14.63 -19.92 23.22
N THR B 334 -14.17 -18.92 23.96
CA THR B 334 -13.35 -19.19 25.11
C THR B 334 -14.18 -19.84 26.21
N VAL B 335 -15.32 -19.24 26.51
CA VAL B 335 -16.22 -19.71 27.55
C VAL B 335 -16.81 -21.05 27.21
N THR B 336 -17.29 -21.22 25.99
CA THR B 336 -17.87 -22.49 25.61
C THR B 336 -16.81 -23.59 25.61
N THR B 337 -15.59 -23.25 25.20
CA THR B 337 -14.48 -24.22 25.21
C THR B 337 -14.15 -24.63 26.64
N LEU B 338 -14.09 -23.66 27.54
CA LEU B 338 -13.75 -23.96 28.94
C LEU B 338 -14.86 -24.82 29.59
N ASN B 339 -16.10 -24.50 29.25
CA ASN B 339 -17.23 -25.27 29.75
C ASN B 339 -17.32 -26.63 29.09
N ASN B 340 -17.04 -26.72 27.81
CA ASN B 340 -16.93 -28.05 27.22
C ASN B 340 -16.02 -28.95 28.07
N ILE B 341 -14.88 -28.38 28.47
CA ILE B 341 -13.86 -29.13 29.21
C ILE B 341 -14.29 -29.41 30.64
N LYS B 342 -14.85 -28.41 31.31
CA LYS B 342 -15.38 -28.64 32.63
C LYS B 342 -16.44 -29.76 32.57
N ASP B 343 -17.36 -29.67 31.61
CA ASP B 343 -18.43 -30.65 31.46
C ASP B 343 -17.93 -32.06 31.21
N PHE B 344 -16.79 -32.18 30.55
CA PHE B 344 -16.27 -33.48 30.26
C PHE B 344 -15.71 -34.06 31.55
N VAL B 345 -14.84 -33.30 32.23
CA VAL B 345 -14.20 -33.78 33.47
C VAL B 345 -15.18 -34.14 34.61
N GLU B 346 -16.35 -33.52 34.62
CA GLU B 346 -17.36 -33.80 35.61
C GLU B 346 -18.37 -34.86 35.16
N GLY B 347 -18.08 -35.57 34.05
CA GLY B 347 -18.96 -36.65 33.58
C GLY B 347 -20.34 -36.15 33.21
N ARG B 348 -20.44 -34.93 32.75
CA ARG B 348 -21.70 -34.42 32.30
C ARG B 348 -21.89 -34.75 30.84
N PRO B 349 -23.14 -34.68 30.39
CA PRO B 349 -23.39 -34.97 28.97
C PRO B 349 -22.78 -33.89 28.11
N LEU B 350 -22.11 -34.31 27.04
CA LEU B 350 -21.40 -33.39 26.13
C LEU B 350 -22.25 -32.82 25.00
N VAL B 351 -22.87 -31.70 25.27
CA VAL B 351 -23.77 -31.03 24.35
C VAL B 351 -23.08 -30.64 23.04
N ASN B 352 -21.77 -30.38 23.08
CA ASN B 352 -21.07 -29.97 21.88
C ASN B 352 -20.12 -31.03 21.33
N GLU B 353 -20.41 -32.29 21.63
CA GLU B 353 -19.66 -33.37 21.05
C GLU B 353 -19.81 -33.32 19.53
N VAL B 354 -18.72 -33.68 18.87
CA VAL B 354 -18.69 -33.94 17.46
C VAL B 354 -18.79 -35.47 17.28
N PRO B 355 -19.94 -35.97 16.81
CA PRO B 355 -20.08 -37.44 16.79
C PRO B 355 -19.07 -38.07 15.84
N GLN B 356 -18.42 -39.13 16.31
CA GLN B 356 -17.46 -39.88 15.47
C GLN B 356 -18.02 -41.22 14.95
N ILE C 30 21.50 -4.95 32.74
CA ILE C 30 20.08 -4.49 32.40
C ILE C 30 19.94 -3.69 31.08
N PHE C 31 19.22 -4.26 30.11
CA PHE C 31 19.07 -3.69 28.73
C PHE C 31 17.67 -3.10 28.51
N PHE C 32 17.59 -1.85 28.04
CA PHE C 32 16.31 -1.21 27.69
C PHE C 32 16.03 -1.12 26.18
N ASP C 33 14.74 -0.95 25.85
CA ASP C 33 14.30 -0.75 24.48
C ASP C 33 14.72 -1.91 23.57
N ILE C 34 14.65 -3.14 24.07
CA ILE C 34 15.12 -4.32 23.34
C ILE C 34 14.07 -4.89 22.41
N LYS C 35 14.52 -5.31 21.23
CA LYS C 35 13.69 -6.00 20.26
C LYS C 35 14.31 -7.36 20.03
N ASP C 36 13.55 -8.26 19.41
CA ASP C 36 14.07 -9.61 19.21
C ASP C 36 15.40 -9.68 18.45
N TYR C 37 15.61 -8.80 17.48
CA TYR C 37 16.88 -8.80 16.77
C TYR C 37 18.01 -8.47 17.75
N ASP C 38 17.79 -7.51 18.66
CA ASP C 38 18.81 -7.14 19.65
C ASP C 38 19.14 -8.32 20.56
N LYS C 39 18.09 -8.93 21.11
CA LYS C 39 18.20 -10.05 22.03
C LYS C 39 18.95 -11.23 21.41
N GLU C 40 18.57 -11.66 20.20
CA GLU C 40 19.23 -12.82 19.55
C GLU C 40 20.73 -12.60 19.39
N PHE C 41 21.11 -11.39 18.98
CA PHE C 41 22.53 -11.01 18.84
C PHE C 41 23.28 -11.02 20.17
N PHE C 42 22.67 -10.42 21.20
CA PHE C 42 23.30 -10.33 22.50
C PHE C 42 23.43 -11.71 23.16
N LYS C 43 22.46 -12.61 22.95
CA LYS C 43 22.53 -13.99 23.47
C LYS C 43 23.58 -14.81 22.73
N LYS C 44 23.56 -14.75 21.40
CA LYS C 44 24.53 -15.48 20.58
C LYS C 44 25.95 -15.09 20.95
N TYR C 45 26.26 -13.80 20.89
CA TYR C 45 27.63 -13.34 21.15
C TYR C 45 27.97 -13.30 22.61
N GLY C 46 26.99 -13.30 23.47
CA GLY C 46 27.30 -13.16 24.87
C GLY C 46 27.61 -14.49 25.51
N ALA C 47 27.31 -15.54 24.77
CA ALA C 47 27.40 -16.88 25.28
C ALA C 47 28.83 -17.35 25.35
N ASP C 48 29.73 -16.40 25.38
CA ASP C 48 31.14 -16.68 25.52
C ASP C 48 31.56 -15.98 26.78
N TYR C 49 30.89 -14.87 27.08
CA TYR C 49 31.21 -13.94 28.17
C TYR C 49 30.53 -14.46 29.44
N ASN C 50 31.06 -14.11 30.61
CA ASN C 50 30.47 -14.58 31.89
C ASN C 50 29.45 -13.58 32.50
N PHE C 51 28.38 -13.32 31.75
CA PHE C 51 27.40 -12.27 32.11
C PHE C 51 26.01 -12.80 32.43
N GLU C 52 25.28 -12.13 33.30
CA GLU C 52 23.86 -12.40 33.28
C GLU C 52 23.16 -11.14 32.79
N MET C 53 22.44 -11.32 31.71
CA MET C 53 21.79 -10.22 31.05
C MET C 53 20.29 -10.28 31.14
N THR C 54 19.71 -9.16 31.54
CA THR C 54 18.26 -9.03 31.58
C THR C 54 17.76 -8.06 30.50
N PHE C 55 16.73 -8.48 29.77
CA PHE C 55 16.21 -7.73 28.62
C PHE C 55 14.85 -7.13 28.93
N LEU C 56 14.72 -5.80 28.77
CA LEU C 56 13.42 -5.14 28.84
C LEU C 56 13.03 -4.51 27.51
N LYS C 57 11.73 -4.55 27.24
CA LYS C 57 11.15 -3.95 26.03
C LYS C 57 11.02 -2.43 26.16
N VAL C 58 10.69 -1.96 27.33
CA VAL C 58 10.39 -0.56 27.54
C VAL C 58 11.62 0.38 27.40
N ARG C 59 11.36 1.61 26.95
CA ARG C 59 12.41 2.61 26.86
C ARG C 59 12.85 3.00 28.28
N LEU C 60 14.08 3.47 28.42
CA LEU C 60 14.57 4.01 29.69
C LEU C 60 14.21 5.47 29.79
N THR C 61 13.30 5.78 30.72
CA THR C 61 12.84 7.12 31.02
C THR C 61 12.85 7.27 32.57
N GLU C 62 12.42 8.44 33.06
CA GLU C 62 12.26 8.62 34.50
C GLU C 62 11.22 7.66 35.12
N GLU C 63 10.18 7.29 34.36
CA GLU C 63 9.18 6.32 34.84
C GLU C 63 9.73 4.91 34.99
N THR C 64 10.77 4.55 34.24
CA THR C 64 11.26 3.17 34.25
C THR C 64 12.62 3.06 34.88
N ALA C 65 13.22 4.19 35.23
CA ALA C 65 14.56 4.18 35.79
C ALA C 65 14.67 3.33 37.08
N ASN C 66 13.61 3.30 37.87
CA ASN C 66 13.55 2.47 39.07
C ASN C 66 13.88 1.00 38.79
N LEU C 67 13.67 0.52 37.57
CA LEU C 67 13.90 -0.89 37.26
C LEU C 67 15.37 -1.24 37.17
N THR C 68 16.24 -0.24 37.25
CA THR C 68 17.67 -0.48 37.27
C THR C 68 18.19 -1.00 38.64
N LYS C 69 17.32 -1.09 39.66
CA LYS C 69 17.73 -1.43 41.02
C LYS C 69 18.28 -2.83 41.11
N GLY C 70 19.50 -2.95 41.62
CA GLY C 70 20.18 -4.22 41.75
C GLY C 70 21.08 -4.58 40.58
N TYR C 71 21.19 -3.70 39.58
CA TYR C 71 22.08 -3.93 38.42
C TYR C 71 23.35 -3.05 38.44
N ASP C 72 24.40 -3.48 37.75
CA ASP C 72 25.63 -2.68 37.56
C ASP C 72 25.79 -2.14 36.16
N VAL C 73 25.27 -2.87 35.19
CA VAL C 73 25.31 -2.48 33.80
C VAL C 73 23.92 -2.14 33.34
N VAL C 74 23.74 -0.86 32.95
CA VAL C 74 22.53 -0.41 32.25
C VAL C 74 22.94 -0.12 30.77
N CYS C 75 22.29 -0.80 29.84
CA CYS C 75 22.54 -0.63 28.41
C CYS C 75 21.36 0.12 27.82
N GLY C 76 21.64 1.34 27.35
CA GLY C 76 20.65 2.23 26.78
C GLY C 76 20.86 2.41 25.28
N PHE C 77 19.87 3.00 24.63
CA PHE C 77 19.81 3.14 23.17
C PHE C 77 19.31 4.56 22.82
N ALA C 78 19.27 4.90 21.54
CA ALA C 78 19.25 6.29 21.13
C ALA C 78 18.03 7.08 21.55
N ASN C 79 16.93 6.40 21.85
CA ASN C 79 15.65 7.09 22.13
C ASN C 79 15.26 7.03 23.59
N ASP C 80 16.17 6.53 24.43
CA ASP C 80 15.94 6.59 25.85
C ASP C 80 16.01 8.04 26.31
N ASN C 81 15.15 8.40 27.25
CA ASN C 81 15.24 9.71 27.88
C ASN C 81 16.13 9.63 29.13
N ILE C 82 17.42 9.84 28.93
CA ILE C 82 18.41 9.77 30.01
C ILE C 82 18.74 11.21 30.46
N ASN C 83 17.68 11.88 30.95
CA ASN C 83 17.75 13.19 31.60
C ASN C 83 18.26 13.12 33.07
N LYS C 84 18.30 14.25 33.77
CA LYS C 84 18.77 14.27 35.17
C LYS C 84 18.00 13.33 36.11
N GLU C 85 16.66 13.30 36.02
CA GLU C 85 15.83 12.49 36.94
C GLU C 85 16.19 11.03 36.79
N THR C 86 16.30 10.60 35.54
CA THR C 86 16.72 9.23 35.20
C THR C 86 18.13 8.95 35.74
N ILE C 87 19.04 9.89 35.51
CA ILE C 87 20.44 9.76 35.95
C ILE C 87 20.54 9.71 37.47
N ASP C 88 19.76 10.56 38.15
CA ASP C 88 19.77 10.61 39.61
C ASP C 88 19.31 9.27 40.17
N ILE C 89 18.18 8.76 39.68
CA ILE C 89 17.63 7.47 40.11
C ILE C 89 18.61 6.34 39.85
N MET C 90 19.36 6.46 38.77
CA MET C 90 20.35 5.44 38.43
C MET C 90 21.56 5.43 39.38
N ALA C 91 22.12 6.61 39.65
CA ALA C 91 23.26 6.74 40.56
C ALA C 91 22.83 6.31 41.95
N GLU C 92 21.66 6.79 42.38
CA GLU C 92 21.03 6.33 43.64
C GLU C 92 20.97 4.80 43.79
N ASN C 93 20.66 4.10 42.71
CA ASN C 93 20.58 2.63 42.70
C ASN C 93 21.95 1.95 42.56
N GLY C 94 23.01 2.77 42.52
CA GLY C 94 24.40 2.29 42.52
C GLY C 94 24.91 1.87 41.16
N ILE C 95 24.43 2.50 40.11
CA ILE C 95 24.75 2.08 38.77
C ILE C 95 26.20 2.41 38.50
N LYS C 96 26.94 1.44 37.97
CA LYS C 96 28.38 1.61 37.75
C LYS C 96 28.68 2.09 36.33
N LEU C 97 27.91 1.61 35.34
CA LEU C 97 28.21 1.86 33.93
C LEU C 97 26.96 2.05 33.11
N LEU C 98 26.96 3.08 32.29
CA LEU C 98 25.91 3.27 31.32
C LEU C 98 26.53 2.92 29.98
N ALA C 99 26.06 1.83 29.36
CA ALA C 99 26.56 1.42 28.06
C ALA C 99 25.53 1.70 26.94
N MET C 100 25.91 2.59 26.02
CA MET C 100 25.04 2.99 24.93
C MET C 100 25.34 2.16 23.68
N ARG C 101 24.36 1.38 23.26
CA ARG C 101 24.52 0.49 22.10
C ARG C 101 24.21 1.30 20.82
N CYS C 102 24.87 2.45 20.73
CA CYS C 102 24.72 3.37 19.61
C CYS C 102 25.87 4.38 19.64
N ALA C 103 26.00 5.17 18.56
CA ALA C 103 27.05 6.19 18.45
C ALA C 103 26.61 7.54 18.99
N GLY C 104 25.30 7.79 18.98
CA GLY C 104 24.75 9.06 19.45
C GLY C 104 24.52 9.04 20.95
N PHE C 105 24.69 10.21 21.55
CA PHE C 105 24.58 10.37 22.99
C PHE C 105 23.92 11.71 23.38
N ASN C 106 23.33 12.41 22.40
CA ASN C 106 22.61 13.67 22.66
C ASN C 106 21.49 13.55 23.74
N ASN C 107 20.95 12.32 23.89
CA ASN C 107 19.84 12.03 24.81
C ASN C 107 20.28 11.69 26.26
N VAL C 108 21.57 11.81 26.55
CA VAL C 108 22.06 11.59 27.88
C VAL C 108 22.66 12.86 28.42
N SER C 109 22.00 13.48 29.40
CA SER C 109 22.40 14.77 29.98
C SER C 109 23.73 14.62 30.77
N LEU C 110 24.85 14.63 30.03
CA LEU C 110 26.18 14.26 30.55
C LEU C 110 26.64 15.04 31.79
N LYS C 111 26.34 16.34 31.82
CA LYS C 111 26.74 17.22 32.94
C LYS C 111 26.16 16.72 34.28
N ASP C 112 24.98 16.09 34.22
CA ASP C 112 24.27 15.61 35.39
C ASP C 112 24.80 14.28 35.92
N VAL C 113 25.57 13.53 35.13
CA VAL C 113 26.13 12.27 35.62
C VAL C 113 27.05 12.51 36.83
N ASN C 114 27.88 13.54 36.73
CA ASN C 114 28.83 13.94 37.74
C ASN C 114 29.91 12.90 38.07
N GLU C 115 30.20 12.03 37.11
CA GLU C 115 31.15 10.91 37.27
C GLU C 115 30.72 9.87 38.35
N ARG C 116 29.42 9.85 38.66
CA ARG C 116 28.86 8.89 39.60
C ARG C 116 28.74 7.52 38.96
N PHE C 117 28.83 7.51 37.63
CA PHE C 117 29.06 6.31 36.85
C PHE C 117 29.71 6.70 35.52
N LYS C 118 30.20 5.71 34.78
CA LYS C 118 30.83 5.95 33.49
C LYS C 118 29.85 5.74 32.33
N VAL C 119 30.12 6.42 31.23
CA VAL C 119 29.34 6.29 30.00
C VAL C 119 30.24 5.82 28.85
N VAL C 120 29.86 4.70 28.21
CA VAL C 120 30.50 4.20 27.00
C VAL C 120 29.50 4.08 25.83
N ARG C 121 30.00 4.25 24.62
CA ARG C 121 29.16 4.16 23.41
C ARG C 121 29.88 3.26 22.42
N VAL C 122 29.24 2.98 21.30
CA VAL C 122 29.93 2.34 20.20
C VAL C 122 30.06 3.36 19.10
N PRO C 123 31.24 3.98 18.97
CA PRO C 123 31.39 5.12 18.06
C PRO C 123 31.53 4.83 16.57
N ALA C 124 32.08 3.69 16.19
CA ALA C 124 32.46 3.50 14.79
C ALA C 124 32.07 2.13 14.27
N TYR C 125 30.94 1.61 14.71
CA TYR C 125 30.54 0.28 14.30
C TYR C 125 30.41 0.16 12.77
N SER C 126 29.76 1.13 12.13
CA SER C 126 29.78 1.22 10.66
C SER C 126 29.27 2.56 10.12
N PRO C 127 30.17 3.53 9.94
CA PRO C 127 29.81 4.76 9.28
C PRO C 127 29.30 4.51 7.86
N HIS C 128 29.77 3.43 7.24
CA HIS C 128 29.32 3.06 5.90
C HIS C 128 27.83 2.75 5.86
N ALA C 129 27.32 2.05 6.86
CA ALA C 129 25.93 1.70 6.95
C ALA C 129 25.03 2.93 6.79
N ILE C 130 25.34 3.99 7.52
CA ILE C 130 24.55 5.19 7.48
C ILE C 130 24.80 5.98 6.19
N ALA C 131 26.05 6.08 5.77
CA ALA C 131 26.32 6.85 4.58
C ALA C 131 25.67 6.21 3.42
N GLU C 132 25.83 4.90 3.29
CA GLU C 132 25.18 4.16 2.19
C GLU C 132 23.66 4.32 2.19
N TYR C 133 23.04 4.18 3.37
CA TYR C 133 21.61 4.35 3.52
C TYR C 133 21.15 5.74 3.08
N THR C 134 21.95 6.75 3.43
CA THR C 134 21.67 8.12 3.03
C THR C 134 21.61 8.21 1.54
N VAL C 135 22.57 7.61 0.85
CA VAL C 135 22.52 7.63 -0.63
C VAL C 135 21.28 6.88 -1.16
N GLY C 136 20.92 5.80 -0.49
CA GLY C 136 19.68 5.07 -0.84
C GLY C 136 18.48 5.98 -0.78
N LEU C 137 18.41 6.76 0.29
CA LEU C 137 17.26 7.67 0.51
C LEU C 137 17.20 8.78 -0.51
N ILE C 138 18.35 9.41 -0.74
CA ILE C 138 18.42 10.42 -1.80
C ILE C 138 17.80 9.89 -3.09
N LEU C 139 18.24 8.73 -3.52
CA LEU C 139 17.85 8.18 -4.81
C LEU C 139 16.41 7.72 -4.78
N ALA C 140 15.97 7.26 -3.62
CA ALA C 140 14.58 6.78 -3.48
C ALA C 140 13.63 7.94 -3.66
N VAL C 141 13.94 9.08 -3.03
CA VAL C 141 12.99 10.22 -3.15
C VAL C 141 13.17 11.00 -4.46
N ASN C 142 14.38 11.03 -4.99
CA ASN C 142 14.61 11.59 -6.29
C ASN C 142 13.98 10.79 -7.43
N ARG C 143 14.14 9.49 -7.43
CA ARG C 143 13.69 8.65 -8.51
C ARG C 143 12.37 7.94 -8.22
N LYS C 144 11.82 8.25 -7.07
CA LYS C 144 10.52 7.81 -6.68
C LYS C 144 10.42 6.31 -6.58
N ILE C 145 11.43 5.66 -6.05
CA ILE C 145 11.46 4.24 -6.07
C ILE C 145 10.36 3.66 -5.17
N ASN C 146 10.12 4.29 -4.02
CA ASN C 146 9.14 3.79 -3.09
C ASN C 146 7.73 3.91 -3.68
N LYS C 147 7.49 4.99 -4.41
CA LYS C 147 6.20 5.19 -5.00
C LYS C 147 6.04 4.21 -6.18
N ALA C 148 7.12 3.97 -6.90
CA ALA C 148 7.11 3.02 -7.99
C ALA C 148 6.68 1.63 -7.52
N TYR C 149 7.23 1.21 -6.41
CA TYR C 149 6.94 -0.11 -5.81
C TYR C 149 5.48 -0.25 -5.45
N VAL C 150 4.92 0.77 -4.79
CA VAL C 150 3.50 0.75 -4.43
C VAL C 150 2.66 0.69 -5.69
N ARG C 151 3.02 1.41 -6.74
CA ARG C 151 2.23 1.35 -7.98
C ARG C 151 2.31 -0.04 -8.64
N THR C 152 3.52 -0.57 -8.83
CA THR C 152 3.63 -1.77 -9.62
C THR C 152 2.99 -2.93 -8.87
N ARG C 153 3.11 -2.94 -7.54
CA ARG C 153 2.40 -3.94 -6.72
C ARG C 153 0.87 -4.03 -7.05
N GLU C 154 0.21 -2.90 -7.29
CA GLU C 154 -1.20 -2.86 -7.73
C GLU C 154 -1.34 -2.98 -9.27
N GLY C 155 -0.24 -3.27 -9.98
CA GLY C 155 -0.32 -3.42 -11.43
C GLY C 155 -0.47 -2.07 -12.16
N ASN C 156 -0.09 -0.98 -11.48
CA ASN C 156 0.01 0.31 -12.14
C ASN C 156 1.44 0.55 -12.61
N PHE C 157 1.68 0.34 -13.90
CA PHE C 157 3.03 0.45 -14.47
C PHE C 157 3.24 1.84 -15.14
N SER C 158 2.29 2.73 -14.95
CA SER C 158 2.47 4.12 -15.41
C SER C 158 3.59 4.80 -14.61
N ILE C 159 4.42 5.60 -15.29
CA ILE C 159 5.57 6.22 -14.64
C ILE C 159 5.38 7.71 -14.66
N ASN C 160 4.17 8.15 -14.91
CA ASN C 160 3.88 9.59 -14.90
C ASN C 160 4.09 10.10 -13.50
N GLY C 161 4.78 11.20 -13.40
CA GLY C 161 5.14 11.81 -12.08
C GLY C 161 6.37 11.20 -11.44
N LEU C 162 6.98 10.17 -12.05
CA LEU C 162 8.15 9.55 -11.42
C LEU C 162 9.48 10.01 -11.99
N MET C 163 9.45 10.99 -12.89
CA MET C 163 10.65 11.54 -13.41
C MET C 163 11.50 12.11 -12.33
N GLY C 164 12.79 11.79 -12.35
CA GLY C 164 13.70 12.45 -11.46
C GLY C 164 14.73 13.34 -12.14
N ILE C 165 15.83 13.58 -11.43
CA ILE C 165 16.96 14.29 -12.00
C ILE C 165 18.27 13.47 -11.89
N ASP C 166 19.17 13.68 -12.85
CA ASP C 166 20.48 13.09 -12.76
C ASP C 166 21.17 13.81 -11.59
N LEU C 167 21.84 13.05 -10.72
CA LEU C 167 22.69 13.67 -9.67
C LEU C 167 23.99 14.23 -10.21
N TYR C 168 24.47 13.61 -11.27
CA TYR C 168 25.66 14.01 -12.03
C TYR C 168 25.75 15.51 -12.26
N GLU C 169 26.82 16.11 -11.75
CA GLU C 169 27.10 17.55 -11.89
C GLU C 169 26.18 18.44 -11.09
N LYS C 170 25.30 17.87 -10.28
CA LYS C 170 24.53 18.68 -9.35
C LYS C 170 25.38 19.00 -8.12
N THR C 171 24.91 19.88 -7.28
CA THR C 171 25.65 20.19 -6.03
C THR C 171 25.05 19.59 -4.77
N ALA C 172 25.83 18.78 -4.05
CA ALA C 172 25.37 18.20 -2.79
C ALA C 172 26.03 18.96 -1.67
N GLY C 173 25.27 19.25 -0.64
CA GLY C 173 25.76 20.00 0.50
C GLY C 173 25.66 19.18 1.76
N ILE C 174 26.81 18.90 2.38
CA ILE C 174 26.86 18.02 3.53
C ILE C 174 27.13 18.84 4.77
N ILE C 175 26.23 18.74 5.72
CA ILE C 175 26.38 19.40 7.00
C ILE C 175 26.84 18.34 7.97
N GLY C 176 28.12 18.42 8.36
CA GLY C 176 28.74 17.50 9.29
C GLY C 176 29.71 16.60 8.56
N THR C 177 30.98 16.94 8.51
CA THR C 177 31.95 16.15 7.78
C THR C 177 32.72 15.23 8.69
N GLY C 178 32.04 14.29 9.28
CA GLY C 178 32.62 13.40 10.24
C GLY C 178 32.86 12.05 9.74
N LYS C 179 32.79 11.04 10.57
CA LYS C 179 33.00 9.69 10.08
C LYS C 179 32.02 9.41 8.95
N ILE C 180 30.75 9.65 9.20
CA ILE C 180 29.65 9.35 8.26
C ILE C 180 29.66 10.33 7.09
N GLY C 181 29.65 11.63 7.39
CA GLY C 181 29.73 12.69 6.41
C GLY C 181 30.84 12.53 5.39
N GLN C 182 32.01 12.10 5.83
CA GLN C 182 33.15 11.96 4.89
C GLN C 182 32.98 10.81 3.93
N ILE C 183 32.51 9.68 4.42
CA ILE C 183 32.21 8.58 3.49
C ILE C 183 31.06 8.94 2.56
N LEU C 184 30.03 9.63 3.07
CA LEU C 184 28.96 10.12 2.20
C LEU C 184 29.54 10.95 1.04
N ILE C 185 30.46 11.85 1.38
CA ILE C 185 31.09 12.76 0.41
C ILE C 185 31.84 11.99 -0.67
N LYS C 186 32.57 10.97 -0.23
CA LYS C 186 33.35 10.20 -1.14
C LYS C 186 32.45 9.51 -2.12
N ILE C 187 31.37 8.95 -1.63
CA ILE C 187 30.41 8.26 -2.54
C ILE C 187 29.82 9.19 -3.55
N LEU C 188 29.44 10.36 -3.08
CA LEU C 188 28.79 11.28 -3.96
C LEU C 188 29.76 11.78 -5.00
N ARG C 189 31.02 11.92 -4.63
CA ARG C 189 32.07 12.38 -5.56
C ARG C 189 32.24 11.37 -6.68
N GLY C 190 32.00 10.10 -6.34
CA GLY C 190 31.94 9.05 -7.32
C GLY C 190 30.79 9.18 -8.29
N PHE C 191 29.69 9.83 -7.87
CA PHE C 191 28.57 10.18 -8.75
C PHE C 191 28.92 11.39 -9.64
N ASP C 192 30.13 11.93 -9.47
CA ASP C 192 30.55 13.19 -10.07
C ASP C 192 29.64 14.33 -9.71
N MET C 193 29.19 14.35 -8.45
CA MET C 193 28.48 15.53 -7.95
C MET C 193 29.51 16.49 -7.51
N LYS C 194 29.20 17.78 -7.60
CA LYS C 194 30.07 18.76 -6.89
C LYS C 194 29.62 18.71 -5.46
N VAL C 195 30.57 18.71 -4.55
CA VAL C 195 30.26 18.69 -3.13
C VAL C 195 30.79 19.90 -2.41
N ILE C 196 29.91 20.54 -1.64
CA ILE C 196 30.30 21.52 -0.68
C ILE C 196 29.87 21.03 0.68
N ALA C 197 30.50 21.54 1.74
CA ALA C 197 30.29 21.04 3.08
C ALA C 197 30.50 22.12 4.13
N TYR C 198 29.83 21.94 5.26
CA TYR C 198 30.01 22.82 6.42
C TYR C 198 30.28 21.98 7.63
N ASP C 199 31.28 22.36 8.39
CA ASP C 199 31.54 21.75 9.66
C ASP C 199 32.01 22.84 10.61
N LEU C 200 31.66 22.67 11.89
CA LEU C 200 32.15 23.57 12.92
C LEU C 200 33.67 23.49 13.05
N PHE C 201 34.23 22.32 12.74
CA PHE C 201 35.66 22.10 12.79
C PHE C 201 36.13 21.52 11.45
N PRO C 202 36.21 22.39 10.44
CA PRO C 202 36.59 21.91 9.13
C PRO C 202 37.92 21.16 9.16
N ASN C 203 38.05 20.17 8.31
CA ASN C 203 39.28 19.46 8.11
C ASN C 203 39.72 19.61 6.67
N GLN C 204 40.54 20.64 6.42
CA GLN C 204 40.91 21.05 5.06
C GLN C 204 41.67 19.97 4.32
N LYS C 205 42.45 19.26 5.09
CA LYS C 205 43.14 18.16 4.53
C LYS C 205 42.11 17.38 3.78
N VAL C 206 41.18 16.73 4.46
CA VAL C 206 40.26 15.70 3.91
C VAL C 206 39.53 16.21 2.67
N ALA C 207 39.15 17.47 2.74
CA ALA C 207 38.61 18.20 1.59
C ALA C 207 39.50 18.12 0.32
N ASP C 208 40.82 18.22 0.49
CA ASP C 208 41.73 18.08 -0.66
C ASP C 208 41.72 16.64 -1.19
N GLU C 209 41.71 15.64 -0.30
CA GLU C 209 41.70 14.24 -0.75
C GLU C 209 40.40 13.96 -1.43
N LEU C 210 39.29 14.39 -0.83
CA LEU C 210 37.99 14.01 -1.37
C LEU C 210 37.48 14.86 -2.54
N GLY C 211 37.87 16.13 -2.59
CA GLY C 211 37.54 16.99 -3.71
C GLY C 211 36.31 17.82 -3.42
N PHE C 212 36.24 18.38 -2.22
CA PHE C 212 35.10 19.19 -1.84
C PHE C 212 35.54 20.46 -1.13
N GLU C 213 34.64 21.43 -1.07
CA GLU C 213 34.99 22.76 -0.59
C GLU C 213 34.13 23.14 0.64
N TYR C 214 34.76 23.58 1.71
CA TYR C 214 34.04 24.11 2.86
C TYR C 214 33.49 25.47 2.55
N VAL C 215 32.26 25.69 2.99
CA VAL C 215 31.56 26.92 2.77
C VAL C 215 30.78 27.23 4.01
N SER C 216 30.23 28.43 4.08
CA SER C 216 29.35 28.78 5.18
C SER C 216 28.04 28.03 4.97
N LEU C 217 27.23 27.99 6.01
CA LEU C 217 25.91 27.42 5.92
C LEU C 217 25.10 28.15 4.87
N ASP C 218 25.19 29.46 4.86
CA ASP C 218 24.41 30.24 3.92
C ASP C 218 24.71 29.87 2.45
N GLU C 219 25.97 29.58 2.17
CA GLU C 219 26.41 29.30 0.81
C GLU C 219 25.92 27.90 0.44
N LEU C 220 26.04 26.97 1.39
CA LEU C 220 25.50 25.66 1.28
C LEU C 220 24.01 25.69 0.95
N TYR C 221 23.22 26.43 1.75
CA TYR C 221 21.79 26.56 1.47
C TYR C 221 21.50 27.12 0.07
N ALA C 222 22.28 28.12 -0.35
CA ALA C 222 22.00 28.80 -1.63
C ALA C 222 22.39 27.97 -2.85
N ASN C 223 23.41 27.13 -2.74
CA ASN C 223 23.89 26.40 -3.91
C ASN C 223 23.59 24.89 -3.92
N SER C 224 22.95 24.35 -2.89
CA SER C 224 22.78 22.92 -2.85
C SER C 224 21.46 22.46 -3.46
N ASP C 225 21.57 21.51 -4.39
CA ASP C 225 20.44 20.74 -4.97
C ASP C 225 20.01 19.60 -4.04
N ILE C 226 20.97 19.00 -3.36
CA ILE C 226 20.74 18.01 -2.37
C ILE C 226 21.46 18.41 -1.08
N ILE C 227 20.79 18.27 0.07
CA ILE C 227 21.42 18.58 1.37
C ILE C 227 21.22 17.40 2.31
N SER C 228 22.29 17.00 2.99
CA SER C 228 22.23 15.92 3.94
C SER C 228 22.75 16.40 5.30
N LEU C 229 22.10 15.96 6.35
CA LEU C 229 22.51 16.28 7.70
C LEU C 229 23.24 15.09 8.31
N ASN C 230 24.52 15.28 8.66
CA ASN C 230 25.28 14.23 9.33
C ASN C 230 26.14 14.76 10.50
N CYS C 231 25.68 15.79 11.17
CA CYS C 231 26.28 16.29 12.39
C CYS C 231 25.46 15.90 13.65
N PRO C 232 26.07 15.86 14.84
CA PRO C 232 25.34 15.41 16.04
C PRO C 232 24.31 16.44 16.42
N LEU C 233 23.31 15.97 17.15
CA LEU C 233 22.39 16.89 17.80
C LEU C 233 23.10 17.49 19.02
N THR C 234 23.30 18.80 19.00
CA THR C 234 23.77 19.57 20.14
C THR C 234 22.89 20.78 20.35
N LYS C 235 23.22 21.56 21.37
CA LYS C 235 22.56 22.85 21.58
C LYS C 235 22.64 23.76 20.33
N ASP C 236 23.73 23.67 19.59
CA ASP C 236 23.90 24.54 18.44
C ASP C 236 23.27 24.04 17.15
N THR C 237 23.07 22.73 17.03
CA THR C 237 22.44 22.17 15.83
C THR C 237 20.94 21.98 15.97
N LYS C 238 20.42 22.08 17.19
CA LYS C 238 18.99 21.92 17.38
C LYS C 238 18.25 22.92 16.52
N TYR C 239 17.34 22.42 15.68
CA TYR C 239 16.55 23.24 14.77
C TYR C 239 17.35 24.11 13.80
N MET C 240 18.58 23.73 13.44
CA MET C 240 19.31 24.56 12.47
C MET C 240 18.53 24.63 11.13
N ILE C 241 17.81 23.56 10.78
CA ILE C 241 16.89 23.58 9.66
C ILE C 241 15.52 24.01 10.13
N ASN C 242 15.19 25.24 9.82
CA ASN C 242 13.96 25.88 10.25
C ASN C 242 13.52 26.81 9.13
N ARG C 243 12.37 27.44 9.32
CA ARG C 243 11.81 28.30 8.29
C ARG C 243 12.85 29.21 7.64
N ARG C 244 13.72 29.82 8.44
CA ARG C 244 14.64 30.79 7.93
C ARG C 244 15.73 30.21 7.07
N SER C 245 16.27 29.06 7.49
CA SER C 245 17.31 28.43 6.71
C SER C 245 16.71 27.77 5.41
N MET C 246 15.49 27.29 5.50
CA MET C 246 14.88 26.64 4.34
C MET C 246 14.52 27.67 3.30
N LEU C 247 14.24 28.90 3.71
CA LEU C 247 13.99 29.97 2.74
C LEU C 247 15.22 30.26 1.88
N LYS C 248 16.40 29.92 2.36
CA LYS C 248 17.61 30.18 1.63
C LYS C 248 17.93 29.08 0.64
N MET C 249 17.25 27.93 0.76
CA MET C 249 17.51 26.78 -0.09
C MET C 249 16.90 26.97 -1.47
N LYS C 250 17.42 26.23 -2.44
CA LYS C 250 16.85 26.23 -3.78
C LYS C 250 15.51 25.56 -3.78
N ASP C 251 14.56 26.12 -4.51
CA ASP C 251 13.28 25.49 -4.73
C ASP C 251 13.51 24.13 -5.35
N GLY C 252 12.87 23.13 -4.81
CA GLY C 252 13.04 21.78 -5.31
C GLY C 252 14.24 21.09 -4.69
N VAL C 253 14.81 21.65 -3.64
CA VAL C 253 15.88 21.02 -2.93
C VAL C 253 15.44 19.65 -2.41
N ILE C 254 16.35 18.67 -2.48
CA ILE C 254 16.13 17.38 -1.90
C ILE C 254 16.88 17.30 -0.60
N LEU C 255 16.16 17.05 0.48
CA LEU C 255 16.71 17.12 1.84
C LEU C 255 16.66 15.74 2.46
N VAL C 256 17.71 15.32 3.09
CA VAL C 256 17.71 14.00 3.73
C VAL C 256 18.31 14.14 5.11
N ASN C 257 17.69 13.49 6.09
CA ASN C 257 18.19 13.56 7.46
C ASN C 257 18.36 12.20 8.10
N THR C 258 19.58 11.73 8.24
CA THR C 258 19.86 10.51 8.97
C THR C 258 20.64 10.80 10.20
N GLY C 259 20.56 12.03 10.64
CA GLY C 259 21.23 12.48 11.85
C GLY C 259 20.32 12.29 13.04
N ARG C 260 19.69 13.39 13.46
CA ARG C 260 18.80 13.34 14.60
C ARG C 260 17.61 14.16 14.23
N GLY C 261 16.45 13.79 14.75
CA GLY C 261 15.20 14.44 14.36
C GLY C 261 15.20 15.90 14.74
N MET C 262 15.86 16.22 15.85
CA MET C 262 15.81 17.57 16.43
C MET C 262 16.64 18.55 15.61
N LEU C 263 17.41 18.06 14.65
CA LEU C 263 18.02 18.98 13.69
C LEU C 263 17.03 19.78 12.86
N ILE C 264 15.79 19.30 12.72
CA ILE C 264 14.78 19.98 11.90
C ILE C 264 13.58 20.44 12.73
N ASP C 265 13.21 21.70 12.58
CA ASP C 265 11.94 22.17 13.12
C ASP C 265 10.88 21.59 12.17
N SER C 266 10.18 20.54 12.63
CA SER C 266 9.35 19.72 11.76
C SER C 266 8.14 20.48 11.25
N ALA C 267 7.60 21.31 12.11
CA ALA C 267 6.47 22.21 11.76
C ALA C 267 6.82 23.18 10.60
N ASP C 268 8.02 23.76 10.66
CA ASP C 268 8.54 24.54 9.52
C ASP C 268 8.76 23.64 8.29
N LEU C 269 9.18 22.39 8.49
CA LEU C 269 9.35 21.47 7.33
C LEU C 269 8.03 21.25 6.60
N VAL C 270 6.96 21.07 7.35
CA VAL C 270 5.64 20.92 6.79
C VAL C 270 5.26 22.13 5.94
N GLU C 271 5.56 23.33 6.45
CA GLU C 271 5.30 24.57 5.70
C GLU C 271 6.15 24.66 4.46
N ALA C 272 7.42 24.31 4.58
CA ALA C 272 8.32 24.40 3.43
C ALA C 272 7.98 23.34 2.37
N LEU C 273 7.31 22.26 2.78
CA LEU C 273 6.76 21.31 1.82
C LEU C 273 5.54 21.86 1.14
N LYS C 274 4.66 22.49 1.93
CA LYS C 274 3.45 23.08 1.41
C LYS C 274 3.74 24.23 0.44
N ASP C 275 4.78 25.00 0.71
CA ASP C 275 5.27 26.10 -0.16
C ASP C 275 5.99 25.60 -1.39
N LYS C 276 6.23 24.31 -1.44
CA LYS C 276 7.04 23.71 -2.51
C LYS C 276 8.48 24.27 -2.57
N LYS C 277 8.99 24.74 -1.43
CA LYS C 277 10.40 24.97 -1.33
C LYS C 277 11.11 23.62 -1.44
N ILE C 278 10.60 22.65 -0.68
CA ILE C 278 11.26 21.35 -0.55
C ILE C 278 10.76 20.45 -1.67
N GLY C 279 11.67 20.04 -2.55
CA GLY C 279 11.33 19.12 -3.64
C GLY C 279 10.96 17.73 -3.11
N ALA C 280 11.73 17.22 -2.17
CA ALA C 280 11.43 15.89 -1.58
C ALA C 280 12.27 15.80 -0.36
N VAL C 281 11.81 15.00 0.60
CA VAL C 281 12.58 14.87 1.82
C VAL C 281 12.49 13.46 2.30
N ALA C 282 13.61 12.96 2.79
CA ALA C 282 13.67 11.66 3.44
C ALA C 282 14.15 11.85 4.84
N LEU C 283 13.34 11.34 5.77
CA LEU C 283 13.67 11.42 7.19
C LEU C 283 13.75 10.03 7.74
N ASP C 284 14.93 9.64 8.22
CA ASP C 284 15.14 8.41 8.95
C ASP C 284 14.98 8.64 10.44
N VAL C 285 14.85 9.90 10.83
CA VAL C 285 14.77 10.28 12.23
C VAL C 285 13.76 11.41 12.32
N TYR C 286 13.18 11.60 13.47
CA TYR C 286 12.11 12.58 13.61
C TYR C 286 12.10 13.08 15.05
N GLU C 287 11.86 14.38 15.19
CA GLU C 287 12.10 15.06 16.43
C GLU C 287 11.34 14.48 17.63
N GLU C 288 10.14 13.95 17.39
CA GLU C 288 9.36 13.28 18.44
C GLU C 288 9.19 11.80 18.13
N GLU C 289 10.26 11.16 17.72
CA GLU C 289 10.13 9.78 17.27
C GLU C 289 10.09 8.78 18.41
N GLU C 290 10.35 9.23 19.66
CA GLU C 290 10.77 8.30 20.71
C GLU C 290 9.70 7.32 21.10
N ASN C 291 8.45 7.74 21.05
CA ASN C 291 7.34 6.79 21.33
C ASN C 291 6.79 6.09 20.08
N TYR C 292 7.40 6.31 18.91
CA TYR C 292 6.91 5.69 17.68
C TYR C 292 7.91 4.72 17.05
N PHE C 293 9.12 5.21 16.81
CA PHE C 293 10.05 4.52 16.03
C PHE C 293 10.45 3.20 16.64
N PHE C 294 10.71 2.24 15.77
CA PHE C 294 10.96 0.84 16.14
C PHE C 294 9.74 0.08 16.63
N GLU C 295 8.59 0.73 16.79
CA GLU C 295 7.37 0.04 17.25
C GLU C 295 6.27 0.00 16.19
N ASP C 296 5.53 -1.09 16.16
CA ASP C 296 4.40 -1.22 15.25
C ASP C 296 3.18 -0.54 15.88
N LYS C 297 2.87 0.64 15.38
CA LYS C 297 1.81 1.46 15.83
C LYS C 297 0.60 1.45 14.90
N SER C 298 0.50 0.43 14.08
CA SER C 298 -0.47 0.39 12.98
C SER C 298 -1.87 0.03 13.43
N THR C 299 -2.02 -0.26 14.72
CA THR C 299 -3.32 -0.50 15.30
C THR C 299 -3.70 0.49 16.37
N GLN C 300 -3.16 1.70 16.32
CA GLN C 300 -3.64 2.74 17.24
C GLN C 300 -3.37 4.13 16.66
N VAL C 301 -3.88 5.11 17.37
CA VAL C 301 -3.81 6.47 16.87
C VAL C 301 -2.39 6.93 17.01
N ILE C 302 -1.86 7.60 15.98
CA ILE C 302 -0.61 8.30 16.07
C ILE C 302 -1.00 9.66 16.54
N GLU C 303 -0.61 10.00 17.75
CA GLU C 303 -1.13 11.20 18.44
C GLU C 303 -0.40 12.44 17.99
N ASP C 304 0.81 12.28 17.49
CA ASP C 304 1.65 13.40 17.07
C ASP C 304 1.18 13.89 15.73
N ASP C 305 0.67 15.11 15.75
CA ASP C 305 0.01 15.70 14.61
C ASP C 305 0.96 15.92 13.45
N ILE C 306 2.17 16.33 13.75
CA ILE C 306 3.11 16.66 12.69
C ILE C 306 3.56 15.32 11.97
N LEU C 307 3.77 14.28 12.77
CA LEU C 307 4.21 13.01 12.23
C LEU C 307 3.11 12.47 11.32
N GLY C 308 1.88 12.50 11.79
CA GLY C 308 0.73 12.08 10.89
C GLY C 308 0.73 12.83 9.59
N ARG C 309 0.83 14.13 9.68
CA ARG C 309 0.79 14.98 8.50
C ARG C 309 1.94 14.71 7.55
N LEU C 310 3.12 14.44 8.07
CA LEU C 310 4.28 14.21 7.24
C LEU C 310 4.09 12.92 6.45
N LEU C 311 3.41 11.96 7.04
CA LEU C 311 3.13 10.72 6.39
C LEU C 311 2.13 10.86 5.28
N SER C 312 1.47 12.00 5.13
CA SER C 312 0.49 12.11 4.04
C SER C 312 1.01 12.85 2.80
N PHE C 313 2.25 13.30 2.84
CA PHE C 313 2.83 14.04 1.71
C PHE C 313 3.39 13.08 0.68
N TYR C 314 3.06 13.33 -0.58
CA TYR C 314 3.57 12.54 -1.70
C TYR C 314 5.14 12.46 -1.76
N ASN C 315 5.83 13.43 -1.19
CA ASN C 315 7.26 13.57 -1.40
C ASN C 315 8.03 13.56 -0.09
N VAL C 316 7.41 12.94 0.90
CA VAL C 316 8.07 12.63 2.12
C VAL C 316 8.21 11.12 2.24
N LEU C 317 9.45 10.68 2.47
CA LEU C 317 9.79 9.28 2.78
C LEU C 317 10.31 9.19 4.21
N ILE C 318 9.57 8.51 5.06
CA ILE C 318 9.98 8.27 6.41
C ILE C 318 10.29 6.77 6.62
N THR C 319 11.44 6.51 7.17
CA THR C 319 11.82 5.18 7.55
C THR C 319 12.20 5.29 9.02
N SER C 320 12.00 4.22 9.75
CA SER C 320 12.14 4.24 11.22
C SER C 320 13.56 4.00 11.71
N HIS C 321 14.41 4.99 11.44
CA HIS C 321 15.69 5.11 12.08
C HIS C 321 16.49 3.85 11.86
N GLN C 322 16.61 3.47 10.60
CA GLN C 322 17.19 2.18 10.20
C GLN C 322 18.44 2.38 9.36
N ALA C 323 18.95 3.62 9.31
CA ALA C 323 20.22 3.86 8.62
C ALA C 323 21.38 3.05 9.17
N TYR C 324 21.36 2.78 10.48
CA TYR C 324 22.41 1.95 11.12
C TYR C 324 22.22 0.48 10.93
N PHE C 325 21.10 0.07 10.35
CA PHE C 325 20.64 -1.30 10.51
C PHE C 325 21.14 -2.25 9.43
N THR C 326 22.40 -2.66 9.56
CA THR C 326 22.96 -3.70 8.72
C THR C 326 23.56 -4.78 9.62
N LYS C 327 23.73 -5.97 9.09
CA LYS C 327 24.24 -7.07 9.87
C LYS C 327 25.68 -6.78 10.38
N GLU C 328 26.49 -6.08 9.60
CA GLU C 328 27.84 -5.71 10.06
C GLU C 328 27.74 -4.70 11.20
N ALA C 329 26.89 -3.72 11.03
CA ALA C 329 26.74 -2.70 12.04
C ALA C 329 26.23 -3.32 13.33
N VAL C 330 25.25 -4.21 13.23
CA VAL C 330 24.60 -4.69 14.44
C VAL C 330 25.55 -5.66 15.14
N GLY C 331 26.27 -6.45 14.34
CA GLY C 331 27.26 -7.36 14.83
C GLY C 331 28.30 -6.60 15.62
N ALA C 332 28.82 -5.51 15.04
CA ALA C 332 29.88 -4.73 15.69
C ALA C 332 29.38 -4.01 16.95
N ILE C 333 28.14 -3.54 16.93
CA ILE C 333 27.53 -2.94 18.10
C ILE C 333 27.46 -3.94 19.23
N THR C 334 27.11 -5.17 18.92
CA THR C 334 26.92 -6.16 19.95
C THR C 334 28.26 -6.53 20.57
N VAL C 335 29.25 -6.82 19.73
CA VAL C 335 30.59 -7.20 20.15
C VAL C 335 31.30 -6.05 20.86
N THR C 336 31.28 -4.86 20.28
CA THR C 336 31.91 -3.71 20.92
C THR C 336 31.21 -3.42 22.25
N THR C 337 29.88 -3.58 22.32
CA THR C 337 29.16 -3.31 23.56
C THR C 337 29.50 -4.37 24.64
N LEU C 338 29.37 -5.63 24.23
CA LEU C 338 29.60 -6.79 25.07
C LEU C 338 31.00 -6.74 25.62
N ASN C 339 31.98 -6.50 24.75
CA ASN C 339 33.27 -6.30 25.30
C ASN C 339 33.63 -4.85 25.56
N ASN C 340 32.65 -4.02 25.84
CA ASN C 340 32.88 -2.71 26.40
C ASN C 340 32.70 -2.96 27.87
N ILE C 341 31.73 -3.80 28.15
CA ILE C 341 31.35 -4.34 29.51
C ILE C 341 32.40 -5.29 30.07
N LYS C 342 32.85 -6.25 29.29
CA LYS C 342 33.98 -7.10 29.63
C LYS C 342 35.25 -6.31 29.95
N ASP C 343 35.40 -5.13 29.37
CA ASP C 343 36.53 -4.27 29.66
C ASP C 343 36.24 -3.29 30.79
N PHE C 344 35.10 -3.46 31.47
CA PHE C 344 34.79 -2.57 32.55
C PHE C 344 34.93 -3.36 33.80
N VAL C 345 34.38 -4.55 33.72
CA VAL C 345 34.42 -5.52 34.86
C VAL C 345 35.84 -6.02 35.19
N GLU C 346 36.75 -5.96 34.20
CA GLU C 346 38.14 -6.33 34.40
C GLU C 346 39.01 -5.12 34.75
N GLY C 347 38.40 -3.98 35.06
CA GLY C 347 39.11 -2.81 35.55
C GLY C 347 40.07 -2.27 34.54
N ARG C 348 39.83 -2.61 33.27
CA ARG C 348 40.68 -2.10 32.17
C ARG C 348 40.30 -0.66 31.83
N PRO C 349 41.18 0.02 31.17
CA PRO C 349 40.94 1.38 30.77
C PRO C 349 39.87 1.36 29.69
N LEU C 350 39.10 2.43 29.58
CA LEU C 350 37.84 2.46 28.85
C LEU C 350 38.01 2.91 27.41
N VAL C 351 38.29 1.95 26.55
CA VAL C 351 38.68 2.30 25.19
C VAL C 351 37.67 3.18 24.52
N ASN C 352 36.39 3.05 24.89
CA ASN C 352 35.32 3.79 24.20
C ASN C 352 34.43 4.76 24.98
N GLU C 353 34.95 5.42 26.01
CA GLU C 353 34.11 6.25 26.85
C GLU C 353 33.55 7.39 26.05
N VAL C 354 32.53 8.05 26.58
CA VAL C 354 31.97 9.33 26.20
C VAL C 354 32.35 10.34 27.26
N PRO C 355 33.29 11.24 26.94
CA PRO C 355 33.75 12.16 28.01
C PRO C 355 32.63 13.10 28.50
N GLN C 356 32.49 13.24 29.80
CA GLN C 356 31.41 14.03 30.36
C GLN C 356 31.65 15.51 30.19
N LYS D 26 7.17 20.09 -42.80
CA LYS D 26 7.23 19.44 -44.15
C LYS D 26 7.51 17.93 -44.10
N THR D 27 8.59 17.54 -43.41
CA THR D 27 8.90 16.15 -43.13
C THR D 27 7.88 15.61 -42.12
N LYS D 28 7.25 14.47 -42.44
CA LYS D 28 6.09 13.99 -41.69
C LYS D 28 6.47 12.85 -40.78
N ILE D 29 6.23 13.04 -39.48
CA ILE D 29 6.68 12.10 -38.46
C ILE D 29 5.53 11.48 -37.72
N ILE D 30 5.56 10.15 -37.68
CA ILE D 30 4.59 9.36 -36.93
C ILE D 30 5.29 8.75 -35.70
N PHE D 31 4.76 9.08 -34.50
CA PHE D 31 5.32 8.60 -33.24
C PHE D 31 4.41 7.57 -32.59
N PHE D 32 4.98 6.43 -32.20
CA PHE D 32 4.25 5.40 -31.46
C PHE D 32 4.51 5.33 -29.96
N ASP D 33 3.61 4.69 -29.24
CA ASP D 33 3.78 4.43 -27.82
C ASP D 33 3.98 5.72 -27.02
N ILE D 34 3.27 6.76 -27.40
CA ILE D 34 3.48 8.07 -26.77
C ILE D 34 2.68 8.23 -25.49
N LYS D 35 3.29 8.86 -24.50
CA LYS D 35 2.62 9.27 -23.28
C LYS D 35 2.68 10.80 -23.20
N ASP D 36 1.90 11.40 -22.30
CA ASP D 36 1.86 12.86 -22.20
C ASP D 36 3.21 13.50 -22.01
N TYR D 37 4.05 12.87 -21.19
CA TYR D 37 5.37 13.45 -20.96
C TYR D 37 6.14 13.49 -22.31
N ASP D 38 6.01 12.46 -23.15
CA ASP D 38 6.72 12.40 -24.43
C ASP D 38 6.24 13.50 -25.32
N LYS D 39 4.92 13.61 -25.43
CA LYS D 39 4.26 14.59 -26.29
C LYS D 39 4.65 16.03 -25.92
N GLU D 40 4.57 16.37 -24.63
CA GLU D 40 4.88 17.73 -24.19
C GLU D 40 6.32 18.12 -24.60
N PHE D 41 7.25 17.20 -24.44
CA PHE D 41 8.66 17.43 -24.81
C PHE D 41 8.84 17.60 -26.33
N PHE D 42 8.19 16.73 -27.11
CA PHE D 42 8.34 16.75 -28.54
C PHE D 42 7.64 17.98 -29.14
N LYS D 43 6.52 18.45 -28.56
CA LYS D 43 5.89 19.71 -29.00
C LYS D 43 6.72 20.95 -28.65
N LYS D 44 7.19 21.03 -27.41
CA LYS D 44 8.04 22.13 -27.00
C LYS D 44 9.27 22.24 -27.92
N TYR D 45 10.06 21.16 -28.01
CA TYR D 45 11.33 21.25 -28.72
C TYR D 45 11.15 21.17 -30.24
N GLY D 46 10.07 20.58 -30.69
CA GLY D 46 9.79 20.44 -32.10
C GLY D 46 9.29 21.69 -32.78
N ALA D 47 8.86 22.68 -31.99
CA ALA D 47 8.38 23.95 -32.50
C ALA D 47 9.39 24.66 -33.42
N ASP D 48 10.67 24.43 -33.21
CA ASP D 48 11.71 25.07 -34.02
C ASP D 48 12.04 24.31 -35.31
N TYR D 49 11.61 23.06 -35.43
CA TYR D 49 12.00 22.21 -36.57
C TYR D 49 10.87 22.21 -37.61
N ASN D 50 11.21 21.97 -38.86
CA ASN D 50 10.24 22.01 -39.96
C ASN D 50 9.52 20.64 -40.12
N PHE D 51 8.84 20.21 -39.05
CA PHE D 51 8.20 18.89 -39.01
C PHE D 51 6.69 18.95 -38.79
N GLU D 52 5.99 18.04 -39.44
CA GLU D 52 4.65 17.64 -39.03
C GLU D 52 4.77 16.44 -38.09
N MET D 53 4.18 16.57 -36.90
CA MET D 53 4.30 15.56 -35.87
C MET D 53 2.95 15.00 -35.48
N THR D 54 2.78 13.69 -35.63
CA THR D 54 1.55 12.99 -35.25
C THR D 54 1.85 11.99 -34.14
N PHE D 55 1.05 12.01 -33.08
CA PHE D 55 1.31 11.20 -31.87
C PHE D 55 0.28 10.10 -31.70
N LEU D 56 0.73 8.85 -31.57
CA LEU D 56 -0.15 7.74 -31.28
C LEU D 56 0.23 7.09 -29.95
N LYS D 57 -0.79 6.64 -29.24
CA LYS D 57 -0.67 5.94 -28.00
C LYS D 57 -0.23 4.49 -28.19
N VAL D 58 -0.72 3.83 -29.25
CA VAL D 58 -0.46 2.41 -29.46
C VAL D 58 1.01 2.10 -29.69
N ARG D 59 1.43 0.93 -29.23
CA ARG D 59 2.73 0.42 -29.59
C ARG D 59 2.78 0.12 -31.12
N LEU D 60 3.98 0.16 -31.70
CA LEU D 60 4.19 -0.23 -33.07
C LEU D 60 4.40 -1.74 -33.11
N THR D 61 3.44 -2.45 -33.71
CA THR D 61 3.50 -3.88 -33.96
C THR D 61 3.06 -4.15 -35.41
N GLU D 62 2.97 -5.43 -35.80
CA GLU D 62 2.41 -5.75 -37.08
C GLU D 62 0.99 -5.25 -37.24
N GLU D 63 0.20 -5.30 -36.17
CA GLU D 63 -1.22 -4.91 -36.22
C GLU D 63 -1.35 -3.41 -36.45
N THR D 64 -0.33 -2.62 -36.10
CA THR D 64 -0.45 -1.16 -36.20
C THR D 64 0.45 -0.57 -37.28
N ALA D 65 1.29 -1.39 -37.88
CA ALA D 65 2.28 -0.90 -38.83
C ALA D 65 1.62 -0.17 -40.00
N ASN D 66 0.41 -0.54 -40.35
CA ASN D 66 -0.33 0.10 -41.40
C ASN D 66 -0.53 1.57 -41.16
N LEU D 67 -0.54 1.98 -39.92
CA LEU D 67 -0.78 3.39 -39.63
C LEU D 67 0.38 4.30 -40.03
N THR D 68 1.48 3.71 -40.47
CA THR D 68 2.62 4.48 -40.96
C THR D 68 2.42 5.05 -42.37
N LYS D 69 1.32 4.69 -43.01
CA LYS D 69 1.13 5.04 -44.43
C LYS D 69 0.99 6.57 -44.55
N GLY D 70 1.81 7.15 -45.40
CA GLY D 70 1.75 8.57 -45.65
C GLY D 70 2.63 9.36 -44.72
N TYR D 71 3.55 8.69 -44.05
CA TYR D 71 4.59 9.34 -43.27
C TYR D 71 6.02 9.11 -43.81
N ASP D 72 6.91 10.04 -43.55
CA ASP D 72 8.28 9.93 -44.00
C ASP D 72 9.11 9.23 -42.95
N VAL D 73 8.87 9.60 -41.69
CA VAL D 73 9.65 9.11 -40.56
C VAL D 73 8.74 8.47 -39.48
N VAL D 74 9.18 7.32 -38.99
CA VAL D 74 8.53 6.64 -37.87
C VAL D 74 9.44 6.75 -36.69
N CYS D 75 8.89 7.18 -35.57
CA CYS D 75 9.64 7.21 -34.30
C CYS D 75 9.10 6.14 -33.39
N GLY D 76 9.98 5.17 -33.06
CA GLY D 76 9.65 4.01 -32.26
C GLY D 76 10.38 4.05 -30.94
N PHE D 77 9.98 3.16 -30.03
CA PHE D 77 10.47 3.13 -28.67
C PHE D 77 10.73 1.69 -28.27
N ALA D 78 11.22 1.47 -27.04
CA ALA D 78 11.89 0.22 -26.69
C ALA D 78 11.03 -1.06 -26.78
N ASN D 79 9.72 -0.91 -26.64
CA ASN D 79 8.86 -2.05 -26.53
C ASN D 79 8.00 -2.26 -27.81
N ASP D 80 8.31 -1.54 -28.88
CA ASP D 80 7.66 -1.75 -30.13
C ASP D 80 8.16 -3.07 -30.73
N ASN D 81 7.26 -3.82 -31.35
CA ASN D 81 7.64 -5.05 -31.99
C ASN D 81 7.95 -4.75 -33.45
N ILE D 82 9.22 -4.43 -33.72
CA ILE D 82 9.67 -4.04 -35.05
C ILE D 82 10.36 -5.26 -35.73
N ASN D 83 9.55 -6.31 -35.89
CA ASN D 83 9.92 -7.58 -36.59
C ASN D 83 9.85 -7.42 -38.10
N LYS D 84 10.03 -8.50 -38.83
CA LYS D 84 10.02 -8.40 -40.28
C LYS D 84 8.67 -7.97 -40.85
N GLU D 85 7.60 -8.48 -40.32
CA GLU D 85 6.26 -8.12 -40.84
C GLU D 85 6.05 -6.62 -40.73
N THR D 86 6.38 -6.07 -39.56
CA THR D 86 6.30 -4.62 -39.29
C THR D 86 7.22 -3.84 -40.25
N ILE D 87 8.45 -4.33 -40.39
CA ILE D 87 9.43 -3.70 -41.26
C ILE D 87 9.00 -3.73 -42.74
N ASP D 88 8.42 -4.86 -43.16
CA ASP D 88 7.98 -5.02 -44.57
C ASP D 88 6.87 -4.03 -44.86
N ILE D 89 5.87 -3.98 -43.97
CA ILE D 89 4.74 -3.04 -44.12
C ILE D 89 5.23 -1.59 -44.13
N MET D 90 6.32 -1.34 -43.40
CA MET D 90 6.87 0.02 -43.33
C MET D 90 7.58 0.43 -44.62
N ALA D 91 8.44 -0.44 -45.11
CA ALA D 91 9.15 -0.18 -46.38
C ALA D 91 8.16 -0.06 -47.51
N GLU D 92 7.18 -0.97 -47.54
CA GLU D 92 6.03 -0.87 -48.48
C GLU D 92 5.38 0.51 -48.51
N ASN D 93 5.19 1.08 -47.34
CA ASN D 93 4.57 2.40 -47.21
C ASN D 93 5.51 3.55 -47.50
N GLY D 94 6.72 3.22 -47.85
CA GLY D 94 7.73 4.20 -48.28
C GLY D 94 8.43 4.92 -47.14
N ILE D 95 8.57 4.32 -46.00
CA ILE D 95 9.17 5.01 -44.90
C ILE D 95 10.65 5.13 -45.07
N LYS D 96 11.16 6.31 -44.80
CA LYS D 96 12.55 6.65 -45.12
C LYS D 96 13.47 6.44 -43.96
N LEU D 97 12.96 6.69 -42.76
CA LEU D 97 13.77 6.63 -41.57
C LEU D 97 13.00 6.02 -40.42
N LEU D 98 13.66 5.14 -39.69
CA LEU D 98 13.13 4.67 -38.44
C LEU D 98 13.95 5.34 -37.32
N ALA D 99 13.31 6.18 -36.51
CA ALA D 99 14.03 6.85 -35.44
C ALA D 99 13.61 6.31 -34.08
N MET D 100 14.57 5.70 -33.41
CA MET D 100 14.33 5.13 -32.09
C MET D 100 14.68 6.16 -31.03
N ARG D 101 13.69 6.46 -30.18
CA ARG D 101 13.85 7.41 -29.09
C ARG D 101 14.32 6.68 -27.84
N CYS D 102 15.39 5.94 -28.03
CA CYS D 102 16.00 5.13 -26.97
C CYS D 102 17.37 4.64 -27.43
N ALA D 103 18.14 4.06 -26.50
CA ALA D 103 19.49 3.59 -26.79
C ALA D 103 19.48 2.13 -27.23
N GLY D 104 18.48 1.37 -26.79
CA GLY D 104 18.34 -0.04 -27.19
C GLY D 104 17.67 -0.20 -28.55
N PHE D 105 18.12 -1.22 -29.28
CA PHE D 105 17.57 -1.55 -30.59
C PHE D 105 17.37 -3.07 -30.83
N ASN D 106 17.46 -3.84 -29.76
CA ASN D 106 17.23 -5.29 -29.84
C ASN D 106 15.89 -5.71 -30.49
N ASN D 107 14.88 -4.84 -30.41
CA ASN D 107 13.50 -5.09 -30.83
C ASN D 107 13.26 -4.71 -32.28
N VAL D 108 14.32 -4.28 -32.97
CA VAL D 108 14.21 -4.07 -34.42
C VAL D 108 15.08 -5.14 -35.14
N SER D 109 14.43 -5.92 -35.99
CA SER D 109 15.08 -7.01 -36.71
C SER D 109 15.89 -6.41 -37.88
N LEU D 110 17.08 -5.93 -37.57
CA LEU D 110 17.94 -5.17 -38.48
C LEU D 110 18.22 -5.80 -39.85
N LYS D 111 18.45 -7.12 -39.85
CA LYS D 111 18.75 -7.85 -41.09
C LYS D 111 17.61 -7.73 -42.09
N ASP D 112 16.40 -7.55 -41.58
CA ASP D 112 15.23 -7.53 -42.39
C ASP D 112 14.99 -6.19 -43.03
N VAL D 113 15.56 -5.14 -42.43
CA VAL D 113 15.58 -3.81 -43.02
C VAL D 113 16.75 -3.82 -43.98
N ASN D 114 16.45 -3.87 -45.27
CA ASN D 114 17.40 -4.29 -46.24
C ASN D 114 17.98 -3.01 -46.81
N GLU D 115 18.27 -2.08 -45.92
CA GLU D 115 18.63 -0.72 -46.29
C GLU D 115 17.50 -0.02 -47.10
N ARG D 116 16.28 -0.54 -46.95
CA ARG D 116 15.10 0.05 -47.60
C ARG D 116 14.69 1.34 -46.85
N PHE D 117 15.22 1.47 -45.64
CA PHE D 117 15.22 2.72 -44.87
C PHE D 117 16.38 2.70 -43.87
N LYS D 118 16.67 3.85 -43.29
CA LYS D 118 17.72 3.95 -42.28
C LYS D 118 17.19 3.88 -40.83
N VAL D 119 18.06 3.45 -39.91
CA VAL D 119 17.73 3.36 -38.51
C VAL D 119 18.67 4.19 -37.70
N VAL D 120 18.10 5.10 -36.87
CA VAL D 120 18.87 5.88 -35.89
C VAL D 120 18.34 5.70 -34.44
N ARG D 121 19.23 5.88 -33.48
CA ARG D 121 18.89 5.78 -32.07
C ARG D 121 19.49 6.95 -31.32
N VAL D 122 19.17 7.07 -30.03
CA VAL D 122 19.83 8.03 -29.19
C VAL D 122 20.71 7.28 -28.23
N PRO D 123 22.02 7.20 -28.52
CA PRO D 123 22.89 6.31 -27.76
C PRO D 123 23.38 6.80 -26.39
N ALA D 124 23.50 8.10 -26.20
CA ALA D 124 24.21 8.58 -25.02
C ALA D 124 23.51 9.75 -24.35
N TYR D 125 22.19 9.69 -24.32
CA TYR D 125 21.42 10.78 -23.69
C TYR D 125 21.74 10.98 -22.23
N SER D 126 21.81 9.91 -21.46
CA SER D 126 22.33 10.00 -20.07
C SER D 126 22.64 8.68 -19.45
N PRO D 127 23.87 8.21 -19.61
CA PRO D 127 24.26 6.97 -18.99
C PRO D 127 24.17 7.09 -17.48
N HIS D 128 24.29 8.32 -16.96
CA HIS D 128 24.22 8.59 -15.52
C HIS D 128 22.85 8.26 -14.99
N ALA D 129 21.81 8.61 -15.74
CA ALA D 129 20.46 8.33 -15.31
C ALA D 129 20.25 6.87 -14.92
N ILE D 130 20.67 5.96 -15.79
CA ILE D 130 20.50 4.56 -15.57
C ILE D 130 21.46 4.03 -14.51
N ALA D 131 22.71 4.48 -14.55
CA ALA D 131 23.65 3.96 -13.59
C ALA D 131 23.23 4.35 -12.21
N GLU D 132 22.84 5.61 -12.05
CA GLU D 132 22.35 6.10 -10.74
C GLU D 132 21.12 5.32 -10.27
N TYR D 133 20.17 5.11 -11.17
CA TYR D 133 18.97 4.36 -10.81
C TYR D 133 19.29 2.95 -10.36
N THR D 134 20.29 2.34 -11.02
CA THR D 134 20.76 0.99 -10.66
C THR D 134 21.26 0.98 -9.23
N VAL D 135 22.05 1.98 -8.87
CA VAL D 135 22.47 2.09 -7.48
C VAL D 135 21.29 2.30 -6.53
N GLY D 136 20.31 3.09 -6.95
CA GLY D 136 19.11 3.24 -6.16
C GLY D 136 18.45 1.89 -5.89
N LEU D 137 18.31 1.09 -6.91
CA LEU D 137 17.67 -0.23 -6.78
C LEU D 137 18.44 -1.15 -5.85
N ILE D 138 19.75 -1.21 -6.03
CA ILE D 138 20.57 -2.02 -5.16
C ILE D 138 20.31 -1.71 -3.70
N LEU D 139 20.37 -0.44 -3.37
CA LEU D 139 20.20 -0.01 -1.98
C LEU D 139 18.77 -0.17 -1.49
N ALA D 140 17.80 -0.01 -2.40
CA ALA D 140 16.39 -0.21 -2.02
C ALA D 140 16.10 -1.65 -1.63
N VAL D 141 16.62 -2.63 -2.42
CA VAL D 141 16.34 -4.05 -2.08
C VAL D 141 17.22 -4.58 -1.01
N ASN D 142 18.46 -4.05 -0.91
CA ASN D 142 19.34 -4.37 0.20
C ASN D 142 18.83 -3.86 1.51
N ARG D 143 18.51 -2.58 1.56
CA ARG D 143 18.13 -1.93 2.83
C ARG D 143 16.61 -1.83 3.03
N LYS D 144 15.88 -2.49 2.14
CA LYS D 144 14.42 -2.59 2.19
C LYS D 144 13.69 -1.26 2.28
N ILE D 145 14.07 -0.31 1.48
CA ILE D 145 13.56 1.02 1.62
C ILE D 145 12.13 1.05 1.17
N ASN D 146 11.79 0.26 0.14
CA ASN D 146 10.44 0.25 -0.33
C ASN D 146 9.50 -0.40 0.68
N LYS D 147 9.95 -1.43 1.35
CA LYS D 147 9.15 -2.12 2.33
C LYS D 147 9.00 -1.23 3.52
N ALA D 148 10.04 -0.45 3.83
CA ALA D 148 10.02 0.47 4.98
C ALA D 148 8.95 1.49 4.80
N TYR D 149 8.88 2.00 3.57
CA TYR D 149 7.88 3.02 3.22
C TYR D 149 6.44 2.50 3.43
N VAL D 150 6.15 1.32 2.92
CA VAL D 150 4.81 0.70 3.05
C VAL D 150 4.48 0.47 4.52
N ARG D 151 5.47 0.13 5.35
CA ARG D 151 5.21 0.01 6.79
C ARG D 151 4.92 1.35 7.46
N THR D 152 5.74 2.34 7.23
CA THR D 152 5.65 3.56 8.03
C THR D 152 4.40 4.31 7.64
N ARG D 153 4.03 4.25 6.38
CA ARG D 153 2.79 4.77 5.92
C ARG D 153 1.58 4.28 6.72
N GLU D 154 1.54 3.03 7.10
CA GLU D 154 0.47 2.49 7.98
C GLU D 154 0.80 2.67 9.47
N GLY D 155 1.89 3.37 9.78
CA GLY D 155 2.26 3.56 11.18
C GLY D 155 2.91 2.34 11.83
N ASN D 156 3.39 1.42 11.00
CA ASN D 156 4.28 0.37 11.48
C ASN D 156 5.76 0.83 11.39
N PHE D 157 6.35 1.21 12.51
CA PHE D 157 7.72 1.67 12.59
C PHE D 157 8.68 0.56 13.05
N SER D 158 8.20 -0.66 13.12
CA SER D 158 9.07 -1.82 13.44
C SER D 158 10.02 -2.01 12.29
N ILE D 159 11.28 -2.33 12.57
CA ILE D 159 12.25 -2.54 11.54
C ILE D 159 12.70 -4.00 11.48
N ASN D 160 11.97 -4.88 12.14
CA ASN D 160 12.33 -6.28 12.06
C ASN D 160 12.24 -6.76 10.64
N GLY D 161 13.22 -7.51 10.24
CA GLY D 161 13.30 -8.02 8.86
C GLY D 161 13.90 -7.02 7.90
N LEU D 162 14.26 -5.81 8.35
CA LEU D 162 14.77 -4.79 7.39
C LEU D 162 16.30 -4.58 7.41
N MET D 163 16.97 -5.41 8.20
CA MET D 163 18.41 -5.40 8.25
C MET D 163 18.99 -5.69 6.90
N GLY D 164 19.94 -4.88 6.47
CA GLY D 164 20.64 -5.15 5.23
C GLY D 164 22.12 -5.46 5.45
N ILE D 165 22.93 -5.27 4.41
CA ILE D 165 24.36 -5.44 4.50
C ILE D 165 25.09 -4.19 4.04
N ASP D 166 26.27 -3.95 4.62
CA ASP D 166 27.12 -2.86 4.16
C ASP D 166 27.64 -3.29 2.77
N LEU D 167 27.63 -2.38 1.80
CA LEU D 167 28.18 -2.66 0.50
C LEU D 167 29.70 -2.57 0.54
N TYR D 168 30.20 -1.71 1.41
CA TYR D 168 31.62 -1.57 1.70
C TYR D 168 32.40 -2.89 1.77
N GLU D 169 33.37 -3.05 0.88
CA GLU D 169 34.25 -4.24 0.84
C GLU D 169 33.57 -5.49 0.33
N LYS D 170 32.32 -5.39 -0.13
CA LYS D 170 31.70 -6.51 -0.81
C LYS D 170 32.10 -6.53 -2.30
N THR D 171 31.74 -7.57 -3.02
CA THR D 171 32.10 -7.64 -4.41
C THR D 171 30.91 -7.43 -5.31
N ALA D 172 31.03 -6.44 -6.20
CA ALA D 172 29.99 -6.21 -7.21
C ALA D 172 30.49 -6.72 -8.54
N GLY D 173 29.61 -7.39 -9.27
CA GLY D 173 29.94 -7.91 -10.58
C GLY D 173 29.09 -7.31 -11.66
N ILE D 174 29.71 -6.60 -12.60
CA ILE D 174 29.00 -5.89 -13.63
C ILE D 174 29.15 -6.61 -14.96
N ILE D 175 28.03 -6.98 -15.54
CA ILE D 175 28.03 -7.56 -16.85
C ILE D 175 27.66 -6.45 -17.84
N GLY D 176 28.64 -6.02 -18.64
CA GLY D 176 28.47 -5.00 -19.66
C GLY D 176 29.16 -3.75 -19.22
N THR D 177 30.41 -3.55 -19.65
CA THR D 177 31.16 -2.36 -19.23
C THR D 177 31.12 -1.25 -20.27
N GLY D 178 29.92 -0.88 -20.67
CA GLY D 178 29.74 0.17 -21.67
C GLY D 178 29.63 1.55 -21.03
N LYS D 179 28.89 2.44 -21.68
CA LYS D 179 28.69 3.77 -21.18
C LYS D 179 28.04 3.76 -19.78
N ILE D 180 26.97 2.99 -19.66
CA ILE D 180 26.30 2.83 -18.41
C ILE D 180 27.13 2.03 -17.40
N GLY D 181 27.52 0.82 -17.77
CA GLY D 181 28.31 -0.05 -16.87
C GLY D 181 29.53 0.62 -16.27
N GLN D 182 30.21 1.46 -17.04
CA GLN D 182 31.42 2.14 -16.54
C GLN D 182 31.12 3.15 -15.47
N ILE D 183 30.09 3.95 -15.68
CA ILE D 183 29.67 4.91 -14.65
C ILE D 183 29.16 4.18 -13.41
N LEU D 184 28.43 3.10 -13.61
CA LEU D 184 28.02 2.27 -12.45
C LEU D 184 29.24 1.84 -11.65
N ILE D 185 30.29 1.38 -12.34
CA ILE D 185 31.51 0.87 -11.70
C ILE D 185 32.22 1.95 -10.90
N LYS D 186 32.29 3.13 -11.49
CA LYS D 186 32.92 4.23 -10.80
C LYS D 186 32.18 4.53 -9.50
N ILE D 187 30.86 4.56 -9.56
CA ILE D 187 30.07 4.88 -8.39
C ILE D 187 30.33 3.85 -7.28
N LEU D 188 30.30 2.59 -7.67
CA LEU D 188 30.42 1.54 -6.70
C LEU D 188 31.82 1.53 -6.09
N ARG D 189 32.82 1.89 -6.89
CA ARG D 189 34.18 2.03 -6.39
C ARG D 189 34.23 3.13 -5.30
N GLY D 190 33.40 4.15 -5.45
CA GLY D 190 33.25 5.17 -4.45
C GLY D 190 32.64 4.63 -3.17
N PHE D 191 31.90 3.53 -3.26
CA PHE D 191 31.42 2.83 -2.06
C PHE D 191 32.52 1.94 -1.46
N ASP D 192 33.70 1.94 -2.08
CA ASP D 192 34.80 1.00 -1.76
C ASP D 192 34.39 -0.45 -1.89
N MET D 193 33.57 -0.75 -2.89
CA MET D 193 33.30 -2.13 -3.20
C MET D 193 34.45 -2.63 -4.05
N LYS D 194 34.73 -3.92 -3.99
CA LYS D 194 35.60 -4.50 -5.00
C LYS D 194 34.71 -4.78 -6.20
N VAL D 195 35.21 -4.45 -7.39
CA VAL D 195 34.44 -4.63 -8.57
C VAL D 195 35.13 -5.54 -9.55
N ILE D 196 34.39 -6.52 -10.03
CA ILE D 196 34.82 -7.29 -11.17
C ILE D 196 33.79 -7.07 -12.24
N ALA D 197 34.19 -7.32 -13.49
CA ALA D 197 33.32 -7.11 -14.63
C ALA D 197 33.57 -8.11 -15.79
N TYR D 198 32.55 -8.33 -16.60
CA TYR D 198 32.68 -9.11 -17.82
C TYR D 198 32.14 -8.34 -18.98
N ASP D 199 32.89 -8.31 -20.07
CA ASP D 199 32.42 -7.71 -21.32
C ASP D 199 32.96 -8.54 -22.48
N LEU D 200 32.17 -8.62 -23.55
CA LEU D 200 32.57 -9.32 -24.75
C LEU D 200 33.78 -8.64 -25.36
N PHE D 201 33.88 -7.32 -25.15
CA PHE D 201 34.97 -6.52 -25.67
C PHE D 201 35.60 -5.70 -24.52
N PRO D 202 36.34 -6.38 -23.65
CA PRO D 202 36.92 -5.69 -22.51
C PRO D 202 37.72 -4.46 -22.91
N ASN D 203 37.71 -3.45 -22.06
CA ASN D 203 38.54 -2.26 -22.22
C ASN D 203 39.47 -2.10 -21.03
N GLN D 204 40.69 -2.64 -21.17
CA GLN D 204 41.63 -2.76 -20.06
C GLN D 204 42.07 -1.42 -19.49
N LYS D 205 42.20 -0.44 -20.37
CA LYS D 205 42.56 0.90 -19.97
C LYS D 205 41.59 1.46 -18.92
N VAL D 206 40.29 1.35 -19.18
CA VAL D 206 39.26 1.87 -18.29
C VAL D 206 39.28 1.15 -16.91
N ALA D 207 39.47 -0.16 -16.97
CA ALA D 207 39.71 -0.95 -15.78
C ALA D 207 40.84 -0.41 -14.90
N ASP D 208 41.94 0.05 -15.52
CA ASP D 208 43.08 0.63 -14.77
C ASP D 208 42.70 1.97 -14.14
N GLU D 209 41.97 2.80 -14.90
CA GLU D 209 41.48 4.07 -14.37
C GLU D 209 40.47 3.85 -13.23
N LEU D 210 39.52 2.95 -13.43
CA LEU D 210 38.44 2.76 -12.45
C LEU D 210 38.78 1.87 -11.26
N GLY D 211 39.64 0.89 -11.45
CA GLY D 211 40.10 0.04 -10.35
C GLY D 211 39.31 -1.25 -10.28
N PHE D 212 39.06 -1.86 -11.44
CA PHE D 212 38.31 -3.12 -11.47
C PHE D 212 38.97 -4.14 -12.40
N GLU D 213 38.57 -5.39 -12.28
CA GLU D 213 39.20 -6.44 -13.00
C GLU D 213 38.23 -7.19 -13.85
N TYR D 214 38.59 -7.40 -15.10
CA TYR D 214 37.82 -8.29 -15.96
C TYR D 214 38.01 -9.75 -15.55
N VAL D 215 36.93 -10.51 -15.59
CA VAL D 215 36.94 -11.90 -15.26
C VAL D 215 35.98 -12.60 -16.20
N SER D 216 35.96 -13.93 -16.19
CA SER D 216 34.98 -14.71 -16.93
C SER D 216 33.63 -14.51 -16.24
N LEU D 217 32.57 -14.90 -16.95
CA LEU D 217 31.25 -14.93 -16.37
C LEU D 217 31.25 -15.85 -15.17
N ASP D 218 31.90 -16.99 -15.29
CA ASP D 218 31.83 -17.99 -14.24
C ASP D 218 32.45 -17.47 -12.95
N GLU D 219 33.51 -16.67 -13.07
CA GLU D 219 34.22 -16.11 -11.91
C GLU D 219 33.35 -15.02 -11.28
N LEU D 220 32.75 -14.19 -12.14
CA LEU D 220 31.76 -13.19 -11.73
C LEU D 220 30.60 -13.81 -10.92
N TYR D 221 29.98 -14.86 -11.46
CA TYR D 221 28.90 -15.57 -10.75
C TYR D 221 29.35 -16.11 -9.41
N ALA D 222 30.54 -16.67 -9.34
CA ALA D 222 31.02 -17.29 -8.11
C ALA D 222 31.45 -16.29 -7.04
N ASN D 223 31.95 -15.13 -7.41
CA ASN D 223 32.47 -14.18 -6.42
C ASN D 223 31.63 -12.92 -6.19
N SER D 224 30.50 -12.77 -6.87
CA SER D 224 29.71 -11.53 -6.73
C SER D 224 28.62 -11.63 -5.68
N ASP D 225 28.66 -10.67 -4.75
CA ASP D 225 27.57 -10.45 -3.77
C ASP D 225 26.44 -9.70 -4.41
N ILE D 226 26.79 -8.80 -5.33
CA ILE D 226 25.84 -8.03 -6.10
C ILE D 226 26.18 -8.19 -7.54
N ILE D 227 25.17 -8.40 -8.38
CA ILE D 227 25.38 -8.49 -9.82
C ILE D 227 24.42 -7.56 -10.54
N SER D 228 24.95 -6.80 -11.49
CA SER D 228 24.13 -5.90 -12.31
C SER D 228 24.31 -6.23 -13.78
N LEU D 229 23.22 -6.20 -14.52
CA LEU D 229 23.23 -6.42 -15.95
C LEU D 229 23.12 -5.10 -16.71
N ASN D 230 24.14 -4.79 -17.51
CA ASN D 230 24.17 -3.54 -18.30
C ASN D 230 24.75 -3.73 -19.74
N CYS D 231 24.56 -4.93 -20.27
CA CYS D 231 24.81 -5.18 -21.68
C CYS D 231 23.52 -5.09 -22.46
N PRO D 232 23.62 -4.90 -23.79
CA PRO D 232 22.43 -4.98 -24.60
C PRO D 232 21.84 -6.40 -24.66
N LEU D 233 20.55 -6.48 -24.97
CA LEU D 233 19.94 -7.70 -25.38
C LEU D 233 20.37 -8.06 -26.82
N THR D 234 21.08 -9.18 -26.97
CA THR D 234 21.39 -9.79 -28.30
C THR D 234 21.07 -11.26 -28.30
N LYS D 235 21.37 -11.91 -29.41
CA LYS D 235 21.32 -13.37 -29.49
C LYS D 235 22.22 -14.07 -28.42
N ASP D 236 23.39 -13.49 -28.11
CA ASP D 236 24.34 -14.03 -27.13
C ASP D 236 23.93 -13.78 -25.67
N THR D 237 23.16 -12.72 -25.40
CA THR D 237 22.80 -12.39 -24.01
C THR D 237 21.41 -12.86 -23.64
N LYS D 238 20.60 -13.24 -24.61
CA LYS D 238 19.25 -13.68 -24.32
C LYS D 238 19.30 -14.84 -23.34
N TYR D 239 18.61 -14.67 -22.21
CA TYR D 239 18.58 -15.65 -21.15
C TYR D 239 19.94 -16.04 -20.60
N MET D 240 20.92 -15.18 -20.65
CA MET D 240 22.20 -15.54 -20.02
C MET D 240 22.02 -15.85 -18.55
N ILE D 241 21.09 -15.15 -17.90
CA ILE D 241 20.72 -15.46 -16.53
C ILE D 241 19.55 -16.44 -16.54
N ASN D 242 19.88 -17.69 -16.21
CA ASN D 242 18.95 -18.80 -16.27
C ASN D 242 19.34 -19.75 -15.18
N ARG D 243 18.55 -20.81 -15.02
CA ARG D 243 18.79 -21.78 -13.93
C ARG D 243 20.26 -22.13 -13.77
N ARG D 244 20.95 -22.39 -14.88
CA ARG D 244 22.34 -22.83 -14.79
C ARG D 244 23.28 -21.77 -14.29
N SER D 245 23.11 -20.53 -14.75
CA SER D 245 24.03 -19.47 -14.32
C SER D 245 23.72 -19.05 -12.90
N MET D 246 22.45 -19.14 -12.52
CA MET D 246 22.09 -18.73 -11.17
C MET D 246 22.56 -19.76 -10.15
N LEU D 247 22.69 -21.04 -10.57
CA LEU D 247 23.30 -22.06 -9.69
C LEU D 247 24.75 -21.77 -9.35
N LYS D 248 25.41 -20.95 -10.16
CA LYS D 248 26.80 -20.59 -9.90
C LYS D 248 26.95 -19.40 -8.99
N MET D 249 25.87 -18.65 -8.75
CA MET D 249 25.95 -17.46 -7.92
C MET D 249 26.05 -17.82 -6.48
N LYS D 250 26.51 -16.86 -5.67
CA LYS D 250 26.45 -16.98 -4.20
C LYS D 250 25.03 -16.98 -3.70
N ASP D 251 24.75 -17.82 -2.72
CA ASP D 251 23.49 -17.81 -2.03
C ASP D 251 23.30 -16.46 -1.39
N GLY D 252 22.14 -15.84 -1.62
CA GLY D 252 21.86 -14.52 -1.05
C GLY D 252 22.36 -13.42 -1.98
N VAL D 253 22.71 -13.76 -3.21
CA VAL D 253 23.15 -12.74 -4.16
C VAL D 253 22.03 -11.73 -4.41
N ILE D 254 22.41 -10.45 -4.58
CA ILE D 254 21.48 -9.36 -4.91
C ILE D 254 21.67 -9.06 -6.36
N LEU D 255 20.60 -9.22 -7.11
CA LEU D 255 20.67 -9.12 -8.55
C LEU D 255 19.84 -7.88 -8.95
N VAL D 256 20.34 -7.11 -9.90
CA VAL D 256 19.59 -5.99 -10.42
C VAL D 256 19.71 -5.96 -11.93
N ASN D 257 18.59 -5.70 -12.58
CA ASN D 257 18.56 -5.67 -14.05
C ASN D 257 17.90 -4.40 -14.57
N THR D 258 18.70 -3.49 -15.11
CA THR D 258 18.21 -2.31 -15.78
C THR D 258 18.61 -2.36 -17.23
N GLY D 259 18.92 -3.56 -17.73
CA GLY D 259 19.24 -3.78 -19.13
C GLY D 259 18.00 -4.04 -19.94
N ARG D 260 17.73 -5.33 -20.19
CA ARG D 260 16.55 -5.75 -20.92
C ARG D 260 15.99 -6.97 -20.22
N GLY D 261 14.67 -7.13 -20.28
CA GLY D 261 13.98 -8.21 -19.58
C GLY D 261 14.38 -9.60 -20.07
N MET D 262 14.69 -9.70 -21.36
CA MET D 262 15.04 -10.97 -21.99
C MET D 262 16.42 -11.47 -21.55
N LEU D 263 17.18 -10.65 -20.84
CA LEU D 263 18.43 -11.13 -20.28
C LEU D 263 18.21 -12.22 -19.21
N ILE D 264 17.01 -12.30 -18.67
CA ILE D 264 16.69 -13.25 -17.60
C ILE D 264 15.56 -14.21 -18.00
N ASP D 265 15.81 -15.50 -17.86
CA ASP D 265 14.74 -16.47 -17.98
C ASP D 265 13.95 -16.31 -16.67
N SER D 266 12.79 -15.69 -16.77
CA SER D 266 12.06 -15.20 -15.60
C SER D 266 11.54 -16.39 -14.81
N ALA D 267 11.11 -17.44 -15.51
CA ALA D 267 10.61 -18.66 -14.85
C ALA D 267 11.68 -19.29 -13.95
N ASP D 268 12.92 -19.31 -14.44
CA ASP D 268 14.06 -19.74 -13.65
C ASP D 268 14.29 -18.79 -12.47
N LEU D 269 14.07 -17.50 -12.68
CA LEU D 269 14.24 -16.53 -11.62
C LEU D 269 13.30 -16.85 -10.46
N VAL D 270 12.06 -17.14 -10.77
CA VAL D 270 11.07 -17.49 -9.80
C VAL D 270 11.53 -18.66 -8.95
N GLU D 271 12.07 -19.68 -9.62
CA GLU D 271 12.58 -20.87 -8.91
C GLU D 271 13.80 -20.54 -8.07
N ALA D 272 14.71 -19.73 -8.62
CA ALA D 272 15.91 -19.37 -7.87
C ALA D 272 15.58 -18.47 -6.66
N LEU D 273 14.45 -17.76 -6.74
CA LEU D 273 13.91 -17.03 -5.58
C LEU D 273 13.34 -17.98 -4.55
N LYS D 274 12.51 -18.90 -5.02
CA LYS D 274 11.88 -19.84 -4.13
C LYS D 274 12.89 -20.70 -3.39
N ASP D 275 13.95 -21.14 -4.08
CA ASP D 275 14.97 -22.00 -3.45
C ASP D 275 16.03 -21.16 -2.72
N LYS D 276 15.83 -19.83 -2.67
CA LYS D 276 16.69 -18.93 -1.89
C LYS D 276 18.14 -18.86 -2.36
N LYS D 277 18.36 -19.13 -3.62
CA LYS D 277 19.63 -18.76 -4.22
C LYS D 277 19.72 -17.23 -4.30
N ILE D 278 18.63 -16.60 -4.75
CA ILE D 278 18.56 -15.13 -4.91
C ILE D 278 18.17 -14.48 -3.58
N GLY D 279 19.06 -13.68 -3.03
CA GLY D 279 18.73 -12.87 -1.84
C GLY D 279 17.68 -11.79 -2.10
N ALA D 280 17.84 -11.01 -3.17
CA ALA D 280 16.86 -9.99 -3.51
C ALA D 280 17.10 -9.65 -4.94
N VAL D 281 16.07 -9.18 -5.62
CA VAL D 281 16.23 -8.79 -6.99
C VAL D 281 15.41 -7.55 -7.26
N ALA D 282 15.99 -6.65 -8.04
CA ALA D 282 15.29 -5.50 -8.59
C ALA D 282 15.28 -5.58 -10.10
N LEU D 283 14.07 -5.56 -10.66
CA LEU D 283 13.90 -5.61 -12.09
C LEU D 283 13.26 -4.34 -12.55
N ASP D 284 13.97 -3.52 -13.35
CA ASP D 284 13.41 -2.35 -14.05
C ASP D 284 12.87 -2.73 -15.43
N VAL D 285 13.06 -3.97 -15.82
CA VAL D 285 12.65 -4.46 -17.11
C VAL D 285 12.23 -5.90 -16.94
N TYR D 286 11.43 -6.40 -17.86
CA TYR D 286 10.86 -7.73 -17.71
C TYR D 286 10.57 -8.32 -19.09
N GLU D 287 10.80 -9.61 -19.24
CA GLU D 287 10.89 -10.21 -20.56
C GLU D 287 9.60 -10.07 -21.41
N GLU D 288 8.44 -10.07 -20.75
CA GLU D 288 7.18 -9.88 -21.42
C GLU D 288 6.55 -8.56 -20.90
N GLU D 289 7.36 -7.53 -20.82
CA GLU D 289 6.85 -6.28 -20.28
C GLU D 289 6.02 -5.46 -21.26
N GLU D 290 5.98 -5.87 -22.52
CA GLU D 290 5.61 -4.95 -23.59
C GLU D 290 4.16 -4.51 -23.53
N ASN D 291 3.29 -5.37 -23.07
CA ASN D 291 1.89 -4.96 -22.92
C ASN D 291 1.53 -4.45 -21.53
N TYR D 292 2.52 -4.30 -20.67
CA TYR D 292 2.27 -3.86 -19.31
C TYR D 292 2.95 -2.55 -18.97
N PHE D 293 4.25 -2.52 -19.13
CA PHE D 293 5.05 -1.43 -18.66
C PHE D 293 4.65 -0.08 -19.30
N PHE D 294 4.74 0.97 -18.49
CA PHE D 294 4.31 2.28 -18.80
C PHE D 294 2.80 2.47 -18.79
N GLU D 295 2.01 1.41 -18.57
CA GLU D 295 0.54 1.51 -18.62
C GLU D 295 -0.06 1.18 -17.27
N ASP D 296 -1.12 1.89 -16.92
CA ASP D 296 -1.83 1.65 -15.69
C ASP D 296 -2.79 0.47 -15.91
N LYS D 297 -2.38 -0.71 -15.46
CA LYS D 297 -3.16 -1.93 -15.59
C LYS D 297 -3.81 -2.29 -14.27
N SER D 298 -3.98 -1.33 -13.38
CA SER D 298 -4.45 -1.59 -12.03
C SER D 298 -5.95 -1.88 -11.92
N THR D 299 -6.70 -1.73 -13.01
CA THR D 299 -8.14 -2.00 -13.00
C THR D 299 -8.46 -3.18 -13.89
N GLN D 300 -7.48 -4.05 -14.14
CA GLN D 300 -7.76 -5.27 -14.88
C GLN D 300 -6.80 -6.37 -14.49
N VAL D 301 -7.09 -7.56 -14.99
CA VAL D 301 -6.28 -8.73 -14.73
C VAL D 301 -4.96 -8.61 -15.44
N ILE D 302 -3.89 -8.98 -14.78
CA ILE D 302 -2.60 -9.16 -15.38
C ILE D 302 -2.59 -10.61 -15.82
N GLU D 303 -2.51 -10.83 -17.11
CA GLU D 303 -2.70 -12.14 -17.67
C GLU D 303 -1.42 -12.98 -17.65
N ASP D 304 -0.27 -12.31 -17.64
CA ASP D 304 1.00 -13.00 -17.61
C ASP D 304 1.25 -13.54 -16.20
N ASP D 305 1.35 -14.86 -16.11
CA ASP D 305 1.46 -15.55 -14.81
C ASP D 305 2.74 -15.29 -14.05
N ILE D 306 3.85 -15.18 -14.77
CA ILE D 306 5.14 -15.02 -14.11
C ILE D 306 5.24 -13.60 -13.51
N LEU D 307 4.76 -12.62 -14.26
CA LEU D 307 4.78 -11.27 -13.78
C LEU D 307 3.93 -11.16 -12.51
N GLY D 308 2.72 -11.71 -12.51
CA GLY D 308 1.89 -11.67 -11.30
C GLY D 308 2.59 -12.28 -10.11
N ARG D 309 3.21 -13.44 -10.36
CA ARG D 309 3.90 -14.15 -9.31
C ARG D 309 5.09 -13.36 -8.81
N LEU D 310 5.81 -12.69 -9.71
CA LEU D 310 7.02 -11.95 -9.28
C LEU D 310 6.61 -10.79 -8.38
N LEU D 311 5.43 -10.25 -8.64
CA LEU D 311 4.90 -9.18 -7.82
C LEU D 311 4.51 -9.63 -6.40
N SER D 312 4.47 -10.92 -6.09
CA SER D 312 4.04 -11.39 -4.76
C SER D 312 5.22 -11.86 -3.88
N PHE D 313 6.45 -11.69 -4.36
CA PHE D 313 7.63 -11.98 -3.56
C PHE D 313 8.07 -10.78 -2.72
N TYR D 314 8.28 -11.03 -1.44
CA TYR D 314 8.81 -10.07 -0.50
C TYR D 314 10.12 -9.41 -0.93
N ASN D 315 10.91 -10.09 -1.74
CA ASN D 315 12.26 -9.61 -2.08
C ASN D 315 12.48 -9.34 -3.55
N VAL D 316 11.37 -9.06 -4.23
CA VAL D 316 11.38 -8.59 -5.60
C VAL D 316 10.85 -7.15 -5.61
N LEU D 317 11.66 -6.26 -6.20
CA LEU D 317 11.29 -4.90 -6.49
C LEU D 317 11.18 -4.68 -8.00
N ILE D 318 9.98 -4.41 -8.50
CA ILE D 318 9.79 -4.17 -9.90
C ILE D 318 9.37 -2.72 -10.08
N THR D 319 10.09 -2.03 -10.98
CA THR D 319 9.72 -0.71 -11.42
C THR D 319 9.57 -0.82 -12.93
N SER D 320 8.71 0.04 -13.49
CA SER D 320 8.34 -0.03 -14.91
C SER D 320 9.25 0.73 -15.81
N HIS D 321 10.48 0.24 -15.90
CA HIS D 321 11.40 0.65 -16.94
C HIS D 321 11.63 2.13 -16.90
N GLN D 322 11.97 2.60 -15.71
CA GLN D 322 12.12 4.03 -15.46
C GLN D 322 13.57 4.42 -15.15
N ALA D 323 14.52 3.53 -15.40
CA ALA D 323 15.92 3.87 -15.13
C ALA D 323 16.39 5.07 -15.95
N TYR D 324 15.84 5.22 -17.16
CA TYR D 324 16.21 6.29 -18.05
C TYR D 324 15.53 7.58 -17.70
N PHE D 325 14.58 7.51 -16.77
CA PHE D 325 13.56 8.53 -16.72
C PHE D 325 13.99 9.70 -15.82
N THR D 326 14.86 10.58 -16.36
CA THR D 326 15.16 11.86 -15.70
C THR D 326 14.93 12.99 -16.69
N LYS D 327 14.81 14.22 -16.17
CA LYS D 327 14.56 15.35 -17.05
C LYS D 327 15.71 15.59 -18.03
N GLU D 328 16.93 15.34 -17.61
CA GLU D 328 18.08 15.52 -18.50
C GLU D 328 18.04 14.45 -19.58
N ALA D 329 17.74 13.24 -19.19
CA ALA D 329 17.71 12.16 -20.14
C ALA D 329 16.59 12.39 -21.14
N VAL D 330 15.44 12.78 -20.66
CA VAL D 330 14.29 12.88 -21.57
C VAL D 330 14.51 14.07 -22.53
N GLY D 331 15.10 15.15 -21.98
CA GLY D 331 15.43 16.34 -22.77
C GLY D 331 16.36 15.97 -23.89
N ALA D 332 17.41 15.23 -23.58
CA ALA D 332 18.41 14.89 -24.54
C ALA D 332 17.90 13.92 -25.61
N ILE D 333 17.04 12.99 -25.21
CA ILE D 333 16.38 12.10 -26.12
C ILE D 333 15.55 12.86 -27.13
N THR D 334 14.85 13.88 -26.67
CA THR D 334 13.98 14.60 -27.55
C THR D 334 14.82 15.35 -28.57
N VAL D 335 15.84 16.05 -28.08
CA VAL D 335 16.66 16.92 -28.95
C VAL D 335 17.50 16.09 -29.89
N THR D 336 18.13 15.06 -29.36
CA THR D 336 18.91 14.23 -30.19
C THR D 336 18.05 13.56 -31.23
N THR D 337 16.81 13.21 -30.87
CA THR D 337 15.91 12.55 -31.85
C THR D 337 15.55 13.53 -32.95
N LEU D 338 15.19 14.75 -32.57
CA LEU D 338 14.78 15.73 -33.53
C LEU D 338 15.98 16.07 -34.47
N ASN D 339 17.19 16.11 -33.91
CA ASN D 339 18.39 16.35 -34.72
C ASN D 339 18.77 15.15 -35.57
N ASN D 340 18.63 13.94 -35.05
CA ASN D 340 18.79 12.77 -35.89
C ASN D 340 17.98 12.90 -37.17
N ILE D 341 16.73 13.31 -37.01
CA ILE D 341 15.84 13.44 -38.13
C ILE D 341 16.20 14.63 -39.01
N LYS D 342 16.48 15.78 -38.42
CA LYS D 342 16.90 16.92 -39.21
C LYS D 342 18.15 16.52 -40.05
N ASP D 343 19.11 15.87 -39.40
CA ASP D 343 20.34 15.45 -40.04
C ASP D 343 20.10 14.48 -41.18
N PHE D 344 19.05 13.67 -41.09
CA PHE D 344 18.78 12.71 -42.13
C PHE D 344 18.26 13.45 -43.33
N VAL D 345 17.24 14.29 -43.12
CA VAL D 345 16.57 14.98 -44.23
C VAL D 345 17.52 15.95 -44.98
N GLU D 346 18.58 16.40 -44.33
CA GLU D 346 19.57 17.26 -44.93
C GLU D 346 20.80 16.51 -45.46
N GLY D 347 20.71 15.18 -45.53
CA GLY D 347 21.80 14.36 -46.09
C GLY D 347 23.09 14.47 -45.30
N ARG D 348 22.96 14.80 -44.04
CA ARG D 348 24.13 14.90 -43.21
C ARG D 348 24.54 13.44 -42.86
N PRO D 349 25.81 13.20 -42.54
CA PRO D 349 26.21 11.90 -42.07
C PRO D 349 25.52 11.61 -40.73
N LEU D 350 24.96 10.40 -40.61
CA LEU D 350 24.17 9.99 -39.45
C LEU D 350 24.99 9.40 -38.31
N VAL D 351 25.43 10.29 -37.42
CA VAL D 351 26.32 9.90 -36.35
C VAL D 351 25.66 8.86 -35.43
N ASN D 352 24.32 8.84 -35.35
CA ASN D 352 23.64 7.91 -34.49
C ASN D 352 22.92 6.81 -35.24
N GLU D 353 23.38 6.52 -36.45
CA GLU D 353 22.91 5.36 -37.16
C GLU D 353 23.21 4.11 -36.37
N VAL D 354 22.26 3.19 -36.46
CA VAL D 354 22.41 1.81 -36.00
C VAL D 354 22.77 0.98 -37.22
N PRO D 355 24.05 0.57 -37.33
CA PRO D 355 24.43 -0.16 -38.55
C PRO D 355 23.63 -1.45 -38.72
N GLN D 356 23.07 -1.63 -39.91
CA GLN D 356 22.26 -2.78 -40.21
C GLN D 356 23.02 -3.89 -40.93
PA NAI E . -33.91 13.01 0.86
O1A NAI E . -34.45 14.36 0.52
O2A NAI E . -34.64 11.81 0.27
O5B NAI E . -33.79 12.80 2.44
C5B NAI E . -33.44 13.90 3.25
C4B NAI E . -33.92 13.58 4.67
O4B NAI E . -33.15 14.35 5.61
C3B NAI E . -35.39 13.96 4.84
O3B NAI E . -36.08 13.06 5.73
C2B NAI E . -35.28 15.36 5.41
O2B NAI E . -36.39 15.77 6.23
C1B NAI E . -34.09 15.13 6.31
N9A NAI E . -33.59 16.38 6.86
C8A NAI E . -33.60 17.66 6.37
N7A NAI E . -33.03 18.49 7.25
C5A NAI E . -32.71 17.74 8.32
C6A NAI E . -32.10 17.92 9.64
N6A NAI E . -31.70 19.12 10.05
N1A NAI E . -31.93 16.87 10.47
C2A NAI E . -32.30 15.63 10.12
N3A NAI E . -32.88 15.36 8.93
C4A NAI E . -33.09 16.36 8.05
O3 NAI E . -32.37 12.94 0.37
PN NAI E . -31.68 11.49 0.17
O1N NAI E . -31.83 11.01 -1.28
O2N NAI E . -32.07 10.62 1.38
O5D NAI E . -30.22 11.96 0.49
C5D NAI E . -29.70 13.00 -0.28
C4D NAI E . -28.63 13.51 0.62
O4D NAI E . -27.53 12.55 0.80
C3D NAI E . -28.19 14.70 -0.21
O3D NAI E . -28.66 15.87 0.45
C2D NAI E . -26.68 14.53 -0.28
O2D NAI E . -26.16 15.57 0.56
C1D NAI E . -26.35 13.10 0.17
N1N NAI E . -25.90 12.29 -0.97
C2N NAI E . -24.63 11.77 -1.04
C3N NAI E . -24.15 11.00 -2.12
C7N NAI E . -22.74 10.43 -2.18
O7N NAI E . -22.24 10.02 -3.24
N7N NAI E . -21.98 10.36 -1.11
C4N NAI E . -25.01 10.75 -3.17
C5N NAI E . -26.30 11.28 -3.09
C6N NAI E . -26.73 12.05 -1.99
C1 OXM F . -23.95 13.13 -4.82
N1 OXM F . -23.35 12.20 -5.61
O1 OXM F . -23.53 13.52 -3.73
C2 OXM F . -25.25 13.69 -5.20
O2 OXM F . -25.65 14.73 -4.61
O3 OXM F . -25.97 13.10 -6.03
PA NAI G . -23.99 -25.49 10.10
O1A NAI G . -23.42 -26.87 10.52
O2A NAI G . -24.95 -24.72 10.90
O5B NAI G . -24.70 -25.33 8.68
C5B NAI G . -24.07 -25.79 7.48
C4B NAI G . -25.15 -26.08 6.44
O4B NAI G . -24.55 -26.69 5.32
C3B NAI G . -26.21 -27.06 6.96
O3B NAI G . -27.46 -26.39 6.93
C2B NAI G . -26.22 -28.23 6.01
O2B NAI G . -27.51 -28.64 5.54
C1B NAI G . -25.43 -27.69 4.84
N9A NAI G . -24.64 -28.74 4.14
C8A NAI G . -23.96 -29.78 4.68
N7A NAI G . -23.36 -30.49 3.70
C5A NAI G . -23.68 -29.90 2.53
C6A NAI G . -23.39 -30.16 1.10
N6A NAI G . -22.62 -31.23 0.75
N1A NAI G . -23.93 -29.30 0.20
C2A NAI G . -24.71 -28.22 0.57
N3A NAI G . -25.00 -27.95 1.85
C4A NAI G . -24.53 -28.75 2.84
O3 NAI G . -22.61 -24.69 9.79
PN NAI G . -22.33 -23.12 10.04
O1N NAI G . -22.14 -22.92 11.52
O2N NAI G . -23.34 -22.25 9.28
O5D NAI G . -20.87 -23.17 9.39
C5D NAI G . -20.63 -23.24 8.00
C4D NAI G . -19.12 -23.44 7.83
O4D NAI G . -18.42 -22.15 7.88
C3D NAI G . -18.46 -24.32 8.89
O3D NAI G . -18.53 -25.68 8.47
C2D NAI G . -17.05 -23.82 8.86
O2D NAI G . -16.37 -24.50 7.81
C1D NAI G . -17.08 -22.39 8.34
N1N NAI G . -16.75 -21.36 9.31
C2N NAI G . -15.82 -20.43 8.99
C3N NAI G . -15.49 -19.39 9.84
C7N NAI G . -14.43 -18.38 9.51
O7N NAI G . -13.88 -17.80 10.47
N7N NAI G . -14.09 -18.16 8.23
C4N NAI G . -16.17 -19.32 11.06
C5N NAI G . -17.16 -20.24 11.36
C6N NAI G . -17.44 -21.28 10.46
C1 OXM H . -13.53 -21.07 11.99
N1 OXM H . -13.19 -19.97 12.58
O1 OXM H . -13.26 -21.30 10.83
C2 OXM H . -14.23 -22.02 12.85
O2 OXM H . -14.19 -23.23 12.52
O3 OXM H . -14.82 -21.57 13.85
PA NAI I . 31.40 12.13 13.94
O1A NAI I . 32.41 11.09 14.29
O2A NAI I . 31.49 12.71 12.56
O5B NAI I . 31.36 13.47 14.84
C5B NAI I . 30.39 14.45 14.42
C4B NAI I . 30.79 15.35 13.25
O4B NAI I . 29.85 16.43 13.23
C3B NAI I . 32.20 15.99 13.35
O3B NAI I . 32.93 16.16 12.09
C2B NAI I . 31.89 17.38 13.86
O2B NAI I . 32.93 18.30 13.56
C1B NAI I . 30.53 17.70 13.19
N9A NAI I . 29.87 18.84 13.89
C8A NAI I . 29.88 19.06 15.23
N7A NAI I . 29.18 20.19 15.57
C5A NAI I . 28.73 20.74 14.44
C6A NAI I . 27.93 21.94 14.13
N6A NAI I . 27.48 22.78 15.10
N1A NAI I . 27.64 22.17 12.84
C2A NAI I . 28.06 21.32 11.85
N3A NAI I . 28.80 20.19 12.09
C4A NAI I . 29.16 19.85 13.34
O3 NAI I . 29.95 11.39 14.10
PN NAI I . 29.36 10.30 13.05
O1N NAI I . 29.65 8.84 13.37
O2N NAI I . 29.74 10.82 11.66
O5D NAI I . 27.79 10.57 13.25
C5D NAI I . 27.20 11.90 13.20
C4D NAI I . 25.78 11.87 13.84
O4D NAI I . 24.90 11.08 13.04
C3D NAI I . 25.70 11.17 15.17
O3D NAI I . 25.95 12.08 16.18
C2D NAI I . 24.29 10.63 15.27
O2D NAI I . 23.28 11.54 15.72
C1D NAI I . 23.94 10.35 13.81
N1N NAI I . 23.83 8.88 13.59
C2N NAI I . 22.65 8.42 13.13
C3N NAI I . 22.40 7.05 12.91
C7N NAI I . 21.08 6.58 12.36
O7N NAI I . 20.78 5.37 12.43
N7N NAI I . 20.24 7.46 11.77
C4N NAI I . 23.44 6.14 13.23
C5N NAI I . 24.66 6.63 13.73
C6N NAI I . 24.83 8.00 13.91
C1 OXM J . 21.93 5.60 16.08
N1 OXM J . 21.70 4.32 15.80
O1 OXM J . 21.13 6.52 15.83
C2 OXM J . 23.21 5.92 16.70
O2 OXM J . 24.08 5.04 16.75
O3 OXM J . 23.37 7.07 17.15
PA NAI K . 26.88 0.60 -24.65
O1A NAI K . 26.57 0.18 -26.07
O2A NAI K . 27.44 1.93 -24.26
O5B NAI K . 27.70 -0.51 -23.85
C5B NAI K . 27.26 -1.88 -23.94
C4B NAI K . 28.35 -2.81 -23.41
O4B NAI K . 27.93 -4.17 -23.48
C3B NAI K . 29.62 -2.69 -24.26
O3B NAI K . 30.73 -2.53 -23.37
C2B NAI K . 29.67 -3.99 -25.05
O2B NAI K . 31.01 -4.47 -25.30
C1B NAI K . 28.96 -4.96 -24.11
N9A NAI K . 28.45 -6.17 -24.79
C8A NAI K . 27.88 -6.23 -26.01
N7A NAI K . 27.51 -7.51 -26.30
C5A NAI K . 27.85 -8.27 -25.24
C6A NAI K . 27.74 -9.72 -24.91
N6A NAI K . 27.17 -10.56 -25.81
N1A NAI K . 28.20 -10.17 -23.70
C2A NAI K . 28.75 -9.28 -22.83
N3A NAI K . 28.88 -7.95 -23.09
C4A NAI K . 28.46 -7.39 -24.26
O3 NAI K . 25.44 0.42 -24.05
PN NAI K . 24.93 1.21 -22.74
O1N NAI K . 24.43 2.49 -23.33
O2N NAI K . 25.89 1.03 -21.57
O5D NAI K . 23.79 0.26 -22.22
C5D NAI K . 22.75 0.18 -23.12
C4D NAI K . 21.95 -1.05 -22.69
O4D NAI K . 21.24 -0.86 -21.48
C3D NAI K . 20.96 -0.98 -23.81
O3D NAI K . 21.58 -1.74 -24.82
C2D NAI K . 19.66 -1.32 -23.21
O2D NAI K . 19.49 -2.71 -23.36
C1D NAI K . 19.86 -0.97 -21.72
N1N NAI K . 19.21 0.30 -21.38
C2N NAI K . 18.22 0.31 -20.45
C3N NAI K . 17.56 1.46 -20.08
C7N NAI K . 16.50 1.50 -19.07
O7N NAI K . 15.82 2.53 -18.93
N7N NAI K . 16.33 0.49 -18.26
C4N NAI K . 17.91 2.62 -20.71
C5N NAI K . 18.93 2.62 -21.66
C6N NAI K . 19.58 1.45 -21.94
C1 OXM L . 15.67 2.57 -22.72
N1 OXM L . 15.20 3.62 -22.10
O1 OXM L . 15.40 1.44 -22.41
C2 OXM L . 16.59 2.78 -23.82
O2 OXM L . 16.93 1.79 -24.53
O3 OXM L . 16.98 3.92 -24.02
#